data_2CQM
#
_entry.id   2CQM
#
_cell.length_a   1.000
_cell.length_b   1.000
_cell.length_c   1.000
_cell.angle_alpha   90.00
_cell.angle_beta   90.00
_cell.angle_gamma   90.00
#
_symmetry.space_group_name_H-M   'P 1'
#
_entity_poly.entity_id   1
_entity_poly.type   'polypeptide(L)'
_entity_poly.pdbx_seq_one_letter_code
;GSSGSSGLLRNLLTGLVRHERIEAPWARVDEMRGYAEKLIDYGKLGDTNERAMRMADFWLTEKDLIPKLFQVLAPRYKDQ
TGGYTRMLQIPNRSLDRAKMAVIEYKGNCLPPLPLPSGPSSG
;
_entity_poly.pdbx_strand_id   A
#
# COMPACT_ATOMS: atom_id res chain seq x y z
N GLY A 1 18.33 11.85 -0.23
CA GLY A 1 18.35 11.88 1.23
C GLY A 1 18.44 10.49 1.82
N SER A 2 17.37 10.05 2.45
CA SER A 2 17.32 8.73 3.08
C SER A 2 16.74 7.69 2.12
N SER A 3 17.41 6.55 2.01
CA SER A 3 16.95 5.49 1.13
C SER A 3 17.51 4.13 1.59
N GLY A 4 16.64 3.13 1.60
CA GLY A 4 17.05 1.79 2.02
C GLY A 4 16.56 1.45 3.41
N SER A 5 15.92 0.29 3.54
CA SER A 5 15.40 -0.15 4.82
C SER A 5 14.88 -1.59 4.72
N SER A 6 14.59 -2.19 5.88
CA SER A 6 14.09 -3.55 5.93
C SER A 6 13.12 -3.73 7.11
N GLY A 7 12.26 -4.73 7.00
CA GLY A 7 11.30 -4.99 8.06
C GLY A 7 10.16 -4.00 8.06
N LEU A 8 10.49 -2.72 8.13
CA LEU A 8 9.49 -1.66 8.16
C LEU A 8 8.68 -1.67 6.86
N LEU A 9 9.37 -1.74 5.73
CA LEU A 9 8.71 -1.75 4.43
C LEU A 9 7.76 -2.95 4.31
N ARG A 10 8.20 -4.09 4.82
CA ARG A 10 7.40 -5.31 4.76
C ARG A 10 6.09 -5.12 5.52
N ASN A 11 6.17 -4.50 6.70
CA ASN A 11 4.98 -4.26 7.51
C ASN A 11 4.03 -3.29 6.83
N LEU A 12 4.59 -2.34 6.09
CA LEU A 12 3.79 -1.35 5.38
C LEU A 12 2.95 -2.01 4.29
N LEU A 13 3.58 -2.91 3.54
CA LEU A 13 2.89 -3.62 2.46
C LEU A 13 1.75 -4.48 3.01
N THR A 14 2.03 -5.18 4.11
CA THR A 14 1.04 -6.05 4.73
C THR A 14 -0.11 -5.24 5.31
N GLY A 15 0.23 -4.13 5.97
CA GLY A 15 -0.78 -3.28 6.56
C GLY A 15 -1.62 -2.56 5.52
N LEU A 16 -0.97 -2.14 4.44
CA LEU A 16 -1.66 -1.44 3.36
C LEU A 16 -2.74 -2.32 2.73
N VAL A 17 -2.38 -3.56 2.42
CA VAL A 17 -3.32 -4.50 1.81
C VAL A 17 -4.41 -4.89 2.80
N ARG A 18 -4.03 -5.10 4.06
CA ARG A 18 -4.98 -5.48 5.09
C ARG A 18 -6.10 -4.46 5.20
N HIS A 19 -5.73 -3.19 5.33
CA HIS A 19 -6.71 -2.11 5.44
C HIS A 19 -6.84 -1.36 4.12
N GLU A 20 -6.27 -1.93 3.06
CA GLU A 20 -6.32 -1.31 1.74
C GLU A 20 -6.11 0.21 1.84
N ARG A 21 -5.43 0.63 2.90
CA ARG A 21 -5.17 2.05 3.13
C ARG A 21 -4.29 2.25 4.35
N ILE A 22 -3.24 3.05 4.21
CA ILE A 22 -2.33 3.32 5.31
C ILE A 22 -1.79 4.74 5.23
N GLU A 23 -1.32 5.26 6.37
CA GLU A 23 -0.77 6.60 6.43
C GLU A 23 0.75 6.58 6.61
N ALA A 24 1.46 7.16 5.67
CA ALA A 24 2.92 7.21 5.73
C ALA A 24 3.46 8.45 5.03
N PRO A 25 4.71 8.81 5.36
CA PRO A 25 5.37 9.98 4.77
C PRO A 25 5.69 9.79 3.30
N TRP A 26 6.18 10.86 2.66
CA TRP A 26 6.53 10.81 1.24
C TRP A 26 7.63 9.78 0.99
N ALA A 27 8.69 9.83 1.80
CA ALA A 27 9.80 8.91 1.67
C ALA A 27 9.33 7.46 1.76
N ARG A 28 8.40 7.20 2.68
CA ARG A 28 7.87 5.86 2.87
C ARG A 28 6.89 5.51 1.76
N VAL A 29 6.10 6.49 1.33
CA VAL A 29 5.12 6.28 0.27
C VAL A 29 5.79 5.95 -1.05
N ASP A 30 6.80 6.74 -1.41
CA ASP A 30 7.54 6.54 -2.65
C ASP A 30 8.27 5.19 -2.63
N GLU A 31 8.99 4.92 -1.54
CA GLU A 31 9.74 3.68 -1.41
C GLU A 31 8.79 2.49 -1.36
N MET A 32 7.74 2.60 -0.56
CA MET A 32 6.76 1.53 -0.42
C MET A 32 5.93 1.38 -1.69
N ARG A 33 5.69 2.50 -2.37
CA ARG A 33 4.91 2.50 -3.60
C ARG A 33 5.59 1.65 -4.66
N GLY A 34 6.90 1.82 -4.81
CA GLY A 34 7.65 1.07 -5.80
C GLY A 34 7.60 -0.42 -5.55
N TYR A 35 7.76 -0.81 -4.29
CA TYR A 35 7.74 -2.22 -3.91
C TYR A 35 6.32 -2.79 -4.00
N ALA A 36 5.35 -2.03 -3.51
CA ALA A 36 3.96 -2.45 -3.54
C ALA A 36 3.44 -2.56 -4.97
N GLU A 37 3.82 -1.60 -5.80
CA GLU A 37 3.40 -1.59 -7.19
C GLU A 37 3.92 -2.81 -7.94
N LYS A 38 5.21 -3.08 -7.78
CA LYS A 38 5.84 -4.22 -8.43
C LYS A 38 5.21 -5.53 -7.98
N LEU A 39 4.89 -5.60 -6.68
CA LEU A 39 4.27 -6.80 -6.13
C LEU A 39 2.95 -7.10 -6.81
N ILE A 40 2.13 -6.07 -7.00
CA ILE A 40 0.84 -6.23 -7.65
C ILE A 40 1.00 -6.73 -9.08
N ASP A 41 1.97 -6.18 -9.80
CA ASP A 41 2.23 -6.58 -11.17
C ASP A 41 2.49 -8.08 -11.26
N TYR A 42 3.29 -8.59 -10.33
CA TYR A 42 3.63 -10.01 -10.31
C TYR A 42 2.42 -10.86 -9.93
N GLY A 43 1.63 -10.35 -8.99
CA GLY A 43 0.45 -11.08 -8.56
C GLY A 43 -0.54 -11.31 -9.69
N LYS A 44 -0.64 -10.33 -10.58
CA LYS A 44 -1.55 -10.42 -11.72
C LYS A 44 -1.29 -11.69 -12.53
N LEU A 45 -0.03 -12.13 -12.53
CA LEU A 45 0.34 -13.34 -13.26
C LEU A 45 -0.30 -14.57 -12.65
N GLY A 46 -0.47 -14.55 -11.33
CA GLY A 46 -1.08 -15.67 -10.65
C GLY A 46 -0.11 -16.41 -9.75
N ASP A 47 -0.61 -17.36 -8.97
CA ASP A 47 0.22 -18.14 -8.07
C ASP A 47 0.93 -19.27 -8.83
N THR A 48 1.42 -18.96 -10.02
CA THR A 48 2.12 -19.94 -10.84
C THR A 48 3.60 -19.61 -10.96
N ASN A 49 3.92 -18.31 -10.91
CA ASN A 49 5.30 -17.87 -11.00
C ASN A 49 5.97 -17.87 -9.64
N GLU A 50 7.17 -18.44 -9.57
CA GLU A 50 7.92 -18.51 -8.33
C GLU A 50 8.33 -17.12 -7.86
N ARG A 51 8.65 -16.25 -8.81
CA ARG A 51 9.06 -14.89 -8.50
C ARG A 51 7.95 -14.14 -7.76
N ALA A 52 6.73 -14.27 -8.27
CA ALA A 52 5.58 -13.61 -7.66
C ALA A 52 5.29 -14.19 -6.28
N MET A 53 5.39 -15.50 -6.16
CA MET A 53 5.14 -16.18 -4.89
C MET A 53 6.18 -15.79 -3.85
N ARG A 54 7.45 -15.87 -4.23
CA ARG A 54 8.54 -15.53 -3.32
C ARG A 54 8.47 -14.06 -2.92
N MET A 55 8.07 -13.21 -3.85
CA MET A 55 7.96 -11.78 -3.60
C MET A 55 6.86 -11.49 -2.58
N ALA A 56 5.72 -12.14 -2.76
CA ALA A 56 4.58 -11.95 -1.86
C ALA A 56 4.88 -12.52 -0.48
N ASP A 57 5.51 -13.70 -0.45
CA ASP A 57 5.87 -14.35 0.81
C ASP A 57 7.01 -13.62 1.50
N PHE A 58 7.95 -13.11 0.71
CA PHE A 58 9.10 -12.40 1.24
C PHE A 58 8.68 -11.01 1.75
N TRP A 59 7.86 -10.33 0.97
CA TRP A 59 7.40 -8.99 1.33
C TRP A 59 6.25 -9.07 2.33
N LEU A 60 5.27 -9.92 2.03
CA LEU A 60 4.11 -10.09 2.91
C LEU A 60 4.21 -11.41 3.69
N THR A 61 4.14 -11.31 5.01
CA THR A 61 4.22 -12.49 5.86
C THR A 61 2.85 -13.16 6.00
N GLU A 62 1.83 -12.36 6.23
CA GLU A 62 0.47 -12.87 6.38
C GLU A 62 0.18 -13.96 5.34
N LYS A 63 0.23 -15.21 5.78
CA LYS A 63 -0.03 -16.34 4.90
C LYS A 63 -1.41 -16.23 4.27
N ASP A 64 -2.27 -15.43 4.88
CA ASP A 64 -3.63 -15.24 4.36
C ASP A 64 -3.67 -14.08 3.36
N LEU A 65 -2.80 -13.10 3.57
CA LEU A 65 -2.75 -11.95 2.69
C LEU A 65 -2.09 -12.30 1.36
N ILE A 66 -1.17 -13.26 1.40
CA ILE A 66 -0.46 -13.70 0.21
C ILE A 66 -1.43 -14.22 -0.85
N PRO A 67 -2.27 -15.19 -0.44
CA PRO A 67 -3.27 -15.79 -1.33
C PRO A 67 -4.39 -14.83 -1.69
N LYS A 68 -4.85 -14.07 -0.70
CA LYS A 68 -5.92 -13.11 -0.90
C LYS A 68 -5.51 -12.06 -1.94
N LEU A 69 -4.30 -11.54 -1.80
CA LEU A 69 -3.80 -10.53 -2.72
C LEU A 69 -3.85 -11.03 -4.16
N PHE A 70 -3.57 -12.33 -4.34
CA PHE A 70 -3.57 -12.93 -5.66
C PHE A 70 -4.99 -13.27 -6.10
N GLN A 71 -5.89 -13.37 -5.13
CA GLN A 71 -7.29 -13.69 -5.41
C GLN A 71 -8.19 -12.49 -5.13
N VAL A 72 -7.59 -11.32 -4.97
CA VAL A 72 -8.33 -10.10 -4.70
C VAL A 72 -7.89 -8.97 -5.61
N LEU A 73 -6.71 -8.43 -5.36
CA LEU A 73 -6.17 -7.34 -6.16
C LEU A 73 -5.65 -7.86 -7.51
N ALA A 74 -4.95 -8.98 -7.46
CA ALA A 74 -4.40 -9.59 -8.67
C ALA A 74 -5.43 -9.59 -9.80
N PRO A 75 -6.60 -10.21 -9.53
CA PRO A 75 -7.69 -10.31 -10.50
C PRO A 75 -8.35 -8.96 -10.77
N ARG A 76 -8.44 -8.13 -9.72
CA ARG A 76 -9.04 -6.81 -9.83
C ARG A 76 -8.26 -5.94 -10.80
N TYR A 77 -6.93 -6.05 -10.76
CA TYR A 77 -6.07 -5.25 -11.63
C TYR A 77 -5.84 -5.97 -12.96
N LYS A 78 -5.83 -7.30 -12.91
CA LYS A 78 -5.63 -8.10 -14.11
C LYS A 78 -6.23 -7.44 -15.33
N ASP A 79 -7.45 -6.92 -15.17
CA ASP A 79 -8.14 -6.24 -16.28
C ASP A 79 -7.63 -4.81 -16.43
N GLN A 80 -7.52 -4.10 -15.31
CA GLN A 80 -7.05 -2.71 -15.32
C GLN A 80 -5.91 -2.54 -16.32
N THR A 81 -5.70 -1.30 -16.76
CA THR A 81 -4.64 -1.00 -17.72
C THR A 81 -3.60 -0.07 -17.11
N GLY A 82 -3.27 -0.31 -15.84
CA GLY A 82 -2.29 0.52 -15.16
C GLY A 82 -2.86 1.21 -13.93
N GLY A 83 -2.05 2.05 -13.30
CA GLY A 83 -2.49 2.76 -12.12
C GLY A 83 -3.21 1.86 -11.13
N TYR A 84 -2.44 1.20 -10.27
CA TYR A 84 -3.02 0.30 -9.27
C TYR A 84 -3.23 1.02 -7.94
N THR A 85 -2.21 1.76 -7.51
CA THR A 85 -2.28 2.49 -6.25
C THR A 85 -2.43 3.99 -6.49
N ARG A 86 -2.81 4.71 -5.46
CA ARG A 86 -3.00 6.16 -5.56
C ARG A 86 -2.39 6.88 -4.36
N MET A 87 -1.67 7.96 -4.62
CA MET A 87 -1.04 8.74 -3.55
C MET A 87 -1.82 10.03 -3.28
N LEU A 88 -2.05 10.32 -2.01
CA LEU A 88 -2.78 11.52 -1.62
C LEU A 88 -1.94 12.39 -0.67
N GLN A 89 -2.15 13.69 -0.75
CA GLN A 89 -1.41 14.63 0.10
C GLN A 89 -2.24 15.02 1.32
N ILE A 90 -1.59 15.05 2.48
CA ILE A 90 -2.26 15.41 3.72
C ILE A 90 -1.37 16.28 4.60
N PRO A 91 -2.00 17.14 5.42
CA PRO A 91 -1.28 18.04 6.32
C PRO A 91 -0.60 17.28 7.47
N ASN A 92 0.21 18.00 8.24
CA ASN A 92 0.92 17.40 9.37
C ASN A 92 0.36 17.92 10.69
N ARG A 93 0.11 16.99 11.62
CA ARG A 93 -0.42 17.34 12.93
C ARG A 93 0.64 17.18 14.00
N SER A 94 1.87 17.56 13.68
CA SER A 94 2.98 17.45 14.63
C SER A 94 3.57 18.83 14.92
N LEU A 95 4.07 19.00 16.13
CA LEU A 95 4.66 20.27 16.55
C LEU A 95 5.53 20.84 15.43
N ASP A 96 6.52 20.08 15.01
CA ASP A 96 7.42 20.52 13.95
C ASP A 96 6.87 20.12 12.58
N ARG A 97 6.98 21.04 11.61
CA ARG A 97 6.50 20.79 10.27
C ARG A 97 7.00 19.45 9.74
N ALA A 98 6.10 18.70 9.09
CA ALA A 98 6.46 17.40 8.54
C ALA A 98 5.71 17.13 7.23
N LYS A 99 6.21 16.17 6.47
CA LYS A 99 5.60 15.81 5.20
C LYS A 99 4.94 14.44 5.27
N MET A 100 3.61 14.43 5.39
CA MET A 100 2.86 13.19 5.47
C MET A 100 1.99 13.00 4.23
N ALA A 101 1.66 11.74 3.94
CA ALA A 101 0.83 11.43 2.78
C ALA A 101 0.00 10.17 3.02
N VAL A 102 -1.11 10.05 2.30
CA VAL A 102 -1.99 8.90 2.44
C VAL A 102 -2.01 8.07 1.16
N ILE A 103 -1.84 6.75 1.31
CA ILE A 103 -1.84 5.85 0.17
C ILE A 103 -2.99 4.85 0.25
N GLU A 104 -3.61 4.59 -0.89
CA GLU A 104 -4.73 3.66 -0.93
C GLU A 104 -4.81 2.97 -2.30
N TYR A 105 -5.16 1.68 -2.29
CA TYR A 105 -5.27 0.92 -3.53
C TYR A 105 -6.51 1.33 -4.32
N LYS A 106 -6.34 1.48 -5.63
CA LYS A 106 -7.45 1.87 -6.50
C LYS A 106 -8.52 0.79 -6.53
N GLY A 107 -9.34 0.74 -5.49
CA GLY A 107 -10.40 -0.26 -5.42
C GLY A 107 -10.72 -0.66 -3.99
N ASN A 108 -11.09 0.33 -3.18
CA ASN A 108 -11.43 0.08 -1.78
C ASN A 108 -12.90 0.43 -1.51
N CYS A 109 -13.38 0.04 -0.34
CA CYS A 109 -14.77 0.32 0.06
C CYS A 109 -14.82 1.24 1.27
N LEU A 110 -13.98 2.27 1.26
CA LEU A 110 -13.92 3.22 2.36
C LEU A 110 -14.61 4.54 1.99
N PRO A 111 -15.18 5.20 2.99
CA PRO A 111 -15.89 6.48 2.79
C PRO A 111 -14.92 7.61 2.45
N PRO A 112 -15.39 8.54 1.60
CA PRO A 112 -14.59 9.69 1.16
C PRO A 112 -14.38 10.70 2.29
N LEU A 113 -13.68 11.78 1.98
CA LEU A 113 -13.40 12.82 2.98
C LEU A 113 -13.45 14.21 2.33
N PRO A 114 -13.79 15.22 3.15
CA PRO A 114 -13.88 16.61 2.68
C PRO A 114 -12.51 17.20 2.35
N LEU A 115 -12.33 17.57 1.09
CA LEU A 115 -11.07 18.15 0.64
C LEU A 115 -10.89 19.56 1.19
N PRO A 116 -9.63 19.96 1.41
CA PRO A 116 -9.30 21.30 1.92
C PRO A 116 -9.58 22.40 0.91
N SER A 117 -10.41 23.36 1.32
CA SER A 117 -10.76 24.48 0.44
C SER A 117 -9.60 25.46 0.30
N GLY A 118 -9.14 25.99 1.43
CA GLY A 118 -8.04 26.93 1.41
C GLY A 118 -6.88 26.45 0.56
N PRO A 119 -6.29 27.36 -0.21
CA PRO A 119 -5.15 27.04 -1.09
C PRO A 119 -3.88 26.74 -0.30
N SER A 120 -3.93 27.00 1.00
CA SER A 120 -2.78 26.77 1.87
C SER A 120 -3.16 25.93 3.08
N SER A 121 -2.37 24.90 3.35
CA SER A 121 -2.64 24.01 4.48
C SER A 121 -1.52 24.10 5.52
N GLY A 122 -0.31 23.78 5.10
CA GLY A 122 0.83 23.83 6.01
C GLY A 122 1.66 22.58 5.97
N GLY A 1 1.69 -2.87 17.79
CA GLY A 1 3.01 -2.30 17.60
C GLY A 1 4.01 -3.32 17.11
N SER A 2 3.84 -3.76 15.86
CA SER A 2 4.73 -4.75 15.27
C SER A 2 6.08 -4.13 14.94
N SER A 3 7.04 -4.31 15.84
CA SER A 3 8.38 -3.77 15.65
C SER A 3 9.44 -4.84 15.86
N GLY A 4 10.70 -4.46 15.66
CA GLY A 4 11.79 -5.41 15.84
C GLY A 4 12.95 -5.14 14.88
N SER A 5 13.18 -6.09 13.97
CA SER A 5 14.26 -5.96 13.00
C SER A 5 13.85 -5.05 11.84
N SER A 6 14.77 -4.82 10.93
CA SER A 6 14.52 -3.96 9.77
C SER A 6 13.39 -4.54 8.91
N GLY A 7 12.15 -4.24 9.30
CA GLY A 7 11.01 -4.73 8.55
C GLY A 7 9.88 -3.72 8.48
N LEU A 8 10.24 -2.45 8.32
CA LEU A 8 9.26 -1.38 8.23
C LEU A 8 8.55 -1.40 6.88
N LEU A 9 9.31 -1.60 5.81
CA LEU A 9 8.75 -1.65 4.47
C LEU A 9 7.81 -2.82 4.31
N ARG A 10 8.24 -3.99 4.80
CA ARG A 10 7.43 -5.20 4.70
C ARG A 10 6.10 -5.02 5.43
N ASN A 11 6.16 -4.40 6.60
CA ASN A 11 4.96 -4.16 7.41
C ASN A 11 4.03 -3.17 6.72
N LEU A 12 4.62 -2.22 5.98
CA LEU A 12 3.85 -1.21 5.28
C LEU A 12 3.00 -1.84 4.18
N LEU A 13 3.60 -2.75 3.43
CA LEU A 13 2.89 -3.43 2.35
C LEU A 13 1.78 -4.32 2.90
N THR A 14 2.08 -5.06 3.96
CA THR A 14 1.11 -5.94 4.57
C THR A 14 -0.04 -5.15 5.19
N GLY A 15 0.30 -4.11 5.94
CA GLY A 15 -0.71 -3.28 6.58
C GLY A 15 -1.51 -2.47 5.57
N LEU A 16 -0.83 -1.99 4.54
CA LEU A 16 -1.48 -1.19 3.50
C LEU A 16 -2.60 -1.98 2.82
N VAL A 17 -2.30 -3.22 2.44
CA VAL A 17 -3.28 -4.08 1.79
C VAL A 17 -4.40 -4.44 2.74
N ARG A 18 -4.06 -4.72 3.99
CA ARG A 18 -5.05 -5.08 5.00
C ARG A 18 -6.13 -4.02 5.11
N HIS A 19 -5.70 -2.77 5.29
CA HIS A 19 -6.63 -1.65 5.42
C HIS A 19 -6.70 -0.85 4.11
N GLU A 20 -6.12 -1.41 3.05
CA GLU A 20 -6.10 -0.74 1.76
C GLU A 20 -5.87 0.77 1.91
N ARG A 21 -5.23 1.14 3.01
CA ARG A 21 -4.95 2.55 3.29
C ARG A 21 -4.14 2.70 4.58
N ILE A 22 -3.06 3.47 4.49
CA ILE A 22 -2.20 3.70 5.65
C ILE A 22 -1.61 5.10 5.62
N GLU A 23 -1.17 5.57 6.79
CA GLU A 23 -0.58 6.90 6.90
C GLU A 23 0.94 6.81 6.99
N ALA A 24 1.62 7.41 6.01
CA ALA A 24 3.08 7.40 5.98
C ALA A 24 3.62 8.65 5.28
N PRO A 25 4.90 8.95 5.53
CA PRO A 25 5.57 10.11 4.93
C PRO A 25 5.79 9.94 3.43
N TRP A 26 6.22 11.02 2.77
CA TRP A 26 6.48 10.98 1.34
C TRP A 26 7.58 9.99 1.00
N ALA A 27 8.65 10.01 1.80
CA ALA A 27 9.77 9.11 1.58
C ALA A 27 9.34 7.65 1.69
N ARG A 28 8.49 7.36 2.68
CA ARG A 28 8.00 6.00 2.88
C ARG A 28 6.93 5.65 1.86
N VAL A 29 6.12 6.64 1.49
CA VAL A 29 5.05 6.44 0.52
C VAL A 29 5.61 6.08 -0.85
N ASP A 30 6.53 6.92 -1.34
CA ASP A 30 7.14 6.68 -2.64
C ASP A 30 7.94 5.39 -2.65
N GLU A 31 8.77 5.21 -1.62
CA GLU A 31 9.60 4.02 -1.51
C GLU A 31 8.73 2.76 -1.49
N MET A 32 7.67 2.79 -0.71
CA MET A 32 6.76 1.65 -0.60
C MET A 32 5.94 1.50 -1.88
N ARG A 33 5.62 2.61 -2.51
CA ARG A 33 4.84 2.60 -3.75
C ARG A 33 5.51 1.73 -4.81
N GLY A 34 6.82 1.90 -4.97
CA GLY A 34 7.56 1.14 -5.94
C GLY A 34 7.52 -0.36 -5.66
N TYR A 35 7.68 -0.73 -4.40
CA TYR A 35 7.65 -2.13 -4.00
C TYR A 35 6.24 -2.71 -4.10
N ALA A 36 5.26 -1.89 -3.75
CA ALA A 36 3.87 -2.31 -3.80
C ALA A 36 3.40 -2.49 -5.25
N GLU A 37 3.81 -1.57 -6.12
CA GLU A 37 3.44 -1.63 -7.52
C GLU A 37 3.97 -2.90 -8.18
N LYS A 38 5.25 -3.18 -7.95
CA LYS A 38 5.89 -4.36 -8.53
C LYS A 38 5.22 -5.63 -8.02
N LEU A 39 4.89 -5.66 -6.73
CA LEU A 39 4.24 -6.81 -6.13
C LEU A 39 2.94 -7.14 -6.85
N ILE A 40 2.13 -6.12 -7.08
CA ILE A 40 0.85 -6.30 -7.77
C ILE A 40 1.06 -6.84 -9.19
N ASP A 41 2.08 -6.34 -9.86
CA ASP A 41 2.39 -6.77 -11.21
C ASP A 41 2.65 -8.27 -11.26
N TYR A 42 3.37 -8.77 -10.26
CA TYR A 42 3.70 -10.19 -10.19
C TYR A 42 2.46 -11.02 -9.88
N GLY A 43 1.62 -10.50 -8.97
CA GLY A 43 0.42 -11.20 -8.58
C GLY A 43 -0.51 -11.43 -9.76
N LYS A 44 -0.57 -10.45 -10.66
CA LYS A 44 -1.43 -10.55 -11.84
C LYS A 44 -1.13 -11.84 -12.63
N LEU A 45 0.12 -12.28 -12.58
CA LEU A 45 0.53 -13.49 -13.28
C LEU A 45 -0.15 -14.72 -12.69
N GLY A 46 -0.38 -14.69 -11.39
CA GLY A 46 -1.04 -15.81 -10.73
C GLY A 46 -0.08 -16.60 -9.84
N ASP A 47 -0.64 -17.51 -9.05
CA ASP A 47 0.18 -18.33 -8.15
C ASP A 47 0.81 -19.50 -8.90
N THR A 48 1.31 -19.22 -10.10
CA THR A 48 1.95 -20.24 -10.91
C THR A 48 3.45 -20.00 -11.02
N ASN A 49 3.86 -18.74 -10.89
CA ASN A 49 5.27 -18.38 -10.96
C ASN A 49 5.91 -18.36 -9.58
N GLU A 50 6.95 -19.17 -9.40
CA GLU A 50 7.65 -19.24 -8.13
C GLU A 50 8.15 -17.88 -7.69
N ARG A 51 8.54 -17.06 -8.67
CA ARG A 51 9.04 -15.71 -8.39
C ARG A 51 7.96 -14.85 -7.76
N ALA A 52 6.74 -14.96 -8.28
CA ALA A 52 5.62 -14.20 -7.77
C ALA A 52 5.26 -14.62 -6.35
N MET A 53 5.36 -15.92 -6.08
CA MET A 53 5.04 -16.46 -4.77
C MET A 53 6.11 -16.06 -3.75
N ARG A 54 7.37 -16.27 -4.11
CA ARG A 54 8.49 -15.93 -3.23
C ARG A 54 8.54 -14.43 -2.97
N MET A 55 8.27 -13.65 -4.01
CA MET A 55 8.29 -12.19 -3.89
C MET A 55 7.18 -11.71 -2.96
N ALA A 56 5.99 -12.27 -3.13
CA ALA A 56 4.85 -11.89 -2.30
C ALA A 56 5.00 -12.42 -0.88
N ASP A 57 5.57 -13.62 -0.75
CA ASP A 57 5.78 -14.22 0.56
C ASP A 57 6.90 -13.52 1.30
N PHE A 58 7.94 -13.14 0.57
CA PHE A 58 9.09 -12.46 1.17
C PHE A 58 8.68 -11.08 1.71
N TRP A 59 7.90 -10.36 0.92
CA TRP A 59 7.44 -9.03 1.31
C TRP A 59 6.26 -9.11 2.27
N LEU A 60 5.28 -9.93 1.91
CA LEU A 60 4.10 -10.11 2.75
C LEU A 60 4.20 -11.36 3.60
N THR A 61 4.19 -11.19 4.92
CA THR A 61 4.30 -12.32 5.84
C THR A 61 2.95 -13.00 6.02
N GLU A 62 1.88 -12.20 6.03
CA GLU A 62 0.54 -12.73 6.19
C GLU A 62 0.26 -13.85 5.18
N LYS A 63 0.21 -15.08 5.67
CA LYS A 63 -0.04 -16.24 4.81
C LYS A 63 -1.42 -16.14 4.17
N ASP A 64 -2.31 -15.38 4.79
CA ASP A 64 -3.66 -15.19 4.27
C ASP A 64 -3.70 -14.06 3.25
N LEU A 65 -2.81 -13.10 3.40
CA LEU A 65 -2.74 -11.97 2.49
C LEU A 65 -2.15 -12.37 1.14
N ILE A 66 -1.20 -13.31 1.19
CA ILE A 66 -0.55 -13.79 -0.03
C ILE A 66 -1.58 -14.31 -1.03
N PRO A 67 -2.42 -15.25 -0.57
CA PRO A 67 -3.46 -15.86 -1.41
C PRO A 67 -4.58 -14.87 -1.74
N LYS A 68 -4.98 -14.09 -0.75
CA LYS A 68 -6.04 -13.10 -0.93
C LYS A 68 -5.66 -12.09 -1.99
N LEU A 69 -4.44 -11.56 -1.89
CA LEU A 69 -3.95 -10.56 -2.85
C LEU A 69 -3.95 -11.14 -4.27
N PHE A 70 -3.67 -12.43 -4.38
CA PHE A 70 -3.64 -13.09 -5.67
C PHE A 70 -5.05 -13.43 -6.15
N GLN A 71 -5.99 -13.46 -5.21
CA GLN A 71 -7.38 -13.77 -5.53
C GLN A 71 -8.27 -12.55 -5.34
N VAL A 72 -7.65 -11.41 -5.12
CA VAL A 72 -8.38 -10.16 -4.91
C VAL A 72 -7.87 -9.07 -5.85
N LEU A 73 -6.69 -8.53 -5.54
CA LEU A 73 -6.10 -7.48 -6.36
C LEU A 73 -5.57 -8.04 -7.67
N ALA A 74 -4.90 -9.18 -7.60
CA ALA A 74 -4.36 -9.83 -8.79
C ALA A 74 -5.38 -9.85 -9.92
N PRO A 75 -6.55 -10.44 -9.64
CA PRO A 75 -7.63 -10.54 -10.63
C PRO A 75 -8.27 -9.20 -10.94
N ARG A 76 -8.38 -8.35 -9.92
CA ARG A 76 -8.97 -7.02 -10.08
C ARG A 76 -8.14 -6.17 -11.05
N TYR A 77 -6.82 -6.33 -10.98
CA TYR A 77 -5.92 -5.58 -11.84
C TYR A 77 -5.67 -6.33 -13.15
N LYS A 78 -5.61 -7.65 -13.07
CA LYS A 78 -5.38 -8.48 -14.24
C LYS A 78 -6.02 -7.87 -15.48
N ASP A 79 -7.27 -7.43 -15.34
CA ASP A 79 -8.00 -6.81 -16.45
C ASP A 79 -7.46 -5.42 -16.74
N GLN A 80 -7.27 -4.62 -15.70
CA GLN A 80 -6.76 -3.27 -15.85
C GLN A 80 -5.39 -3.27 -16.53
N THR A 81 -5.01 -2.13 -17.08
CA THR A 81 -3.72 -2.00 -17.76
C THR A 81 -2.82 -1.01 -17.05
N GLY A 82 -2.84 -1.05 -15.72
CA GLY A 82 -2.01 -0.14 -14.93
C GLY A 82 -2.79 0.53 -13.82
N GLY A 83 -2.13 1.44 -13.12
CA GLY A 83 -2.77 2.15 -12.03
C GLY A 83 -3.33 1.21 -10.98
N TYR A 84 -2.52 0.87 -9.99
CA TYR A 84 -2.94 -0.03 -8.93
C TYR A 84 -3.06 0.71 -7.60
N THR A 85 -2.05 1.48 -7.28
CA THR A 85 -2.03 2.25 -6.03
C THR A 85 -2.27 3.73 -6.29
N ARG A 86 -2.74 4.44 -5.27
CA ARG A 86 -3.01 5.86 -5.40
C ARG A 86 -2.41 6.64 -4.22
N MET A 87 -1.88 7.82 -4.51
CA MET A 87 -1.28 8.65 -3.46
C MET A 87 -2.12 9.89 -3.21
N LEU A 88 -2.21 10.30 -1.95
CA LEU A 88 -2.98 11.48 -1.57
C LEU A 88 -2.20 12.35 -0.58
N GLN A 89 -2.40 13.66 -0.67
CA GLN A 89 -1.73 14.59 0.22
C GLN A 89 -2.60 14.95 1.41
N ILE A 90 -1.98 15.11 2.57
CA ILE A 90 -2.70 15.45 3.79
C ILE A 90 -1.86 16.35 4.69
N PRO A 91 -2.55 17.20 5.48
CA PRO A 91 -1.89 18.13 6.40
C PRO A 91 -1.23 17.41 7.57
N ASN A 92 -0.39 18.14 8.31
CA ASN A 92 0.29 17.56 9.46
C ASN A 92 -0.59 17.58 10.70
N ARG A 93 -0.10 16.97 11.77
CA ARG A 93 -0.86 16.91 13.02
C ARG A 93 -0.39 17.99 13.99
N SER A 94 -1.16 18.20 15.05
CA SER A 94 -0.83 19.22 16.05
C SER A 94 0.68 19.32 16.23
N LEU A 95 1.34 18.17 16.35
CA LEU A 95 2.79 18.14 16.54
C LEU A 95 3.49 19.01 15.49
N ASP A 96 4.70 19.45 15.81
CA ASP A 96 5.47 20.29 14.90
C ASP A 96 5.22 19.89 13.45
N ARG A 97 5.32 20.86 12.56
CA ARG A 97 5.09 20.61 11.14
C ARG A 97 5.84 19.36 10.68
N ALA A 98 5.20 18.59 9.80
CA ALA A 98 5.79 17.35 9.29
C ALA A 98 5.17 16.98 7.95
N LYS A 99 6.00 16.39 7.09
CA LYS A 99 5.53 15.97 5.76
C LYS A 99 4.92 14.58 5.82
N MET A 100 3.58 14.53 5.91
CA MET A 100 2.87 13.26 5.96
C MET A 100 1.96 13.09 4.75
N ALA A 101 1.80 11.85 4.31
CA ALA A 101 0.96 11.55 3.15
C ALA A 101 0.17 10.26 3.37
N VAL A 102 -0.89 10.09 2.59
CA VAL A 102 -1.74 8.90 2.69
C VAL A 102 -1.68 8.08 1.41
N ILE A 103 -1.55 6.77 1.56
CA ILE A 103 -1.49 5.87 0.42
C ILE A 103 -2.59 4.81 0.49
N GLU A 104 -3.32 4.64 -0.61
CA GLU A 104 -4.39 3.67 -0.66
C GLU A 104 -4.59 3.15 -2.09
N TYR A 105 -4.99 1.89 -2.21
CA TYR A 105 -5.21 1.28 -3.52
C TYR A 105 -6.45 1.86 -4.19
N LYS A 106 -6.48 1.80 -5.52
CA LYS A 106 -7.61 2.32 -6.29
C LYS A 106 -8.83 1.42 -6.12
N GLY A 107 -9.54 1.59 -5.01
CA GLY A 107 -10.72 0.80 -4.76
C GLY A 107 -11.52 1.31 -3.58
N ASN A 108 -10.88 1.37 -2.41
CA ASN A 108 -11.54 1.84 -1.20
C ASN A 108 -11.91 3.31 -1.32
N CYS A 109 -13.02 3.69 -0.71
CA CYS A 109 -13.49 5.07 -0.74
C CYS A 109 -13.59 5.65 0.67
N LEU A 110 -12.58 5.38 1.48
CA LEU A 110 -12.56 5.88 2.85
C LEU A 110 -12.77 7.39 2.90
N PRO A 111 -13.43 7.86 3.95
CA PRO A 111 -13.71 9.29 4.14
C PRO A 111 -12.45 10.10 4.45
N PRO A 112 -12.57 11.43 4.41
CA PRO A 112 -11.45 12.34 4.68
C PRO A 112 -11.03 12.32 6.15
N LEU A 113 -9.77 11.96 6.39
CA LEU A 113 -9.24 11.91 7.75
C LEU A 113 -9.65 13.16 8.54
N PRO A 114 -9.92 12.96 9.84
CA PRO A 114 -10.32 14.05 10.74
C PRO A 114 -9.17 15.01 11.01
N LEU A 115 -9.36 16.27 10.64
CA LEU A 115 -8.34 17.29 10.85
C LEU A 115 -7.97 17.40 12.33
N PRO A 116 -6.70 17.72 12.60
CA PRO A 116 -6.19 17.86 13.98
C PRO A 116 -6.75 19.09 14.68
N SER A 117 -7.35 18.87 15.85
CA SER A 117 -7.92 19.97 16.63
C SER A 117 -7.54 19.86 18.09
N GLY A 118 -7.19 20.99 18.70
CA GLY A 118 -6.81 20.99 20.10
C GLY A 118 -5.96 22.20 20.45
N PRO A 119 -6.26 22.81 21.62
CA PRO A 119 -5.53 23.99 22.10
C PRO A 119 -4.10 23.65 22.53
N SER A 120 -3.14 24.37 21.96
CA SER A 120 -1.73 24.15 22.28
C SER A 120 -1.45 24.47 23.74
N SER A 121 -1.43 23.44 24.58
CA SER A 121 -1.17 23.61 26.00
C SER A 121 -0.12 22.62 26.49
N GLY A 122 0.45 22.90 27.65
CA GLY A 122 1.47 22.02 28.21
C GLY A 122 2.84 22.28 27.63
N GLY A 1 19.10 5.51 -4.39
CA GLY A 1 19.86 5.62 -3.16
C GLY A 1 19.16 4.96 -1.98
N SER A 2 19.58 3.74 -1.67
CA SER A 2 18.99 2.99 -0.56
C SER A 2 19.30 3.66 0.77
N SER A 3 18.28 4.28 1.37
CA SER A 3 18.45 4.95 2.66
C SER A 3 17.22 4.76 3.53
N GLY A 4 17.43 4.19 4.72
CA GLY A 4 16.33 3.97 5.64
C GLY A 4 16.58 2.78 6.54
N SER A 5 15.71 1.77 6.44
CA SER A 5 15.83 0.58 7.27
C SER A 5 15.00 -0.57 6.68
N SER A 6 15.21 -1.77 7.22
CA SER A 6 14.49 -2.95 6.75
C SER A 6 13.45 -3.40 7.77
N GLY A 7 12.38 -4.02 7.28
CA GLY A 7 11.33 -4.48 8.17
C GLY A 7 10.10 -3.59 8.13
N LEU A 8 10.32 -2.28 8.23
CA LEU A 8 9.22 -1.32 8.22
C LEU A 8 8.49 -1.36 6.88
N LEU A 9 9.26 -1.48 5.80
CA LEU A 9 8.68 -1.52 4.46
C LEU A 9 7.74 -2.71 4.31
N ARG A 10 8.19 -3.88 4.78
CA ARG A 10 7.41 -5.09 4.69
C ARG A 10 6.09 -4.94 5.44
N ASN A 11 6.15 -4.31 6.61
CA ASN A 11 4.95 -4.10 7.43
C ASN A 11 4.00 -3.11 6.76
N LEU A 12 4.58 -2.14 6.05
CA LEU A 12 3.79 -1.13 5.37
C LEU A 12 2.92 -1.77 4.28
N LEU A 13 3.51 -2.66 3.51
CA LEU A 13 2.79 -3.34 2.43
C LEU A 13 1.70 -4.24 3.00
N THR A 14 2.04 -4.99 4.05
CA THR A 14 1.09 -5.89 4.68
C THR A 14 -0.08 -5.13 5.30
N GLY A 15 0.25 -4.06 6.04
CA GLY A 15 -0.78 -3.25 6.67
C GLY A 15 -1.61 -2.50 5.67
N LEU A 16 -0.98 -2.02 4.61
CA LEU A 16 -1.67 -1.26 3.57
C LEU A 16 -2.77 -2.10 2.93
N VAL A 17 -2.45 -3.33 2.59
CA VAL A 17 -3.42 -4.24 1.98
C VAL A 17 -4.53 -4.61 2.96
N ARG A 18 -4.14 -4.85 4.20
CA ARG A 18 -5.10 -5.22 5.24
C ARG A 18 -6.17 -4.15 5.39
N HIS A 19 -5.73 -2.89 5.56
CA HIS A 19 -6.65 -1.78 5.72
C HIS A 19 -6.80 -1.01 4.41
N GLU A 20 -6.28 -1.58 3.33
CA GLU A 20 -6.36 -0.96 2.02
C GLU A 20 -6.16 0.55 2.12
N ARG A 21 -5.46 0.98 3.17
CA ARG A 21 -5.20 2.39 3.39
C ARG A 21 -4.34 2.60 4.63
N ILE A 22 -3.29 3.40 4.49
CA ILE A 22 -2.39 3.68 5.60
C ILE A 22 -1.83 5.10 5.51
N GLU A 23 -1.37 5.62 6.63
CA GLU A 23 -0.81 6.96 6.69
C GLU A 23 0.71 6.92 6.87
N ALA A 24 1.43 7.48 5.91
CA ALA A 24 2.88 7.52 5.96
C ALA A 24 3.44 8.73 5.23
N PRO A 25 4.70 9.07 5.53
CA PRO A 25 5.37 10.22 4.91
C PRO A 25 5.68 9.99 3.44
N TRP A 26 6.18 11.02 2.77
CA TRP A 26 6.52 10.93 1.35
C TRP A 26 7.59 9.89 1.12
N ALA A 27 8.58 9.86 2.01
CA ALA A 27 9.69 8.91 1.90
C ALA A 27 9.18 7.47 1.96
N ARG A 28 8.23 7.21 2.86
CA ARG A 28 7.67 5.88 3.02
C ARG A 28 6.69 5.57 1.89
N VAL A 29 5.84 6.55 1.56
CA VAL A 29 4.85 6.38 0.50
C VAL A 29 5.53 6.05 -0.83
N ASP A 30 6.49 6.88 -1.22
CA ASP A 30 7.21 6.67 -2.47
C ASP A 30 7.97 5.34 -2.44
N GLU A 31 8.71 5.11 -1.37
CA GLU A 31 9.49 3.89 -1.22
C GLU A 31 8.58 2.66 -1.30
N MET A 32 7.47 2.71 -0.58
CA MET A 32 6.51 1.61 -0.57
C MET A 32 5.78 1.50 -1.90
N ARG A 33 5.55 2.64 -2.54
CA ARG A 33 4.85 2.68 -3.81
C ARG A 33 5.54 1.80 -4.84
N GLY A 34 6.86 1.94 -4.94
CA GLY A 34 7.63 1.15 -5.88
C GLY A 34 7.54 -0.34 -5.61
N TYR A 35 7.66 -0.70 -4.33
CA TYR A 35 7.59 -2.09 -3.92
C TYR A 35 6.18 -2.66 -4.12
N ALA A 36 5.18 -1.82 -3.85
CA ALA A 36 3.79 -2.24 -4.01
C ALA A 36 3.44 -2.47 -5.47
N GLU A 37 3.94 -1.59 -6.34
CA GLU A 37 3.69 -1.70 -7.77
C GLU A 37 4.24 -3.00 -8.33
N LYS A 38 5.50 -3.29 -8.01
CA LYS A 38 6.15 -4.51 -8.48
C LYS A 38 5.46 -5.74 -7.92
N LEU A 39 5.08 -5.68 -6.66
CA LEU A 39 4.41 -6.79 -5.99
C LEU A 39 3.12 -7.16 -6.74
N ILE A 40 2.27 -6.17 -6.96
CA ILE A 40 1.00 -6.39 -7.65
C ILE A 40 1.25 -6.97 -9.06
N ASP A 41 2.29 -6.49 -9.72
CA ASP A 41 2.63 -6.96 -11.05
C ASP A 41 2.85 -8.47 -11.06
N TYR A 42 3.57 -8.97 -10.05
CA TYR A 42 3.86 -10.39 -9.94
C TYR A 42 2.59 -11.18 -9.66
N GLY A 43 1.74 -10.64 -8.79
CA GLY A 43 0.50 -11.30 -8.44
C GLY A 43 -0.39 -11.52 -9.65
N LYS A 44 -0.39 -10.57 -10.57
CA LYS A 44 -1.20 -10.66 -11.79
C LYS A 44 -0.92 -11.97 -12.52
N LEU A 45 0.31 -12.45 -12.41
CA LEU A 45 0.69 -13.70 -13.07
C LEU A 45 -0.05 -14.89 -12.48
N GLY A 46 -0.43 -14.77 -11.21
CA GLY A 46 -1.15 -15.84 -10.55
C GLY A 46 -0.26 -16.67 -9.65
N ASP A 47 -0.85 -17.64 -8.97
CA ASP A 47 -0.09 -18.51 -8.07
C ASP A 47 0.59 -19.64 -8.84
N THR A 48 1.09 -19.31 -10.03
CA THR A 48 1.77 -20.29 -10.86
C THR A 48 3.27 -20.02 -10.94
N ASN A 49 3.62 -18.74 -10.99
CA ASN A 49 5.02 -18.35 -11.06
C ASN A 49 5.70 -18.47 -9.70
N GLU A 50 6.63 -19.42 -9.58
CA GLU A 50 7.34 -19.65 -8.34
C GLU A 50 7.99 -18.35 -7.84
N ARG A 51 8.69 -17.66 -8.74
CA ARG A 51 9.36 -16.41 -8.39
C ARG A 51 8.35 -15.39 -7.86
N ALA A 52 7.18 -15.34 -8.48
CA ALA A 52 6.13 -14.41 -8.06
C ALA A 52 5.76 -14.62 -6.59
N MET A 53 5.59 -15.88 -6.22
CA MET A 53 5.23 -16.21 -4.84
C MET A 53 6.39 -15.93 -3.89
N ARG A 54 7.61 -16.22 -4.35
CA ARG A 54 8.81 -16.00 -3.55
C ARG A 54 8.89 -14.54 -3.09
N MET A 55 8.77 -13.63 -4.05
CA MET A 55 8.84 -12.20 -3.76
C MET A 55 7.65 -11.76 -2.91
N ALA A 56 6.46 -12.21 -3.31
CA ALA A 56 5.24 -11.87 -2.59
C ALA A 56 5.30 -12.33 -1.14
N ASP A 57 5.87 -13.51 -0.93
CA ASP A 57 5.98 -14.06 0.42
C ASP A 57 7.02 -13.29 1.24
N PHE A 58 8.11 -12.89 0.58
CA PHE A 58 9.17 -12.15 1.24
C PHE A 58 8.66 -10.80 1.75
N TRP A 59 7.85 -10.14 0.92
CA TRP A 59 7.29 -8.84 1.28
C TRP A 59 6.08 -9.00 2.19
N LEU A 60 5.17 -9.89 1.81
CA LEU A 60 3.97 -10.14 2.59
C LEU A 60 4.15 -11.37 3.48
N THR A 61 4.19 -11.14 4.80
CA THR A 61 4.37 -12.22 5.76
C THR A 61 3.03 -12.88 6.07
N GLU A 62 1.94 -12.20 5.74
CA GLU A 62 0.60 -12.74 5.97
C GLU A 62 0.25 -13.82 4.97
N LYS A 63 0.42 -15.07 5.37
CA LYS A 63 0.13 -16.21 4.50
C LYS A 63 -1.30 -16.12 3.96
N ASP A 64 -2.11 -15.26 4.57
CA ASP A 64 -3.49 -15.08 4.15
C ASP A 64 -3.60 -13.98 3.09
N LEU A 65 -2.75 -12.97 3.22
CA LEU A 65 -2.75 -11.86 2.28
C LEU A 65 -2.13 -12.27 0.94
N ILE A 66 -1.18 -13.20 1.00
CA ILE A 66 -0.50 -13.69 -0.20
C ILE A 66 -1.50 -14.30 -1.17
N PRO A 67 -2.29 -15.27 -0.69
CA PRO A 67 -3.29 -15.96 -1.50
C PRO A 67 -4.47 -15.05 -1.86
N LYS A 68 -4.91 -14.25 -0.90
CA LYS A 68 -6.03 -13.34 -1.12
C LYS A 68 -5.66 -12.27 -2.15
N LEU A 69 -4.48 -11.68 -1.99
CA LEU A 69 -4.00 -10.65 -2.90
C LEU A 69 -4.00 -11.15 -4.34
N PHE A 70 -3.69 -12.43 -4.51
CA PHE A 70 -3.65 -13.04 -5.83
C PHE A 70 -5.06 -13.37 -6.33
N GLN A 71 -5.99 -13.50 -5.39
CA GLN A 71 -7.37 -13.82 -5.73
C GLN A 71 -8.29 -12.63 -5.42
N VAL A 72 -7.69 -11.48 -5.16
CA VAL A 72 -8.44 -10.27 -4.85
C VAL A 72 -8.01 -9.11 -5.73
N LEU A 73 -6.81 -8.59 -5.48
CA LEU A 73 -6.29 -7.48 -6.25
C LEU A 73 -5.79 -7.94 -7.61
N ALA A 74 -5.10 -9.08 -7.63
CA ALA A 74 -4.57 -9.64 -8.86
C ALA A 74 -5.62 -9.61 -9.97
N PRO A 75 -6.78 -10.24 -9.69
CA PRO A 75 -7.89 -10.30 -10.66
C PRO A 75 -8.54 -8.94 -10.87
N ARG A 76 -8.40 -8.05 -9.88
CA ARG A 76 -8.99 -6.73 -9.96
C ARG A 76 -8.20 -5.85 -10.93
N TYR A 77 -6.87 -5.92 -10.84
CA TYR A 77 -6.00 -5.12 -11.70
C TYR A 77 -5.73 -5.84 -13.01
N LYS A 78 -5.49 -7.14 -12.92
CA LYS A 78 -5.21 -7.95 -14.11
C LYS A 78 -6.00 -7.45 -15.31
N ASP A 79 -7.26 -7.09 -15.07
CA ASP A 79 -8.12 -6.59 -16.14
C ASP A 79 -7.80 -5.12 -16.45
N GLN A 80 -7.69 -4.31 -15.40
CA GLN A 80 -7.39 -2.90 -15.57
C GLN A 80 -6.14 -2.70 -16.42
N THR A 81 -5.90 -1.45 -16.82
CA THR A 81 -4.75 -1.13 -17.64
C THR A 81 -3.77 -0.23 -16.89
N GLY A 82 -3.54 -0.54 -15.63
CA GLY A 82 -2.63 0.24 -14.82
C GLY A 82 -3.32 0.91 -13.65
N GLY A 83 -2.61 1.80 -12.97
CA GLY A 83 -3.17 2.50 -11.82
C GLY A 83 -3.73 1.55 -10.78
N TYR A 84 -2.88 1.14 -9.85
CA TYR A 84 -3.28 0.22 -8.79
C TYR A 84 -3.34 0.93 -7.43
N THR A 85 -2.32 1.74 -7.16
CA THR A 85 -2.25 2.48 -5.91
C THR A 85 -2.51 3.96 -6.12
N ARG A 86 -2.85 4.66 -5.05
CA ARG A 86 -3.11 6.10 -5.13
C ARG A 86 -2.40 6.85 -4.00
N MET A 87 -1.86 8.02 -4.33
CA MET A 87 -1.15 8.83 -3.35
C MET A 87 -1.95 10.08 -3.01
N LEU A 88 -2.10 10.36 -1.72
CA LEU A 88 -2.85 11.53 -1.27
C LEU A 88 -1.97 12.41 -0.38
N GLN A 89 -1.97 13.71 -0.66
CA GLN A 89 -1.18 14.66 0.11
C GLN A 89 -2.02 15.27 1.23
N ILE A 90 -1.48 15.25 2.45
CA ILE A 90 -2.17 15.80 3.60
C ILE A 90 -1.25 16.70 4.42
N PRO A 91 -1.84 17.69 5.10
CA PRO A 91 -1.09 18.64 5.93
C PRO A 91 -0.52 17.99 7.18
N ASN A 92 0.16 18.79 8.00
CA ASN A 92 0.76 18.28 9.24
C ASN A 92 0.37 19.14 10.43
N ARG A 93 0.94 18.84 11.59
CA ARG A 93 0.64 19.60 12.80
C ARG A 93 1.26 21.00 12.74
N SER A 94 0.43 22.01 12.91
CA SER A 94 0.88 23.39 12.87
C SER A 94 2.23 23.54 13.58
N LEU A 95 2.35 22.90 14.74
CA LEU A 95 3.58 22.96 15.51
C LEU A 95 4.65 22.06 14.91
N ASP A 96 4.37 20.75 14.87
CA ASP A 96 5.30 19.79 14.32
C ASP A 96 5.10 19.64 12.81
N ARG A 97 6.11 20.07 12.05
CA ARG A 97 6.05 20.00 10.59
C ARG A 97 6.68 18.70 10.09
N ALA A 98 5.84 17.74 9.73
CA ALA A 98 6.31 16.46 9.23
C ALA A 98 5.55 16.04 7.97
N LYS A 99 6.23 16.10 6.83
CA LYS A 99 5.63 15.74 5.56
C LYS A 99 4.90 14.39 5.67
N MET A 100 3.57 14.45 5.74
CA MET A 100 2.77 13.24 5.85
C MET A 100 1.93 13.03 4.59
N ALA A 101 1.62 11.77 4.29
CA ALA A 101 0.83 11.45 3.11
C ALA A 101 0.01 10.18 3.35
N VAL A 102 -1.08 10.04 2.59
CA VAL A 102 -1.95 8.87 2.71
C VAL A 102 -1.99 8.08 1.41
N ILE A 103 -1.79 6.77 1.52
CA ILE A 103 -1.80 5.90 0.35
C ILE A 103 -2.95 4.91 0.43
N GLU A 104 -3.64 4.70 -0.70
CA GLU A 104 -4.75 3.77 -0.75
C GLU A 104 -4.88 3.16 -2.14
N TYR A 105 -5.29 1.90 -2.20
CA TYR A 105 -5.46 1.20 -3.46
C TYR A 105 -6.69 1.68 -4.20
N LYS A 106 -6.69 1.55 -5.52
CA LYS A 106 -7.82 1.97 -6.35
C LYS A 106 -9.06 1.15 -6.02
N GLY A 107 -9.71 1.48 -4.91
CA GLY A 107 -10.91 0.76 -4.52
C GLY A 107 -11.68 1.49 -3.43
N ASN A 108 -12.85 0.96 -3.08
CA ASN A 108 -13.68 1.56 -2.05
C ASN A 108 -13.97 0.56 -0.93
N CYS A 109 -12.99 0.37 -0.05
CA CYS A 109 -13.13 -0.55 1.07
C CYS A 109 -13.60 0.18 2.32
N LEU A 110 -13.05 1.36 2.55
CA LEU A 110 -13.40 2.17 3.72
C LEU A 110 -14.42 3.25 3.35
N PRO A 111 -15.25 3.64 4.32
CA PRO A 111 -16.27 4.67 4.12
C PRO A 111 -15.68 6.05 3.94
N PRO A 112 -16.41 6.93 3.24
CA PRO A 112 -15.97 8.31 2.98
C PRO A 112 -15.96 9.16 4.25
N LEU A 113 -15.38 10.35 4.14
CA LEU A 113 -15.30 11.26 5.27
C LEU A 113 -15.17 12.72 4.80
N PRO A 114 -15.60 13.66 5.66
CA PRO A 114 -15.54 15.09 5.35
C PRO A 114 -14.11 15.61 5.34
N LEU A 115 -13.75 16.33 4.27
CA LEU A 115 -12.41 16.89 4.14
C LEU A 115 -12.34 18.27 4.79
N PRO A 116 -11.20 18.54 5.45
CA PRO A 116 -10.97 19.82 6.13
C PRO A 116 -10.79 20.97 5.14
N SER A 117 -11.52 22.07 5.38
CA SER A 117 -11.44 23.24 4.51
C SER A 117 -9.99 23.65 4.29
N GLY A 118 -9.60 23.76 3.02
CA GLY A 118 -8.24 24.16 2.70
C GLY A 118 -8.12 24.71 1.30
N PRO A 119 -8.50 25.99 1.12
CA PRO A 119 -8.44 26.66 -0.17
C PRO A 119 -7.01 26.93 -0.62
N SER A 120 -6.84 27.30 -1.89
CA SER A 120 -5.53 27.59 -2.45
C SER A 120 -4.89 28.78 -1.75
N SER A 121 -3.62 28.62 -1.37
CA SER A 121 -2.89 29.69 -0.70
C SER A 121 -1.83 30.30 -1.61
N GLY A 122 -1.07 29.45 -2.27
CA GLY A 122 -0.03 29.92 -3.17
C GLY A 122 -0.31 29.56 -4.62
N GLY A 1 22.22 9.21 0.11
CA GLY A 1 21.25 9.52 1.15
C GLY A 1 20.10 8.53 1.17
N SER A 2 20.37 7.31 1.64
CA SER A 2 19.36 6.27 1.71
C SER A 2 18.70 6.24 3.08
N SER A 3 17.62 6.99 3.23
CA SER A 3 16.90 7.06 4.50
C SER A 3 16.06 5.81 4.71
N GLY A 4 15.37 5.38 3.65
CA GLY A 4 14.53 4.19 3.74
C GLY A 4 15.19 3.08 4.53
N SER A 5 14.37 2.18 5.08
CA SER A 5 14.88 1.07 5.87
C SER A 5 14.02 -0.18 5.67
N SER A 6 14.52 -1.31 6.15
CA SER A 6 13.80 -2.57 6.01
C SER A 6 12.83 -2.77 7.18
N GLY A 7 11.91 -3.73 7.02
CA GLY A 7 10.94 -4.01 8.07
C GLY A 7 9.71 -3.15 7.95
N LEU A 8 9.91 -1.83 7.90
CA LEU A 8 8.79 -0.90 7.79
C LEU A 8 8.06 -1.08 6.47
N LEU A 9 8.81 -1.20 5.38
CA LEU A 9 8.23 -1.39 4.07
C LEU A 9 7.37 -2.65 4.01
N ARG A 10 7.90 -3.74 4.54
CA ARG A 10 7.19 -5.01 4.56
C ARG A 10 5.88 -4.88 5.33
N ASN A 11 5.94 -4.21 6.48
CA ASN A 11 4.76 -4.02 7.32
C ASN A 11 3.79 -3.03 6.67
N LEU A 12 4.35 -2.06 5.95
CA LEU A 12 3.52 -1.05 5.28
C LEU A 12 2.68 -1.68 4.17
N LEU A 13 3.30 -2.54 3.38
CA LEU A 13 2.61 -3.21 2.29
C LEU A 13 1.53 -4.14 2.81
N THR A 14 1.88 -4.92 3.84
CA THR A 14 0.93 -5.85 4.45
C THR A 14 -0.26 -5.12 5.06
N GLY A 15 0.03 -4.07 5.83
CA GLY A 15 -1.03 -3.31 6.45
C GLY A 15 -1.89 -2.58 5.44
N LEU A 16 -1.27 -2.09 4.38
CA LEU A 16 -1.98 -1.35 3.34
C LEU A 16 -3.06 -2.22 2.72
N VAL A 17 -2.71 -3.45 2.36
CA VAL A 17 -3.66 -4.38 1.77
C VAL A 17 -4.77 -4.75 2.75
N ARG A 18 -4.38 -4.96 4.01
CA ARG A 18 -5.34 -5.32 5.05
C ARG A 18 -6.44 -4.27 5.17
N HIS A 19 -6.02 -3.02 5.33
CA HIS A 19 -6.98 -1.91 5.46
C HIS A 19 -7.09 -1.13 4.15
N GLU A 20 -6.57 -1.72 3.08
CA GLU A 20 -6.61 -1.08 1.77
C GLU A 20 -6.36 0.42 1.88
N ARG A 21 -5.66 0.81 2.95
CA ARG A 21 -5.36 2.22 3.18
C ARG A 21 -4.54 2.39 4.46
N ILE A 22 -3.45 3.16 4.36
CA ILE A 22 -2.59 3.40 5.51
C ILE A 22 -1.98 4.81 5.45
N GLU A 23 -1.53 5.29 6.59
CA GLU A 23 -0.93 6.61 6.68
C GLU A 23 0.59 6.53 6.85
N ALA A 24 1.32 7.13 5.93
CA ALA A 24 2.78 7.11 5.98
C ALA A 24 3.36 8.36 5.33
N PRO A 25 4.64 8.65 5.64
CA PRO A 25 5.34 9.82 5.10
C PRO A 25 5.64 9.67 3.61
N TRP A 26 6.15 10.74 3.01
CA TRP A 26 6.47 10.73 1.59
C TRP A 26 7.54 9.69 1.27
N ALA A 27 8.52 9.58 2.17
CA ALA A 27 9.61 8.63 1.99
C ALA A 27 9.08 7.19 1.97
N ARG A 28 8.16 6.90 2.89
CA ARG A 28 7.57 5.56 2.97
C ARG A 28 6.55 5.34 1.85
N VAL A 29 5.79 6.38 1.54
CA VAL A 29 4.77 6.29 0.50
C VAL A 29 5.41 6.02 -0.86
N ASP A 30 6.39 6.85 -1.22
CA ASP A 30 7.08 6.69 -2.50
C ASP A 30 7.81 5.36 -2.56
N GLU A 31 8.56 5.04 -1.52
CA GLU A 31 9.31 3.80 -1.46
C GLU A 31 8.38 2.59 -1.53
N MET A 32 7.30 2.64 -0.74
CA MET A 32 6.32 1.56 -0.72
C MET A 32 5.51 1.53 -2.01
N ARG A 33 5.28 2.70 -2.59
CA ARG A 33 4.51 2.81 -3.83
C ARG A 33 5.15 1.97 -4.93
N GLY A 34 6.46 2.11 -5.09
CA GLY A 34 7.17 1.35 -6.11
C GLY A 34 7.07 -0.14 -5.90
N TYR A 35 7.24 -0.58 -4.65
CA TYR A 35 7.17 -1.99 -4.32
C TYR A 35 5.74 -2.52 -4.44
N ALA A 36 4.78 -1.67 -4.08
CA ALA A 36 3.38 -2.05 -4.15
C ALA A 36 2.95 -2.32 -5.59
N GLU A 37 3.41 -1.48 -6.51
CA GLU A 37 3.08 -1.63 -7.92
C GLU A 37 3.69 -2.90 -8.49
N LYS A 38 4.99 -3.09 -8.24
CA LYS A 38 5.70 -4.27 -8.72
C LYS A 38 5.09 -5.55 -8.15
N LEU A 39 4.68 -5.49 -6.89
CA LEU A 39 4.08 -6.65 -6.24
C LEU A 39 2.80 -7.09 -6.96
N ILE A 40 1.92 -6.13 -7.21
CA ILE A 40 0.65 -6.42 -7.90
C ILE A 40 0.91 -7.04 -9.26
N ASP A 41 1.90 -6.50 -9.98
CA ASP A 41 2.24 -7.00 -11.31
C ASP A 41 2.60 -8.48 -11.24
N TYR A 42 3.39 -8.86 -10.24
CA TYR A 42 3.81 -10.24 -10.08
C TYR A 42 2.62 -11.16 -9.87
N GLY A 43 1.69 -10.73 -9.00
CA GLY A 43 0.51 -11.52 -8.73
C GLY A 43 -0.32 -11.76 -9.97
N LYS A 44 -0.40 -10.76 -10.84
CA LYS A 44 -1.17 -10.87 -12.08
C LYS A 44 -0.73 -12.09 -12.89
N LEU A 45 0.54 -12.45 -12.76
CA LEU A 45 1.08 -13.60 -13.48
C LEU A 45 0.43 -14.89 -13.01
N GLY A 46 0.19 -14.99 -11.70
CA GLY A 46 -0.43 -16.18 -11.15
C GLY A 46 0.14 -16.56 -9.80
N ASP A 47 -0.58 -17.40 -9.07
CA ASP A 47 -0.15 -17.83 -7.74
C ASP A 47 0.81 -19.01 -7.86
N THR A 48 0.68 -19.78 -8.93
CA THR A 48 1.54 -20.93 -9.15
C THR A 48 2.99 -20.51 -9.42
N ASN A 49 3.16 -19.31 -9.95
CA ASN A 49 4.49 -18.79 -10.25
C ASN A 49 5.34 -18.71 -8.99
N GLU A 50 6.45 -19.44 -8.99
CA GLU A 50 7.35 -19.46 -7.85
C GLU A 50 7.97 -18.08 -7.61
N ARG A 51 8.34 -17.42 -8.70
CA ARG A 51 8.93 -16.08 -8.62
C ARG A 51 8.02 -15.12 -7.88
N ALA A 52 6.73 -15.14 -8.24
CA ALA A 52 5.74 -14.27 -7.61
C ALA A 52 5.54 -14.62 -6.15
N MET A 53 5.57 -15.92 -5.86
CA MET A 53 5.39 -16.40 -4.49
C MET A 53 6.47 -15.85 -3.57
N ARG A 54 7.73 -15.96 -4.01
CA ARG A 54 8.86 -15.48 -3.24
C ARG A 54 8.77 -13.96 -3.02
N MET A 55 8.43 -13.24 -4.09
CA MET A 55 8.30 -11.79 -4.01
C MET A 55 7.17 -11.39 -3.07
N ALA A 56 6.03 -12.06 -3.20
CA ALA A 56 4.88 -11.77 -2.37
C ALA A 56 5.13 -12.17 -0.92
N ASP A 57 5.79 -13.30 -0.73
CA ASP A 57 6.11 -13.79 0.60
C ASP A 57 7.19 -12.95 1.25
N PHE A 58 8.16 -12.53 0.46
CA PHE A 58 9.26 -11.71 0.97
C PHE A 58 8.76 -10.35 1.43
N TRP A 59 7.87 -9.76 0.63
CA TRP A 59 7.31 -8.45 0.96
C TRP A 59 6.19 -8.57 1.97
N LEU A 60 5.26 -9.50 1.72
CA LEU A 60 4.13 -9.72 2.61
C LEU A 60 4.40 -10.89 3.55
N THR A 61 4.17 -10.67 4.85
CA THR A 61 4.39 -11.70 5.85
C THR A 61 3.14 -12.56 6.04
N GLU A 62 1.98 -11.90 6.08
CA GLU A 62 0.72 -12.62 6.26
C GLU A 62 0.56 -13.73 5.23
N LYS A 63 0.60 -14.97 5.71
CA LYS A 63 0.46 -16.12 4.82
C LYS A 63 -0.90 -16.15 4.15
N ASP A 64 -1.86 -15.45 4.76
CA ASP A 64 -3.21 -15.39 4.21
C ASP A 64 -3.33 -14.27 3.17
N LEU A 65 -2.54 -13.22 3.36
CA LEU A 65 -2.57 -12.08 2.44
C LEU A 65 -1.85 -12.44 1.14
N ILE A 66 -0.86 -13.31 1.22
CA ILE A 66 -0.11 -13.73 0.05
C ILE A 66 -1.03 -14.33 -1.01
N PRO A 67 -1.81 -15.33 -0.61
CA PRO A 67 -2.75 -16.01 -1.51
C PRO A 67 -3.93 -15.11 -1.89
N LYS A 68 -4.44 -14.37 -0.92
CA LYS A 68 -5.58 -13.48 -1.15
C LYS A 68 -5.21 -12.41 -2.19
N LEU A 69 -4.02 -11.83 -2.04
CA LEU A 69 -3.56 -10.79 -2.95
C LEU A 69 -3.60 -11.29 -4.40
N PHE A 70 -3.34 -12.58 -4.58
CA PHE A 70 -3.35 -13.17 -5.92
C PHE A 70 -4.77 -13.49 -6.37
N GLN A 71 -5.67 -13.65 -5.39
CA GLN A 71 -7.06 -13.97 -5.68
C GLN A 71 -7.96 -12.80 -5.29
N VAL A 72 -7.37 -11.62 -5.12
CA VAL A 72 -8.13 -10.43 -4.74
C VAL A 72 -7.78 -9.26 -5.65
N LEU A 73 -6.56 -8.76 -5.53
CA LEU A 73 -6.10 -7.64 -6.34
C LEU A 73 -5.63 -8.11 -7.71
N ALA A 74 -4.92 -9.24 -7.74
CA ALA A 74 -4.41 -9.81 -8.98
C ALA A 74 -5.48 -9.78 -10.06
N PRO A 75 -6.64 -10.41 -9.78
CA PRO A 75 -7.76 -10.47 -10.72
C PRO A 75 -8.43 -9.13 -10.91
N ARG A 76 -8.50 -8.34 -9.84
CA ARG A 76 -9.13 -7.03 -9.89
C ARG A 76 -8.33 -6.08 -10.79
N TYR A 77 -7.02 -6.27 -10.82
CA TYR A 77 -6.15 -5.44 -11.64
C TYR A 77 -5.87 -6.11 -12.98
N LYS A 78 -5.84 -7.44 -12.99
CA LYS A 78 -5.57 -8.20 -14.20
C LYS A 78 -6.24 -7.54 -15.41
N ASP A 79 -7.47 -7.09 -15.23
CA ASP A 79 -8.21 -6.44 -16.30
C ASP A 79 -7.64 -5.06 -16.60
N GLN A 80 -7.38 -4.29 -15.54
CA GLN A 80 -6.82 -2.95 -15.70
C GLN A 80 -5.46 -3.00 -16.37
N THR A 81 -4.99 -1.84 -16.83
CA THR A 81 -3.70 -1.76 -17.50
C THR A 81 -2.84 -0.66 -16.89
N GLY A 82 -2.86 -0.58 -15.56
CA GLY A 82 -2.07 0.43 -14.87
C GLY A 82 -2.83 1.08 -13.72
N GLY A 83 -2.19 2.03 -13.05
CA GLY A 83 -2.82 2.71 -11.95
C GLY A 83 -3.40 1.75 -10.92
N TYR A 84 -2.58 1.38 -9.94
CA TYR A 84 -3.01 0.45 -8.90
C TYR A 84 -3.06 1.15 -7.54
N THR A 85 -2.05 1.97 -7.27
CA THR A 85 -1.98 2.70 -6.00
C THR A 85 -2.09 4.20 -6.23
N ARG A 86 -2.39 4.92 -5.15
CA ARG A 86 -2.54 6.38 -5.24
C ARG A 86 -1.90 7.05 -4.02
N MET A 87 -1.27 8.20 -4.25
CA MET A 87 -0.62 8.94 -3.18
C MET A 87 -1.36 10.25 -2.91
N LEU A 88 -1.62 10.52 -1.64
CA LEU A 88 -2.32 11.75 -1.24
C LEU A 88 -1.44 12.62 -0.36
N GLN A 89 -1.68 13.92 -0.40
CA GLN A 89 -0.91 14.87 0.40
C GLN A 89 -1.70 15.35 1.60
N ILE A 90 -1.08 15.33 2.77
CA ILE A 90 -1.73 15.77 4.00
C ILE A 90 -0.76 16.54 4.89
N PRO A 91 -1.31 17.45 5.72
CA PRO A 91 -0.51 18.26 6.64
C PRO A 91 0.08 17.43 7.78
N ASN A 92 0.98 18.04 8.54
CA ASN A 92 1.62 17.37 9.66
C ASN A 92 1.05 17.86 10.99
N ARG A 93 0.44 16.94 11.74
CA ARG A 93 -0.15 17.28 13.03
C ARG A 93 0.87 17.12 14.14
N SER A 94 1.66 16.05 14.08
CA SER A 94 2.68 15.78 15.08
C SER A 94 3.49 17.03 15.40
N LEU A 95 4.16 17.02 16.54
CA LEU A 95 4.98 18.16 16.96
C LEU A 95 6.16 18.35 16.02
N ASP A 96 7.02 17.36 15.94
CA ASP A 96 8.19 17.41 15.07
C ASP A 96 7.79 17.46 13.60
N ARG A 97 8.66 18.02 12.78
CA ARG A 97 8.39 18.14 11.35
C ARG A 97 8.46 16.77 10.67
N ALA A 98 7.43 16.44 9.90
CA ALA A 98 7.37 15.17 9.19
C ALA A 98 6.37 15.22 8.04
N LYS A 99 6.88 15.10 6.81
CA LYS A 99 6.02 15.12 5.63
C LYS A 99 5.11 13.91 5.59
N MET A 100 4.00 13.98 6.32
CA MET A 100 3.03 12.88 6.36
C MET A 100 2.27 12.78 5.05
N ALA A 101 1.87 11.56 4.69
CA ALA A 101 1.13 11.33 3.46
C ALA A 101 0.16 10.16 3.62
N VAL A 102 -0.83 10.10 2.73
CA VAL A 102 -1.82 9.03 2.77
C VAL A 102 -1.82 8.22 1.48
N ILE A 103 -1.62 6.91 1.60
CA ILE A 103 -1.59 6.04 0.44
C ILE A 103 -2.76 5.06 0.45
N GLU A 104 -3.41 4.92 -0.69
CA GLU A 104 -4.56 4.01 -0.82
C GLU A 104 -4.66 3.44 -2.22
N TYR A 105 -5.16 2.22 -2.33
CA TYR A 105 -5.31 1.57 -3.63
C TYR A 105 -6.40 2.23 -4.45
N LYS A 106 -6.30 2.11 -5.77
CA LYS A 106 -7.27 2.69 -6.67
C LYS A 106 -8.67 2.13 -6.41
N GLY A 107 -9.29 2.60 -5.33
CA GLY A 107 -10.63 2.13 -4.98
C GLY A 107 -10.79 0.64 -5.21
N ASN A 108 -10.58 -0.15 -4.16
CA ASN A 108 -10.71 -1.60 -4.24
C ASN A 108 -11.89 -2.09 -3.42
N CYS A 109 -11.90 -1.73 -2.14
CA CYS A 109 -12.98 -2.14 -1.24
C CYS A 109 -13.65 -0.92 -0.62
N LEU A 110 -12.84 0.05 -0.19
CA LEU A 110 -13.35 1.25 0.43
C LEU A 110 -14.06 2.13 -0.60
N PRO A 111 -15.04 2.93 -0.12
CA PRO A 111 -15.80 3.83 -0.99
C PRO A 111 -14.97 5.00 -1.50
N PRO A 112 -15.25 5.42 -2.75
CA PRO A 112 -14.53 6.53 -3.38
C PRO A 112 -14.86 7.87 -2.74
N LEU A 113 -13.91 8.79 -2.76
CA LEU A 113 -14.10 10.12 -2.18
C LEU A 113 -13.75 11.20 -3.20
N PRO A 114 -14.57 12.26 -3.24
CA PRO A 114 -14.36 13.40 -4.15
C PRO A 114 -13.15 14.23 -3.78
N LEU A 115 -12.16 14.28 -4.67
CA LEU A 115 -10.95 15.05 -4.43
C LEU A 115 -11.16 16.53 -4.74
N PRO A 116 -10.55 17.40 -3.92
CA PRO A 116 -10.66 18.85 -4.09
C PRO A 116 -9.93 19.35 -5.33
N SER A 117 -8.68 18.93 -5.48
CA SER A 117 -7.86 19.33 -6.62
C SER A 117 -6.55 18.55 -6.66
N GLY A 118 -6.12 18.20 -7.86
CA GLY A 118 -4.88 17.46 -8.01
C GLY A 118 -4.91 16.52 -9.20
N PRO A 119 -4.38 16.97 -10.35
CA PRO A 119 -4.35 16.18 -11.57
C PRO A 119 -3.37 15.02 -11.48
N SER A 120 -3.89 13.80 -11.64
CA SER A 120 -3.06 12.61 -11.57
C SER A 120 -2.70 12.10 -12.97
N SER A 121 -3.72 12.01 -13.83
CA SER A 121 -3.52 11.54 -15.20
C SER A 121 -4.75 11.81 -16.05
N GLY A 122 -4.60 11.66 -17.36
CA GLY A 122 -5.71 11.90 -18.27
C GLY A 122 -5.88 13.36 -18.60
N GLY A 1 8.99 -5.34 12.03
CA GLY A 1 10.15 -4.80 12.71
C GLY A 1 10.51 -3.41 12.22
N SER A 2 10.66 -2.48 13.16
CA SER A 2 11.00 -1.10 12.81
C SER A 2 12.49 -0.84 13.00
N SER A 3 13.30 -1.81 12.58
CA SER A 3 14.75 -1.69 12.71
C SER A 3 15.40 -1.49 11.34
N GLY A 4 15.41 -0.24 10.88
CA GLY A 4 16.01 0.07 9.59
C GLY A 4 15.25 -0.58 8.44
N SER A 5 15.94 -0.74 7.31
CA SER A 5 15.33 -1.35 6.13
C SER A 5 15.08 -2.84 6.35
N SER A 6 14.33 -3.46 5.43
CA SER A 6 14.02 -4.87 5.53
C SER A 6 13.18 -5.16 6.77
N GLY A 7 12.19 -4.30 7.02
CA GLY A 7 11.32 -4.48 8.18
C GLY A 7 10.15 -3.53 8.16
N LEU A 8 10.41 -2.26 7.94
CA LEU A 8 9.36 -1.24 7.92
C LEU A 8 8.58 -1.31 6.61
N LEU A 9 9.30 -1.47 5.50
CA LEU A 9 8.67 -1.55 4.19
C LEU A 9 7.74 -2.75 4.10
N ARG A 10 8.19 -3.89 4.63
CA ARG A 10 7.39 -5.10 4.62
C ARG A 10 6.07 -4.90 5.36
N ASN A 11 6.15 -4.23 6.51
CA ASN A 11 4.96 -3.97 7.32
C ASN A 11 4.03 -2.99 6.60
N LEU A 12 4.61 -2.05 5.88
CA LEU A 12 3.83 -1.05 5.15
C LEU A 12 2.95 -1.72 4.09
N LEU A 13 3.54 -2.63 3.34
CA LEU A 13 2.81 -3.35 2.29
C LEU A 13 1.71 -4.22 2.88
N THR A 14 2.05 -4.93 3.95
CA THR A 14 1.09 -5.81 4.61
C THR A 14 -0.04 -5.00 5.25
N GLY A 15 0.32 -3.91 5.92
CA GLY A 15 -0.68 -3.07 6.56
C GLY A 15 -1.54 -2.34 5.56
N LEU A 16 -0.94 -1.90 4.45
CA LEU A 16 -1.67 -1.19 3.42
C LEU A 16 -2.79 -2.04 2.84
N VAL A 17 -2.45 -3.28 2.48
CA VAL A 17 -3.43 -4.20 1.92
C VAL A 17 -4.48 -4.58 2.95
N ARG A 18 -4.05 -4.80 4.19
CA ARG A 18 -4.96 -5.17 5.26
C ARG A 18 -6.04 -4.12 5.45
N HIS A 19 -5.62 -2.86 5.59
CA HIS A 19 -6.56 -1.76 5.77
C HIS A 19 -6.74 -0.99 4.48
N GLU A 20 -6.28 -1.57 3.38
CA GLU A 20 -6.40 -0.92 2.08
C GLU A 20 -6.14 0.58 2.17
N ARG A 21 -5.38 0.97 3.19
CA ARG A 21 -5.07 2.38 3.41
C ARG A 21 -4.14 2.54 4.61
N ILE A 22 -3.07 3.31 4.42
CA ILE A 22 -2.12 3.56 5.49
C ILE A 22 -1.58 4.98 5.44
N GLU A 23 -1.05 5.45 6.56
CA GLU A 23 -0.50 6.80 6.64
C GLU A 23 1.01 6.76 6.80
N ALA A 24 1.72 7.35 5.82
CA ALA A 24 3.17 7.38 5.85
C ALA A 24 3.71 8.61 5.12
N PRO A 25 4.97 8.97 5.40
CA PRO A 25 5.62 10.12 4.78
C PRO A 25 5.91 9.90 3.30
N TRP A 26 6.36 10.94 2.63
CA TRP A 26 6.67 10.86 1.21
C TRP A 26 7.79 9.85 0.94
N ALA A 27 8.78 9.83 1.83
CA ALA A 27 9.90 8.91 1.70
C ALA A 27 9.44 7.46 1.79
N ARG A 28 8.52 7.19 2.73
CA ARG A 28 8.00 5.85 2.92
C ARG A 28 6.99 5.51 1.84
N VAL A 29 6.18 6.48 1.44
CA VAL A 29 5.18 6.28 0.41
C VAL A 29 5.82 5.97 -0.93
N ASP A 30 6.82 6.77 -1.30
CA ASP A 30 7.53 6.58 -2.57
C ASP A 30 8.25 5.24 -2.58
N GLU A 31 9.00 4.96 -1.52
CA GLU A 31 9.75 3.71 -1.42
C GLU A 31 8.81 2.52 -1.36
N MET A 32 7.78 2.62 -0.53
CA MET A 32 6.81 1.55 -0.38
C MET A 32 5.93 1.42 -1.62
N ARG A 33 5.67 2.55 -2.27
CA ARG A 33 4.86 2.57 -3.48
C ARG A 33 5.49 1.73 -4.59
N GLY A 34 6.79 1.89 -4.76
CA GLY A 34 7.51 1.13 -5.78
C GLY A 34 7.43 -0.36 -5.55
N TYR A 35 7.62 -0.78 -4.30
CA TYR A 35 7.59 -2.19 -3.95
C TYR A 35 6.17 -2.74 -4.07
N ALA A 36 5.19 -1.93 -3.71
CA ALA A 36 3.79 -2.34 -3.78
C ALA A 36 3.35 -2.53 -5.22
N GLU A 37 3.78 -1.62 -6.10
CA GLU A 37 3.42 -1.71 -7.51
C GLU A 37 3.98 -2.97 -8.15
N LYS A 38 5.27 -3.23 -7.92
CA LYS A 38 5.92 -4.41 -8.46
C LYS A 38 5.26 -5.68 -7.96
N LEU A 39 4.90 -5.68 -6.68
CA LEU A 39 4.25 -6.85 -6.07
C LEU A 39 2.96 -7.18 -6.79
N ILE A 40 2.17 -6.16 -7.09
CA ILE A 40 0.90 -6.35 -7.79
C ILE A 40 1.12 -6.94 -9.18
N ASP A 41 2.13 -6.44 -9.88
CA ASP A 41 2.44 -6.93 -11.22
C ASP A 41 2.70 -8.42 -11.21
N TYR A 42 3.47 -8.88 -10.23
CA TYR A 42 3.80 -10.30 -10.11
C TYR A 42 2.55 -11.13 -9.83
N GLY A 43 1.69 -10.61 -8.96
CA GLY A 43 0.46 -11.31 -8.62
C GLY A 43 -0.42 -11.54 -9.82
N LYS A 44 -0.45 -10.58 -10.73
CA LYS A 44 -1.25 -10.68 -11.94
C LYS A 44 -0.93 -11.95 -12.72
N LEU A 45 0.32 -12.38 -12.62
CA LEU A 45 0.76 -13.59 -13.31
C LEU A 45 0.06 -14.83 -12.76
N GLY A 46 -0.24 -14.80 -11.46
CA GLY A 46 -0.92 -15.92 -10.84
C GLY A 46 0.00 -16.68 -9.90
N ASP A 47 -0.58 -17.55 -9.09
CA ASP A 47 0.18 -18.35 -8.14
C ASP A 47 0.81 -19.57 -8.84
N THR A 48 1.35 -19.34 -10.03
CA THR A 48 1.98 -20.40 -10.80
C THR A 48 3.48 -20.19 -10.92
N ASN A 49 3.91 -18.94 -10.74
CA ASN A 49 5.32 -18.60 -10.83
C ASN A 49 5.96 -18.53 -9.44
N GLU A 50 7.01 -19.31 -9.24
CA GLU A 50 7.70 -19.34 -7.96
C GLU A 50 8.16 -17.94 -7.55
N ARG A 51 8.58 -17.15 -8.54
CA ARG A 51 9.03 -15.79 -8.28
C ARG A 51 7.92 -14.94 -7.68
N ALA A 52 6.71 -15.12 -8.19
CA ALA A 52 5.56 -14.37 -7.70
C ALA A 52 5.22 -14.75 -6.27
N MET A 53 5.29 -16.05 -5.97
CA MET A 53 4.99 -16.55 -4.64
C MET A 53 6.06 -16.10 -3.64
N ARG A 54 7.32 -16.31 -4.01
CA ARG A 54 8.44 -15.93 -3.14
C ARG A 54 8.46 -14.42 -2.92
N MET A 55 8.18 -13.67 -3.98
CA MET A 55 8.18 -12.21 -3.92
C MET A 55 7.06 -11.72 -3.00
N ALA A 56 5.89 -12.32 -3.14
CA ALA A 56 4.73 -11.95 -2.33
C ALA A 56 4.90 -12.39 -0.89
N ASP A 57 5.50 -13.56 -0.70
CA ASP A 57 5.73 -14.11 0.63
C ASP A 57 6.82 -13.33 1.36
N PHE A 58 7.82 -12.88 0.60
CA PHE A 58 8.93 -12.13 1.18
C PHE A 58 8.47 -10.76 1.65
N TRP A 59 7.67 -10.10 0.82
CA TRP A 59 7.15 -8.77 1.15
C TRP A 59 5.95 -8.87 2.08
N LEU A 60 5.01 -9.73 1.73
CA LEU A 60 3.80 -9.92 2.54
C LEU A 60 3.95 -11.13 3.45
N THR A 61 4.16 -10.87 4.74
CA THR A 61 4.32 -11.94 5.71
C THR A 61 3.00 -12.67 5.94
N GLU A 62 1.90 -11.94 5.89
CA GLU A 62 0.58 -12.51 6.09
C GLU A 62 0.32 -13.63 5.09
N LYS A 63 0.28 -14.87 5.59
CA LYS A 63 0.05 -16.03 4.75
C LYS A 63 -1.33 -15.96 4.10
N ASP A 64 -2.25 -15.24 4.74
CA ASP A 64 -3.61 -15.09 4.21
C ASP A 64 -3.67 -13.99 3.16
N LEU A 65 -2.81 -12.99 3.32
CA LEU A 65 -2.77 -11.87 2.37
C LEU A 65 -2.14 -12.31 1.05
N ILE A 66 -1.20 -13.25 1.12
CA ILE A 66 -0.53 -13.75 -0.07
C ILE A 66 -1.53 -14.26 -1.10
N PRO A 67 -2.38 -15.19 -0.68
CA PRO A 67 -3.41 -15.78 -1.55
C PRO A 67 -4.52 -14.79 -1.89
N LYS A 68 -4.93 -14.01 -0.90
CA LYS A 68 -5.99 -13.01 -1.10
C LYS A 68 -5.56 -11.98 -2.14
N LEU A 69 -4.35 -11.45 -2.00
CA LEU A 69 -3.83 -10.46 -2.93
C LEU A 69 -3.84 -11.00 -4.37
N PHE A 70 -3.60 -12.30 -4.50
CA PHE A 70 -3.59 -12.92 -5.82
C PHE A 70 -5.01 -13.25 -6.28
N GLN A 71 -5.93 -13.28 -5.34
CA GLN A 71 -7.33 -13.57 -5.65
C GLN A 71 -8.20 -12.33 -5.47
N VAL A 72 -7.56 -11.18 -5.27
CA VAL A 72 -8.28 -9.93 -5.08
C VAL A 72 -7.69 -8.83 -5.95
N LEU A 73 -6.52 -8.32 -5.55
CA LEU A 73 -5.85 -7.26 -6.30
C LEU A 73 -5.35 -7.77 -7.64
N ALA A 74 -4.81 -8.99 -7.63
CA ALA A 74 -4.29 -9.60 -8.86
C ALA A 74 -5.33 -9.56 -9.98
N PRO A 75 -6.51 -10.14 -9.71
CA PRO A 75 -7.61 -10.19 -10.67
C PRO A 75 -8.23 -8.81 -10.91
N ARG A 76 -8.38 -8.04 -9.84
CA ARG A 76 -8.95 -6.70 -9.93
C ARG A 76 -8.14 -5.82 -10.88
N TYR A 77 -6.82 -5.83 -10.69
CA TYR A 77 -5.93 -5.03 -11.53
C TYR A 77 -5.33 -5.87 -12.64
N LYS A 78 -6.14 -6.77 -13.19
CA LYS A 78 -5.69 -7.64 -14.27
C LYS A 78 -5.98 -7.01 -15.63
N ASP A 79 -7.20 -6.53 -15.80
CA ASP A 79 -7.61 -5.90 -17.04
C ASP A 79 -6.88 -4.58 -17.26
N GLN A 80 -6.80 -3.78 -16.20
CA GLN A 80 -6.14 -2.48 -16.27
C GLN A 80 -4.69 -2.65 -16.72
N THR A 81 -4.07 -1.55 -17.12
CA THR A 81 -2.69 -1.56 -17.58
C THR A 81 -1.88 -0.43 -16.95
N GLY A 82 -2.03 -0.26 -15.64
CA GLY A 82 -1.31 0.79 -14.94
C GLY A 82 -2.21 1.60 -14.03
N GLY A 83 -1.86 1.65 -12.75
CA GLY A 83 -2.65 2.39 -11.79
C GLY A 83 -3.36 1.49 -10.80
N TYR A 84 -2.63 1.05 -9.77
CA TYR A 84 -3.18 0.18 -8.76
C TYR A 84 -3.34 0.93 -7.44
N THR A 85 -2.32 1.67 -7.06
CA THR A 85 -2.34 2.44 -5.82
C THR A 85 -2.52 3.92 -6.09
N ARG A 86 -2.95 4.66 -5.07
CA ARG A 86 -3.17 6.10 -5.20
C ARG A 86 -2.53 6.85 -4.04
N MET A 87 -1.93 8.00 -4.33
CA MET A 87 -1.29 8.81 -3.30
C MET A 87 -2.13 10.04 -2.97
N LEU A 88 -2.26 10.35 -1.69
CA LEU A 88 -3.04 11.51 -1.25
C LEU A 88 -2.23 12.37 -0.30
N GLN A 89 -2.47 13.68 -0.34
CA GLN A 89 -1.76 14.62 0.52
C GLN A 89 -2.65 15.06 1.68
N ILE A 90 -2.18 14.82 2.90
CA ILE A 90 -2.92 15.19 4.09
C ILE A 90 -2.10 16.11 4.99
N PRO A 91 -2.78 17.10 5.59
CA PRO A 91 -2.12 18.07 6.49
C PRO A 91 -1.68 17.43 7.80
N ASN A 92 -1.14 18.26 8.70
CA ASN A 92 -0.68 17.77 9.99
C ASN A 92 -1.20 18.67 11.12
N ARG A 93 -1.11 18.16 12.35
CA ARG A 93 -1.57 18.91 13.52
C ARG A 93 -1.20 20.39 13.39
N SER A 94 0.09 20.65 13.23
CA SER A 94 0.58 22.02 13.11
C SER A 94 0.65 22.44 11.65
N LEU A 95 0.58 23.74 11.41
CA LEU A 95 0.65 24.28 10.04
C LEU A 95 1.58 23.44 9.18
N ASP A 96 2.86 23.40 9.56
CA ASP A 96 3.86 22.65 8.83
C ASP A 96 4.60 21.68 9.75
N ARG A 97 3.87 20.73 10.31
CA ARG A 97 4.46 19.75 11.21
C ARG A 97 5.49 18.89 10.49
N ALA A 98 5.06 18.24 9.42
CA ALA A 98 5.95 17.39 8.63
C ALA A 98 5.29 16.96 7.32
N LYS A 99 6.07 16.34 6.44
CA LYS A 99 5.56 15.88 5.16
C LYS A 99 4.90 14.51 5.29
N MET A 100 3.60 14.52 5.51
CA MET A 100 2.85 13.27 5.65
C MET A 100 2.03 12.99 4.39
N ALA A 101 1.76 11.72 4.14
CA ALA A 101 0.98 11.31 2.99
C ALA A 101 0.22 10.01 3.25
N VAL A 102 -0.81 9.77 2.45
CA VAL A 102 -1.62 8.56 2.60
C VAL A 102 -1.67 7.77 1.30
N ILE A 103 -1.44 6.46 1.39
CA ILE A 103 -1.46 5.59 0.22
C ILE A 103 -2.53 4.51 0.37
N GLU A 104 -3.32 4.32 -0.68
CA GLU A 104 -4.37 3.31 -0.66
C GLU A 104 -4.63 2.77 -2.08
N TYR A 105 -5.14 1.56 -2.15
CA TYR A 105 -5.44 0.93 -3.44
C TYR A 105 -6.74 1.45 -4.01
N LYS A 106 -6.75 1.75 -5.31
CA LYS A 106 -7.94 2.27 -5.98
C LYS A 106 -9.19 1.55 -5.47
N GLY A 107 -9.29 0.26 -5.76
CA GLY A 107 -10.44 -0.50 -5.33
C GLY A 107 -11.72 0.31 -5.35
N ASN A 108 -12.24 0.63 -4.17
CA ASN A 108 -13.46 1.41 -4.06
C ASN A 108 -13.21 2.71 -3.31
N CYS A 109 -14.27 3.51 -3.16
CA CYS A 109 -14.17 4.79 -2.47
C CYS A 109 -14.26 4.59 -0.95
N LEU A 110 -13.11 4.41 -0.32
CA LEU A 110 -13.07 4.21 1.13
C LEU A 110 -13.69 5.39 1.87
N PRO A 111 -14.24 5.12 3.05
CA PRO A 111 -14.87 6.15 3.89
C PRO A 111 -13.86 7.13 4.47
N PRO A 112 -14.04 8.42 4.15
CA PRO A 112 -13.15 9.48 4.64
C PRO A 112 -13.30 9.73 6.13
N LEU A 113 -12.16 9.84 6.82
CA LEU A 113 -12.17 10.07 8.26
C LEU A 113 -12.81 11.41 8.60
N PRO A 114 -13.91 11.36 9.35
CA PRO A 114 -14.65 12.57 9.76
C PRO A 114 -13.86 13.41 10.78
N LEU A 115 -14.14 14.70 10.79
CA LEU A 115 -13.46 15.61 11.72
C LEU A 115 -13.34 14.99 13.10
N PRO A 116 -12.42 15.52 13.91
CA PRO A 116 -12.17 15.04 15.28
C PRO A 116 -13.33 15.36 16.22
N SER A 117 -14.37 15.98 15.67
CA SER A 117 -15.54 16.35 16.47
C SER A 117 -16.78 15.61 15.99
N GLY A 118 -17.87 15.76 16.73
CA GLY A 118 -19.11 15.10 16.37
C GLY A 118 -19.38 15.14 14.88
N PRO A 119 -19.80 13.99 14.32
CA PRO A 119 -20.10 13.87 12.89
C PRO A 119 -21.35 14.63 12.49
N SER A 120 -21.70 14.56 11.21
CA SER A 120 -22.88 15.25 10.70
C SER A 120 -24.04 14.28 10.53
N SER A 121 -25.26 14.80 10.61
CA SER A 121 -26.45 13.98 10.46
C SER A 121 -27.04 14.11 9.06
N GLY A 122 -27.31 15.35 8.65
CA GLY A 122 -27.86 15.59 7.33
C GLY A 122 -28.17 17.06 7.10
N GLY A 1 20.04 10.28 6.36
CA GLY A 1 19.02 9.38 6.87
C GLY A 1 19.58 8.03 7.27
N SER A 2 18.77 6.99 7.11
CA SER A 2 19.20 5.64 7.47
C SER A 2 18.27 4.59 6.83
N SER A 3 18.88 3.55 6.27
CA SER A 3 18.12 2.48 5.62
C SER A 3 17.26 1.74 6.64
N GLY A 4 17.90 1.27 7.71
CA GLY A 4 17.18 0.55 8.74
C GLY A 4 16.47 -0.68 8.20
N SER A 5 16.97 -1.85 8.57
CA SER A 5 16.39 -3.11 8.10
C SER A 5 15.45 -3.69 9.16
N SER A 6 14.67 -2.82 9.79
CA SER A 6 13.73 -3.25 10.82
C SER A 6 12.57 -4.03 10.21
N GLY A 7 11.99 -3.48 9.15
CA GLY A 7 10.87 -4.14 8.49
C GLY A 7 9.69 -3.22 8.29
N LEU A 8 9.97 -1.97 7.90
CA LEU A 8 8.92 -0.99 7.67
C LEU A 8 8.23 -1.22 6.33
N LEU A 9 9.03 -1.40 5.29
CA LEU A 9 8.50 -1.64 3.95
C LEU A 9 7.63 -2.88 3.93
N ARG A 10 8.13 -3.96 4.52
CA ARG A 10 7.39 -5.22 4.56
C ARG A 10 6.10 -5.07 5.37
N ASN A 11 6.19 -4.36 6.50
CA ASN A 11 5.03 -4.15 7.35
C ASN A 11 4.03 -3.21 6.69
N LEU A 12 4.55 -2.29 5.88
CA LEU A 12 3.71 -1.32 5.19
C LEU A 12 2.89 -2.00 4.09
N LEU A 13 3.52 -2.90 3.37
CA LEU A 13 2.85 -3.63 2.29
C LEU A 13 1.75 -4.53 2.85
N THR A 14 2.07 -5.25 3.92
CA THR A 14 1.11 -6.14 4.55
C THR A 14 -0.06 -5.37 5.15
N GLY A 15 0.25 -4.32 5.90
CA GLY A 15 -0.78 -3.51 6.52
C GLY A 15 -1.57 -2.70 5.52
N LEU A 16 -0.88 -2.23 4.48
CA LEU A 16 -1.53 -1.43 3.43
C LEU A 16 -2.65 -2.23 2.76
N VAL A 17 -2.34 -3.46 2.38
CA VAL A 17 -3.32 -4.32 1.72
C VAL A 17 -4.45 -4.69 2.68
N ARG A 18 -4.09 -4.97 3.93
CA ARG A 18 -5.08 -5.34 4.94
C ARG A 18 -6.14 -4.26 5.09
N HIS A 19 -5.69 -3.02 5.30
CA HIS A 19 -6.59 -1.90 5.47
C HIS A 19 -6.71 -1.10 4.17
N GLU A 20 -6.15 -1.64 3.10
CA GLU A 20 -6.18 -0.98 1.79
C GLU A 20 -5.97 0.53 1.94
N ARG A 21 -5.31 0.92 3.03
CA ARG A 21 -5.04 2.33 3.30
C ARG A 21 -4.23 2.49 4.57
N ILE A 22 -3.16 3.28 4.49
CA ILE A 22 -2.30 3.53 5.64
C ILE A 22 -1.70 4.93 5.59
N GLU A 23 -1.23 5.41 6.73
CA GLU A 23 -0.64 6.74 6.82
C GLU A 23 0.88 6.64 6.94
N ALA A 24 1.59 7.22 5.97
CA ALA A 24 3.04 7.19 5.97
C ALA A 24 3.61 8.43 5.29
N PRO A 25 4.90 8.72 5.55
CA PRO A 25 5.58 9.87 4.96
C PRO A 25 5.83 9.70 3.46
N TRP A 26 6.27 10.76 2.81
CA TRP A 26 6.55 10.73 1.39
C TRP A 26 7.64 9.72 1.07
N ALA A 27 8.69 9.69 1.89
CA ALA A 27 9.80 8.76 1.70
C ALA A 27 9.31 7.32 1.77
N ARG A 28 8.44 7.03 2.74
CA ARG A 28 7.92 5.70 2.91
C ARG A 28 6.85 5.38 1.86
N VAL A 29 6.08 6.40 1.49
CA VAL A 29 5.03 6.24 0.50
C VAL A 29 5.61 5.93 -0.87
N ASP A 30 6.55 6.75 -1.31
CA ASP A 30 7.19 6.56 -2.61
C ASP A 30 7.96 5.23 -2.65
N GLU A 31 8.76 4.99 -1.62
CA GLU A 31 9.55 3.76 -1.53
C GLU A 31 8.64 2.53 -1.51
N MET A 32 7.59 2.59 -0.71
CA MET A 32 6.65 1.49 -0.60
C MET A 32 5.82 1.35 -1.89
N ARG A 33 5.54 2.49 -2.52
CA ARG A 33 4.75 2.50 -3.75
C ARG A 33 5.42 1.65 -4.83
N GLY A 34 6.72 1.84 -5.00
CA GLY A 34 7.45 1.08 -6.00
C GLY A 34 7.42 -0.42 -5.73
N TYR A 35 7.60 -0.79 -4.47
CA TYR A 35 7.59 -2.21 -4.09
C TYR A 35 6.19 -2.79 -4.20
N ALA A 36 5.19 -2.01 -3.79
CA ALA A 36 3.81 -2.45 -3.85
C ALA A 36 3.34 -2.60 -5.29
N GLU A 37 3.71 -1.65 -6.14
CA GLU A 37 3.33 -1.69 -7.55
C GLU A 37 3.87 -2.94 -8.22
N LYS A 38 5.15 -3.21 -8.03
CA LYS A 38 5.79 -4.38 -8.62
C LYS A 38 5.16 -5.67 -8.11
N LEU A 39 4.84 -5.69 -6.82
CA LEU A 39 4.24 -6.87 -6.21
C LEU A 39 2.91 -7.22 -6.90
N ILE A 40 2.07 -6.22 -7.08
CA ILE A 40 0.78 -6.41 -7.73
C ILE A 40 0.96 -6.94 -9.15
N ASP A 41 1.92 -6.39 -9.87
CA ASP A 41 2.21 -6.80 -11.24
C ASP A 41 2.49 -8.30 -11.31
N TYR A 42 3.27 -8.79 -10.34
CA TYR A 42 3.62 -10.21 -10.30
C TYR A 42 2.41 -11.05 -9.91
N GLY A 43 1.60 -10.53 -9.00
CA GLY A 43 0.42 -11.25 -8.55
C GLY A 43 -0.54 -11.56 -9.69
N LYS A 44 -0.62 -10.64 -10.64
CA LYS A 44 -1.50 -10.80 -11.79
C LYS A 44 -1.24 -12.13 -12.50
N LEU A 45 0.01 -12.57 -12.45
CA LEU A 45 0.41 -13.83 -13.08
C LEU A 45 -0.25 -15.02 -12.39
N GLY A 46 -0.47 -14.90 -11.09
CA GLY A 46 -1.09 -15.97 -10.32
C GLY A 46 -0.12 -16.66 -9.40
N ASP A 47 -0.62 -17.62 -8.62
CA ASP A 47 0.21 -18.36 -7.69
C ASP A 47 0.95 -19.49 -8.40
N THR A 48 1.42 -19.20 -9.60
CA THR A 48 2.16 -20.19 -10.39
C THR A 48 3.61 -19.77 -10.59
N ASN A 49 3.85 -18.46 -10.57
CA ASN A 49 5.19 -17.92 -10.76
C ASN A 49 5.98 -17.96 -9.45
N GLU A 50 7.22 -18.44 -9.52
CA GLU A 50 8.08 -18.53 -8.34
C GLU A 50 8.41 -17.14 -7.82
N ARG A 51 8.82 -16.25 -8.71
CA ARG A 51 9.18 -14.90 -8.33
C ARG A 51 8.01 -14.19 -7.64
N ALA A 52 6.81 -14.44 -8.16
CA ALA A 52 5.61 -13.83 -7.59
C ALA A 52 5.33 -14.35 -6.18
N MET A 53 5.59 -15.65 -5.98
CA MET A 53 5.37 -16.26 -4.68
C MET A 53 6.40 -15.78 -3.66
N ARG A 54 7.67 -15.81 -4.06
CA ARG A 54 8.75 -15.37 -3.18
C ARG A 54 8.56 -13.91 -2.77
N MET A 55 8.31 -13.06 -3.77
CA MET A 55 8.11 -11.63 -3.51
C MET A 55 6.94 -11.41 -2.54
N ALA A 56 5.85 -12.14 -2.77
CA ALA A 56 4.67 -12.02 -1.92
C ALA A 56 4.95 -12.52 -0.51
N ASP A 57 5.75 -13.58 -0.41
CA ASP A 57 6.10 -14.15 0.88
C ASP A 57 7.06 -13.24 1.65
N PHE A 58 8.04 -12.68 0.92
CA PHE A 58 9.01 -11.80 1.52
C PHE A 58 8.39 -10.45 1.88
N TRP A 59 7.59 -9.92 0.96
CA TRP A 59 6.93 -8.63 1.16
C TRP A 59 5.74 -8.78 2.12
N LEU A 60 4.91 -9.78 1.86
CA LEU A 60 3.74 -10.04 2.70
C LEU A 60 3.93 -11.29 3.54
N THR A 61 4.02 -11.11 4.86
CA THR A 61 4.20 -12.22 5.77
C THR A 61 2.89 -12.96 6.00
N GLU A 62 1.78 -12.22 5.98
CA GLU A 62 0.46 -12.81 6.18
C GLU A 62 0.19 -13.91 5.16
N LYS A 63 0.12 -15.15 5.64
CA LYS A 63 -0.14 -16.29 4.77
C LYS A 63 -1.50 -16.18 4.11
N ASP A 64 -2.38 -15.38 4.71
CA ASP A 64 -3.72 -15.18 4.17
C ASP A 64 -3.75 -14.04 3.15
N LEU A 65 -2.82 -13.09 3.31
CA LEU A 65 -2.74 -11.95 2.40
C LEU A 65 -2.12 -12.36 1.08
N ILE A 66 -1.19 -13.32 1.14
CA ILE A 66 -0.53 -13.79 -0.07
C ILE A 66 -1.53 -14.34 -1.08
N PRO A 67 -2.37 -15.27 -0.62
CA PRO A 67 -3.39 -15.90 -1.47
C PRO A 67 -4.51 -14.93 -1.83
N LYS A 68 -4.93 -14.12 -0.87
CA LYS A 68 -6.00 -13.15 -1.08
C LYS A 68 -5.57 -12.10 -2.10
N LEU A 69 -4.38 -11.55 -1.92
CA LEU A 69 -3.85 -10.54 -2.83
C LEU A 69 -3.84 -11.06 -4.27
N PHE A 70 -3.59 -12.35 -4.42
CA PHE A 70 -3.55 -12.96 -5.75
C PHE A 70 -4.96 -13.27 -6.25
N GLN A 71 -5.90 -13.35 -5.31
CA GLN A 71 -7.29 -13.64 -5.65
C GLN A 71 -8.18 -12.42 -5.42
N VAL A 72 -7.55 -11.27 -5.19
CA VAL A 72 -8.28 -10.03 -4.96
C VAL A 72 -7.75 -8.90 -5.83
N LEU A 73 -6.59 -8.38 -5.47
CA LEU A 73 -5.96 -7.29 -6.22
C LEU A 73 -5.42 -7.79 -7.54
N ALA A 74 -4.79 -8.96 -7.52
CA ALA A 74 -4.22 -9.56 -8.72
C ALA A 74 -5.21 -9.53 -9.87
N PRO A 75 -6.40 -10.12 -9.65
CA PRO A 75 -7.47 -10.18 -10.65
C PRO A 75 -8.09 -8.82 -10.91
N ARG A 76 -8.17 -7.99 -9.87
CA ARG A 76 -8.75 -6.66 -9.99
C ARG A 76 -7.90 -5.79 -10.90
N TYR A 77 -6.59 -5.92 -10.79
CA TYR A 77 -5.67 -5.13 -11.61
C TYR A 77 -5.08 -5.98 -12.73
N LYS A 78 -5.91 -6.83 -13.32
CA LYS A 78 -5.48 -7.70 -14.41
C LYS A 78 -5.46 -6.94 -15.74
N ASP A 79 -6.45 -6.07 -15.93
CA ASP A 79 -6.55 -5.29 -17.15
C ASP A 79 -5.73 -4.00 -17.04
N GLN A 80 -5.86 -3.33 -15.90
CA GLN A 80 -5.16 -2.08 -15.66
C GLN A 80 -3.77 -2.11 -16.32
N THR A 81 -3.44 -1.04 -17.04
CA THR A 81 -2.16 -0.95 -17.71
C THR A 81 -1.31 0.18 -17.14
N GLY A 82 -1.41 0.37 -15.82
CA GLY A 82 -0.64 1.42 -15.17
C GLY A 82 -1.47 2.21 -14.18
N GLY A 83 -1.02 2.23 -12.92
CA GLY A 83 -1.74 2.96 -11.89
C GLY A 83 -2.63 2.05 -11.06
N TYR A 84 -2.04 1.39 -10.08
CA TYR A 84 -2.78 0.48 -9.20
C TYR A 84 -3.10 1.14 -7.87
N THR A 85 -2.14 1.89 -7.34
CA THR A 85 -2.30 2.58 -6.07
C THR A 85 -2.50 4.08 -6.27
N ARG A 86 -2.95 4.76 -5.23
CA ARG A 86 -3.19 6.19 -5.30
C ARG A 86 -2.46 6.92 -4.16
N MET A 87 -1.90 8.08 -4.47
CA MET A 87 -1.18 8.87 -3.47
C MET A 87 -2.01 10.08 -3.04
N LEU A 88 -2.22 10.20 -1.73
CA LEU A 88 -2.99 11.31 -1.19
C LEU A 88 -2.11 12.22 -0.33
N GLN A 89 -2.36 13.52 -0.39
CA GLN A 89 -1.60 14.49 0.38
C GLN A 89 -2.36 14.91 1.64
N ILE A 90 -1.63 15.05 2.74
CA ILE A 90 -2.24 15.44 4.01
C ILE A 90 -1.33 16.40 4.78
N PRO A 91 -1.94 17.26 5.61
CA PRO A 91 -1.21 18.23 6.42
C PRO A 91 -0.41 17.57 7.54
N ASN A 92 0.40 18.36 8.23
CA ASN A 92 1.21 17.84 9.33
C ASN A 92 0.84 18.52 10.64
N ARG A 93 0.38 17.73 11.60
CA ARG A 93 0.00 18.25 12.90
C ARG A 93 1.13 18.09 13.91
N SER A 94 1.78 16.94 13.89
CA SER A 94 2.88 16.66 14.81
C SER A 94 3.80 17.87 14.94
N LEU A 95 4.30 18.10 16.15
CA LEU A 95 5.19 19.22 16.40
C LEU A 95 6.30 19.29 15.35
N ASP A 96 6.98 18.17 15.16
CA ASP A 96 8.06 18.11 14.18
C ASP A 96 7.51 17.99 12.76
N ARG A 97 7.84 18.98 11.94
CA ARG A 97 7.38 19.01 10.55
C ARG A 97 7.79 17.72 9.82
N ALA A 98 6.91 17.23 8.95
CA ALA A 98 7.19 16.02 8.19
C ALA A 98 6.20 15.87 7.04
N LYS A 99 6.71 15.49 5.87
CA LYS A 99 5.88 15.31 4.69
C LYS A 99 4.96 14.10 4.86
N MET A 100 3.82 14.31 5.52
CA MET A 100 2.87 13.23 5.75
C MET A 100 2.02 12.99 4.49
N ALA A 101 1.73 11.73 4.22
CA ALA A 101 0.93 11.36 3.05
C ALA A 101 0.17 10.06 3.30
N VAL A 102 -0.93 9.88 2.57
CA VAL A 102 -1.74 8.68 2.71
C VAL A 102 -1.77 7.89 1.40
N ILE A 103 -1.61 6.57 1.51
CA ILE A 103 -1.61 5.71 0.34
C ILE A 103 -2.76 4.70 0.41
N GLU A 104 -3.44 4.50 -0.71
CA GLU A 104 -4.56 3.57 -0.78
C GLU A 104 -4.62 2.88 -2.13
N TYR A 105 -5.20 1.69 -2.16
CA TYR A 105 -5.32 0.93 -3.40
C TYR A 105 -6.55 1.36 -4.19
N LYS A 106 -6.34 1.75 -5.44
CA LYS A 106 -7.43 2.19 -6.30
C LYS A 106 -8.29 1.00 -6.73
N GLY A 107 -9.16 0.55 -5.84
CA GLY A 107 -10.03 -0.58 -6.15
C GLY A 107 -11.26 -0.62 -5.27
N ASN A 108 -11.06 -0.38 -3.98
CA ASN A 108 -12.17 -0.39 -3.02
C ASN A 108 -12.51 1.02 -2.56
N CYS A 109 -13.71 1.19 -2.02
CA CYS A 109 -14.16 2.49 -1.53
C CYS A 109 -14.19 2.52 -0.01
N LEU A 110 -13.11 3.04 0.57
CA LEU A 110 -13.01 3.13 2.03
C LEU A 110 -13.79 4.33 2.56
N PRO A 111 -14.17 4.27 3.84
CA PRO A 111 -14.91 5.34 4.50
C PRO A 111 -14.08 6.60 4.70
N PRO A 112 -14.75 7.69 5.09
CA PRO A 112 -14.09 8.98 5.34
C PRO A 112 -13.20 8.95 6.57
N LEU A 113 -12.49 10.04 6.81
CA LEU A 113 -11.60 10.15 7.96
C LEU A 113 -11.78 11.49 8.66
N PRO A 114 -11.51 11.51 9.98
CA PRO A 114 -11.62 12.72 10.80
C PRO A 114 -10.55 13.75 10.46
N LEU A 115 -10.99 14.97 10.17
CA LEU A 115 -10.06 16.06 9.83
C LEU A 115 -9.51 16.72 11.10
N PRO A 116 -8.29 17.26 11.00
CA PRO A 116 -7.63 17.93 12.12
C PRO A 116 -8.30 19.25 12.48
N SER A 117 -7.87 19.85 13.57
CA SER A 117 -8.42 21.12 14.02
C SER A 117 -7.68 22.29 13.39
N GLY A 118 -6.36 22.24 13.41
CA GLY A 118 -5.56 23.30 12.82
C GLY A 118 -5.83 23.49 11.34
N PRO A 119 -5.51 24.69 10.82
CA PRO A 119 -5.72 25.02 9.42
C PRO A 119 -4.76 24.26 8.49
N SER A 120 -5.06 24.26 7.20
CA SER A 120 -4.23 23.58 6.23
C SER A 120 -2.93 24.36 5.96
N SER A 121 -1.87 23.98 6.67
CA SER A 121 -0.59 24.64 6.53
C SER A 121 0.48 23.66 6.04
N GLY A 122 1.48 24.17 5.34
CA GLY A 122 2.55 23.33 4.83
C GLY A 122 3.92 23.91 5.11
N GLY A 1 23.25 0.62 5.74
CA GLY A 1 22.51 -0.44 6.42
C GLY A 1 23.41 -1.37 7.21
N SER A 2 23.35 -1.25 8.54
CA SER A 2 24.17 -2.08 9.41
C SER A 2 23.31 -2.80 10.45
N SER A 3 22.36 -2.07 11.03
CA SER A 3 21.48 -2.62 12.05
C SER A 3 20.65 -3.76 11.47
N GLY A 4 20.05 -3.53 10.31
CA GLY A 4 19.23 -4.55 9.68
C GLY A 4 19.12 -4.35 8.18
N SER A 5 18.30 -5.17 7.53
CA SER A 5 18.11 -5.09 6.09
C SER A 5 16.88 -4.26 5.75
N SER A 6 15.72 -4.71 6.22
CA SER A 6 14.46 -4.01 5.96
C SER A 6 13.31 -4.68 6.70
N GLY A 7 12.45 -3.86 7.30
CA GLY A 7 11.31 -4.39 8.04
C GLY A 7 10.10 -3.48 7.94
N LEU A 8 10.33 -2.18 7.96
CA LEU A 8 9.25 -1.21 7.88
C LEU A 8 8.53 -1.30 6.53
N LEU A 9 9.32 -1.44 5.47
CA LEU A 9 8.76 -1.54 4.12
C LEU A 9 7.82 -2.73 4.01
N ARG A 10 8.28 -3.88 4.48
CA ARG A 10 7.47 -5.11 4.44
C ARG A 10 6.18 -4.93 5.21
N ASN A 11 6.27 -4.26 6.37
CA ASN A 11 5.11 -4.03 7.21
C ASN A 11 4.11 -3.09 6.53
N LEU A 12 4.64 -2.14 5.77
CA LEU A 12 3.80 -1.18 5.06
C LEU A 12 2.97 -1.87 3.98
N LEU A 13 3.61 -2.74 3.21
CA LEU A 13 2.93 -3.47 2.16
C LEU A 13 1.83 -4.37 2.72
N THR A 14 2.17 -5.08 3.80
CA THR A 14 1.22 -5.98 4.44
C THR A 14 0.09 -5.20 5.10
N GLY A 15 0.45 -4.13 5.81
CA GLY A 15 -0.56 -3.32 6.47
C GLY A 15 -1.43 -2.55 5.50
N LEU A 16 -0.82 -2.09 4.41
CA LEU A 16 -1.54 -1.33 3.40
C LEU A 16 -2.66 -2.16 2.79
N VAL A 17 -2.31 -3.39 2.39
CA VAL A 17 -3.29 -4.30 1.79
C VAL A 17 -4.35 -4.72 2.80
N ARG A 18 -3.93 -4.98 4.03
CA ARG A 18 -4.84 -5.39 5.08
C ARG A 18 -5.95 -4.36 5.27
N HIS A 19 -5.56 -3.10 5.45
CA HIS A 19 -6.53 -2.02 5.63
C HIS A 19 -6.69 -1.22 4.34
N GLU A 20 -6.16 -1.74 3.25
CA GLU A 20 -6.25 -1.06 1.96
C GLU A 20 -6.06 0.44 2.11
N ARG A 21 -5.35 0.83 3.16
CA ARG A 21 -5.10 2.25 3.44
C ARG A 21 -4.20 2.41 4.65
N ILE A 22 -3.17 3.23 4.51
CA ILE A 22 -2.24 3.48 5.60
C ILE A 22 -1.70 4.91 5.56
N GLU A 23 -1.21 5.39 6.69
CA GLU A 23 -0.67 6.74 6.78
C GLU A 23 0.85 6.72 6.86
N ALA A 24 1.50 7.36 5.90
CA ALA A 24 2.96 7.41 5.86
C ALA A 24 3.44 8.68 5.18
N PRO A 25 4.72 9.05 5.42
CA PRO A 25 5.32 10.24 4.85
C PRO A 25 5.55 10.11 3.34
N TRP A 26 5.91 11.22 2.70
CA TRP A 26 6.16 11.22 1.26
C TRP A 26 7.32 10.30 0.90
N ALA A 27 8.38 10.36 1.69
CA ALA A 27 9.55 9.53 1.46
C ALA A 27 9.20 8.04 1.56
N ARG A 28 8.36 7.70 2.52
CA ARG A 28 7.95 6.32 2.72
C ARG A 28 6.91 5.91 1.67
N VAL A 29 6.02 6.83 1.34
CA VAL A 29 4.98 6.56 0.35
C VAL A 29 5.58 6.29 -1.02
N ASP A 30 6.48 7.16 -1.45
CA ASP A 30 7.13 7.01 -2.74
C ASP A 30 7.98 5.74 -2.78
N GLU A 31 8.81 5.56 -1.76
CA GLU A 31 9.67 4.38 -1.68
C GLU A 31 8.84 3.10 -1.62
N MET A 32 7.83 3.10 -0.75
CA MET A 32 6.96 1.94 -0.60
C MET A 32 6.08 1.75 -1.82
N ARG A 33 5.70 2.87 -2.45
CA ARG A 33 4.86 2.82 -3.64
C ARG A 33 5.51 1.98 -4.74
N GLY A 34 6.81 2.17 -4.93
CA GLY A 34 7.53 1.43 -5.95
C GLY A 34 7.49 -0.07 -5.71
N TYR A 35 7.70 -0.47 -4.46
CA TYR A 35 7.70 -1.89 -4.11
C TYR A 35 6.30 -2.48 -4.26
N ALA A 36 5.30 -1.75 -3.79
CA ALA A 36 3.92 -2.20 -3.88
C ALA A 36 3.50 -2.43 -5.32
N GLU A 37 3.91 -1.51 -6.19
CA GLU A 37 3.58 -1.60 -7.62
C GLU A 37 4.14 -2.88 -8.22
N LYS A 38 5.42 -3.14 -7.97
CA LYS A 38 6.08 -4.34 -8.49
C LYS A 38 5.39 -5.60 -7.99
N LEU A 39 5.03 -5.60 -6.71
CA LEU A 39 4.36 -6.75 -6.11
C LEU A 39 3.09 -7.11 -6.88
N ILE A 40 2.26 -6.10 -7.14
CA ILE A 40 1.01 -6.30 -7.87
C ILE A 40 1.28 -6.89 -9.25
N ASP A 41 2.33 -6.40 -9.90
CA ASP A 41 2.69 -6.87 -11.23
C ASP A 41 2.91 -8.38 -11.24
N TYR A 42 3.63 -8.88 -10.23
CA TYR A 42 3.91 -10.30 -10.12
C TYR A 42 2.64 -11.09 -9.85
N GLY A 43 1.76 -10.52 -9.03
CA GLY A 43 0.51 -11.19 -8.70
C GLY A 43 -0.35 -11.43 -9.92
N LYS A 44 -0.30 -10.49 -10.87
CA LYS A 44 -1.08 -10.61 -12.10
C LYS A 44 -0.82 -11.95 -12.79
N LEU A 45 0.39 -12.48 -12.62
CA LEU A 45 0.77 -13.74 -13.21
C LEU A 45 -0.05 -14.89 -12.63
N GLY A 46 -0.35 -14.81 -11.34
CA GLY A 46 -1.13 -15.84 -10.69
C GLY A 46 -0.32 -16.64 -9.69
N ASP A 47 -1.01 -17.45 -8.89
CA ASP A 47 -0.33 -18.27 -7.88
C ASP A 47 0.25 -19.53 -8.53
N THR A 48 0.89 -19.35 -9.68
CA THR A 48 1.49 -20.48 -10.40
C THR A 48 3.00 -20.31 -10.49
N ASN A 49 3.45 -19.06 -10.67
CA ASN A 49 4.88 -18.77 -10.78
C ASN A 49 5.54 -18.79 -9.40
N GLU A 50 6.59 -19.60 -9.28
CA GLU A 50 7.32 -19.71 -8.02
C GLU A 50 7.83 -18.36 -7.56
N ARG A 51 8.39 -17.60 -8.50
CA ARG A 51 8.92 -16.27 -8.21
C ARG A 51 7.85 -15.38 -7.58
N ALA A 52 6.63 -15.47 -8.12
CA ALA A 52 5.52 -14.67 -7.62
C ALA A 52 5.14 -15.09 -6.20
N MET A 53 5.18 -16.38 -5.94
CA MET A 53 4.84 -16.91 -4.62
C MET A 53 5.88 -16.50 -3.58
N ARG A 54 7.16 -16.72 -3.92
CA ARG A 54 8.25 -16.38 -3.02
C ARG A 54 8.31 -14.86 -2.79
N MET A 55 8.18 -14.10 -3.87
CA MET A 55 8.22 -12.64 -3.79
C MET A 55 7.13 -12.13 -2.87
N ALA A 56 5.92 -12.66 -3.02
CA ALA A 56 4.79 -12.25 -2.20
C ALA A 56 4.95 -12.73 -0.76
N ASP A 57 5.52 -13.92 -0.60
CA ASP A 57 5.73 -14.49 0.73
C ASP A 57 6.86 -13.77 1.46
N PHE A 58 7.86 -13.33 0.70
CA PHE A 58 9.00 -12.63 1.27
C PHE A 58 8.59 -11.23 1.76
N TRP A 59 7.81 -10.54 0.93
CA TRP A 59 7.36 -9.19 1.26
C TRP A 59 6.15 -9.24 2.20
N LEU A 60 5.18 -10.09 1.86
CA LEU A 60 3.98 -10.24 2.66
C LEU A 60 4.09 -11.45 3.59
N THR A 61 4.22 -11.18 4.88
CA THR A 61 4.33 -12.24 5.88
C THR A 61 2.99 -12.95 6.07
N GLU A 62 1.91 -12.18 6.06
CA GLU A 62 0.57 -12.73 6.23
C GLU A 62 0.30 -13.83 5.22
N LYS A 63 0.27 -15.08 5.68
CA LYS A 63 0.02 -16.21 4.82
C LYS A 63 -1.36 -16.11 4.17
N ASP A 64 -2.25 -15.35 4.79
CA ASP A 64 -3.60 -15.17 4.28
C ASP A 64 -3.64 -14.06 3.23
N LEU A 65 -2.74 -13.09 3.37
CA LEU A 65 -2.67 -11.97 2.43
C LEU A 65 -2.05 -12.41 1.11
N ILE A 66 -1.15 -13.38 1.18
CA ILE A 66 -0.49 -13.89 -0.01
C ILE A 66 -1.50 -14.38 -1.04
N PRO A 67 -2.39 -15.30 -0.61
CA PRO A 67 -3.43 -15.86 -1.48
C PRO A 67 -4.51 -14.84 -1.82
N LYS A 68 -4.91 -14.04 -0.84
CA LYS A 68 -5.94 -13.02 -1.03
C LYS A 68 -5.48 -11.99 -2.06
N LEU A 69 -4.24 -11.55 -1.92
CA LEU A 69 -3.68 -10.55 -2.84
C LEU A 69 -3.70 -11.07 -4.28
N PHE A 70 -3.50 -12.37 -4.44
CA PHE A 70 -3.50 -12.98 -5.76
C PHE A 70 -4.93 -13.25 -6.24
N GLN A 71 -5.87 -13.29 -5.29
CA GLN A 71 -7.26 -13.53 -5.61
C GLN A 71 -8.10 -12.29 -5.38
N VAL A 72 -7.44 -11.16 -5.18
CA VAL A 72 -8.12 -9.89 -4.95
C VAL A 72 -7.57 -8.79 -5.86
N LEU A 73 -6.37 -8.31 -5.53
CA LEU A 73 -5.74 -7.26 -6.31
C LEU A 73 -5.23 -7.80 -7.64
N ALA A 74 -4.60 -8.96 -7.60
CA ALA A 74 -4.07 -9.59 -8.81
C ALA A 74 -5.09 -9.55 -9.94
N PRO A 75 -6.28 -10.10 -9.68
CA PRO A 75 -7.37 -10.13 -10.67
C PRO A 75 -7.96 -8.75 -10.93
N ARG A 76 -7.84 -7.86 -9.95
CA ARG A 76 -8.36 -6.51 -10.08
C ARG A 76 -7.54 -5.70 -11.08
N TYR A 77 -6.22 -5.85 -11.01
CA TYR A 77 -5.32 -5.14 -11.91
C TYR A 77 -4.67 -6.10 -12.90
N LYS A 78 -5.45 -7.06 -13.39
CA LYS A 78 -4.95 -8.04 -14.34
C LYS A 78 -4.81 -7.41 -15.73
N ASP A 79 -5.89 -6.81 -16.22
CA ASP A 79 -5.88 -6.17 -17.53
C ASP A 79 -5.25 -4.79 -17.46
N GLN A 80 -5.61 -4.04 -16.43
CA GLN A 80 -5.08 -2.69 -16.24
C GLN A 80 -3.62 -2.61 -16.71
N THR A 81 -3.28 -1.50 -17.36
CA THR A 81 -1.93 -1.30 -17.87
C THR A 81 -1.22 -0.19 -17.10
N GLY A 82 -1.48 -0.12 -15.80
CA GLY A 82 -0.86 0.90 -14.97
C GLY A 82 -1.85 1.61 -14.07
N GLY A 83 -1.34 2.37 -13.11
CA GLY A 83 -2.21 3.08 -12.19
C GLY A 83 -3.02 2.15 -11.31
N TYR A 84 -2.43 1.72 -10.20
CA TYR A 84 -3.11 0.82 -9.27
C TYR A 84 -3.23 1.46 -7.89
N THR A 85 -2.17 2.15 -7.47
CA THR A 85 -2.17 2.80 -6.16
C THR A 85 -2.31 4.31 -6.30
N ARG A 86 -3.00 4.92 -5.35
CA ARG A 86 -3.21 6.38 -5.38
C ARG A 86 -2.54 7.04 -4.18
N MET A 87 -1.92 8.19 -4.42
CA MET A 87 -1.24 8.92 -3.36
C MET A 87 -2.07 10.14 -2.93
N LEU A 88 -2.34 10.23 -1.63
CA LEU A 88 -3.11 11.34 -1.10
C LEU A 88 -2.24 12.23 -0.21
N GLN A 89 -2.50 13.53 -0.24
CA GLN A 89 -1.75 14.49 0.56
C GLN A 89 -2.57 14.95 1.75
N ILE A 90 -1.92 15.02 2.92
CA ILE A 90 -2.59 15.45 4.14
C ILE A 90 -1.64 16.25 5.02
N PRO A 91 -2.21 17.18 5.81
CA PRO A 91 -1.44 18.04 6.71
C PRO A 91 -0.87 17.25 7.89
N ASN A 92 -0.24 17.97 8.82
CA ASN A 92 0.34 17.35 10.00
C ASN A 92 -0.41 17.75 11.27
N ARG A 93 -1.02 16.77 11.93
CA ARG A 93 -1.77 17.03 13.15
C ARG A 93 -0.86 16.92 14.38
N SER A 94 0.36 17.44 14.26
CA SER A 94 1.31 17.39 15.36
C SER A 94 2.15 18.67 15.40
N LEU A 95 2.65 19.01 16.59
CA LEU A 95 3.46 20.21 16.76
C LEU A 95 4.61 20.24 15.76
N ASP A 96 5.48 19.23 15.83
CA ASP A 96 6.61 19.14 14.92
C ASP A 96 6.15 18.98 13.48
N ARG A 97 6.39 20.01 12.66
CA ARG A 97 6.00 20.00 11.27
C ARG A 97 6.66 18.83 10.53
N ALA A 98 5.93 18.25 9.58
CA ALA A 98 6.44 17.12 8.80
C ALA A 98 5.57 16.86 7.57
N LYS A 99 6.13 16.14 6.61
CA LYS A 99 5.40 15.81 5.38
C LYS A 99 4.70 14.47 5.51
N MET A 100 3.41 14.52 5.85
CA MET A 100 2.61 13.30 6.00
C MET A 100 1.70 13.10 4.80
N ALA A 101 1.46 11.84 4.45
CA ALA A 101 0.60 11.51 3.32
C ALA A 101 -0.11 10.17 3.54
N VAL A 102 -1.19 9.95 2.80
CA VAL A 102 -1.95 8.71 2.91
C VAL A 102 -1.98 7.97 1.58
N ILE A 103 -1.70 6.66 1.63
CA ILE A 103 -1.70 5.83 0.43
C ILE A 103 -2.84 4.81 0.46
N GLU A 104 -3.50 4.65 -0.66
CA GLU A 104 -4.61 3.70 -0.77
C GLU A 104 -4.74 3.16 -2.19
N TYR A 105 -5.07 1.88 -2.30
CA TYR A 105 -5.23 1.24 -3.60
C TYR A 105 -6.47 1.75 -4.32
N LYS A 106 -6.44 1.72 -5.65
CA LYS A 106 -7.57 2.17 -6.45
C LYS A 106 -8.89 1.79 -5.79
N GLY A 107 -9.02 0.52 -5.42
CA GLY A 107 -10.24 0.05 -4.79
C GLY A 107 -10.69 0.97 -3.66
N ASN A 108 -11.89 1.54 -3.82
CA ASN A 108 -12.44 2.44 -2.80
C ASN A 108 -13.10 1.65 -1.67
N CYS A 109 -12.45 0.59 -1.25
CA CYS A 109 -12.97 -0.26 -0.18
C CYS A 109 -13.51 0.60 0.97
N LEU A 110 -12.67 1.51 1.47
CA LEU A 110 -13.08 2.39 2.56
C LEU A 110 -13.80 3.62 2.03
N PRO A 111 -14.66 4.22 2.88
CA PRO A 111 -15.42 5.41 2.52
C PRO A 111 -14.54 6.64 2.39
N PRO A 112 -14.94 7.56 1.49
CA PRO A 112 -14.20 8.80 1.24
C PRO A 112 -14.29 9.77 2.42
N LEU A 113 -13.46 10.81 2.39
CA LEU A 113 -13.45 11.81 3.45
C LEU A 113 -14.53 12.86 3.22
N PRO A 114 -14.98 13.51 4.30
CA PRO A 114 -16.01 14.55 4.24
C PRO A 114 -15.51 15.82 3.57
N LEU A 115 -16.42 16.76 3.33
CA LEU A 115 -16.06 18.02 2.71
C LEU A 115 -15.56 19.02 3.74
N PRO A 116 -14.71 19.96 3.29
CA PRO A 116 -14.13 20.98 4.16
C PRO A 116 -15.18 22.01 4.62
N SER A 117 -14.70 23.07 5.27
CA SER A 117 -15.59 24.11 5.78
C SER A 117 -16.43 24.70 4.64
N GLY A 118 -15.75 25.20 3.62
CA GLY A 118 -16.45 25.80 2.49
C GLY A 118 -15.63 26.87 1.79
N PRO A 119 -16.31 27.73 1.02
CA PRO A 119 -15.66 28.83 0.29
C PRO A 119 -15.14 29.91 1.22
N SER A 120 -15.32 29.71 2.52
CA SER A 120 -14.87 30.68 3.51
C SER A 120 -13.38 30.94 3.38
N SER A 121 -12.99 32.21 3.53
CA SER A 121 -11.58 32.59 3.42
C SER A 121 -10.94 32.67 4.80
N GLY A 122 -9.90 31.86 5.00
CA GLY A 122 -9.21 31.84 6.28
C GLY A 122 -8.85 30.44 6.72
N GLY A 1 16.81 4.03 10.63
CA GLY A 1 17.13 4.93 11.72
C GLY A 1 17.20 4.22 13.05
N SER A 2 18.41 3.83 13.45
CA SER A 2 18.61 3.13 14.71
C SER A 2 17.80 1.84 14.76
N SER A 3 17.79 1.11 13.65
CA SER A 3 17.05 -0.13 13.56
C SER A 3 17.66 -1.06 12.50
N GLY A 4 17.65 -2.35 12.78
CA GLY A 4 18.20 -3.33 11.85
C GLY A 4 17.15 -3.89 10.92
N SER A 5 16.57 -5.02 11.30
CA SER A 5 15.55 -5.67 10.49
C SER A 5 14.16 -5.14 10.81
N SER A 6 14.06 -3.82 10.98
CA SER A 6 12.80 -3.17 11.29
C SER A 6 11.68 -3.68 10.38
N GLY A 7 11.99 -3.80 9.09
CA GLY A 7 11.00 -4.26 8.14
C GLY A 7 9.79 -3.35 8.05
N LEU A 8 10.04 -2.06 7.94
CA LEU A 8 8.97 -1.08 7.86
C LEU A 8 8.26 -1.17 6.50
N LEU A 9 9.04 -1.29 5.44
CA LEU A 9 8.48 -1.39 4.09
C LEU A 9 7.58 -2.62 3.97
N ARG A 10 8.07 -3.75 4.44
CA ARG A 10 7.30 -5.00 4.38
C ARG A 10 5.99 -4.86 5.14
N ASN A 11 6.04 -4.24 6.32
CA ASN A 11 4.86 -4.05 7.14
C ASN A 11 3.89 -3.06 6.48
N LEU A 12 4.44 -2.11 5.73
CA LEU A 12 3.63 -1.12 5.05
C LEU A 12 2.73 -1.77 4.00
N LEU A 13 3.32 -2.66 3.21
CA LEU A 13 2.59 -3.37 2.16
C LEU A 13 1.52 -4.28 2.76
N THR A 14 1.90 -5.01 3.81
CA THR A 14 0.99 -5.92 4.47
C THR A 14 -0.16 -5.16 5.15
N GLY A 15 0.19 -4.08 5.83
CA GLY A 15 -0.81 -3.28 6.51
C GLY A 15 -1.72 -2.54 5.55
N LEU A 16 -1.14 -2.07 4.44
CA LEU A 16 -1.90 -1.34 3.44
C LEU A 16 -3.02 -2.21 2.87
N VAL A 17 -2.68 -3.44 2.49
CA VAL A 17 -3.66 -4.36 1.93
C VAL A 17 -4.70 -4.76 2.98
N ARG A 18 -4.24 -4.98 4.20
CA ARG A 18 -5.13 -5.36 5.30
C ARG A 18 -6.22 -4.32 5.50
N HIS A 19 -5.81 -3.07 5.65
CA HIS A 19 -6.76 -1.97 5.86
C HIS A 19 -6.97 -1.18 4.56
N GLU A 20 -6.51 -1.75 3.45
CA GLU A 20 -6.66 -1.11 2.15
C GLU A 20 -6.41 0.39 2.26
N ARG A 21 -5.64 0.78 3.26
CA ARG A 21 -5.32 2.19 3.49
C ARG A 21 -4.37 2.35 4.66
N ILE A 22 -3.31 3.13 4.45
CA ILE A 22 -2.32 3.37 5.50
C ILE A 22 -1.76 4.79 5.40
N GLU A 23 -1.18 5.27 6.50
CA GLU A 23 -0.61 6.60 6.55
C GLU A 23 0.90 6.55 6.73
N ALA A 24 1.63 7.15 5.80
CA ALA A 24 3.09 7.17 5.86
C ALA A 24 3.65 8.42 5.21
N PRO A 25 4.91 8.75 5.53
CA PRO A 25 5.59 9.92 4.98
C PRO A 25 5.92 9.76 3.50
N TRP A 26 6.43 10.82 2.89
CA TRP A 26 6.78 10.80 1.48
C TRP A 26 7.87 9.77 1.20
N ALA A 27 8.84 9.69 2.10
CA ALA A 27 9.94 8.75 1.96
C ALA A 27 9.44 7.32 1.94
N ARG A 28 8.50 7.01 2.84
CA ARG A 28 7.93 5.68 2.92
C ARG A 28 6.93 5.43 1.80
N VAL A 29 6.19 6.47 1.46
CA VAL A 29 5.18 6.38 0.40
C VAL A 29 5.84 6.07 -0.94
N ASP A 30 6.87 6.84 -1.29
CA ASP A 30 7.57 6.64 -2.55
C ASP A 30 8.26 5.28 -2.59
N GLU A 31 8.96 4.95 -1.51
CA GLU A 31 9.66 3.67 -1.41
C GLU A 31 8.68 2.51 -1.46
N MET A 32 7.62 2.62 -0.68
CA MET A 32 6.59 1.57 -0.64
C MET A 32 5.79 1.53 -1.94
N ARG A 33 5.59 2.70 -2.54
CA ARG A 33 4.84 2.80 -3.78
C ARG A 33 5.47 1.93 -4.87
N GLY A 34 6.78 2.06 -5.03
CA GLY A 34 7.47 1.27 -6.05
C GLY A 34 7.38 -0.21 -5.79
N TYR A 35 7.56 -0.61 -4.53
CA TYR A 35 7.50 -2.02 -4.16
C TYR A 35 6.08 -2.56 -4.31
N ALA A 36 5.09 -1.73 -3.94
CA ALA A 36 3.69 -2.13 -4.04
C ALA A 36 3.29 -2.37 -5.48
N GLU A 37 3.74 -1.50 -6.38
CA GLU A 37 3.42 -1.62 -7.80
C GLU A 37 3.97 -2.93 -8.37
N LYS A 38 5.24 -3.20 -8.09
CA LYS A 38 5.89 -4.41 -8.58
C LYS A 38 5.18 -5.65 -8.04
N LEU A 39 4.75 -5.58 -6.79
CA LEU A 39 4.06 -6.71 -6.16
C LEU A 39 2.81 -7.08 -6.94
N ILE A 40 1.99 -6.08 -7.26
CA ILE A 40 0.76 -6.31 -8.01
C ILE A 40 1.05 -6.90 -9.38
N ASP A 41 2.13 -6.43 -10.00
CA ASP A 41 2.52 -6.92 -11.32
C ASP A 41 2.78 -8.41 -11.30
N TYR A 42 3.46 -8.87 -10.25
CA TYR A 42 3.77 -10.29 -10.10
C TYR A 42 2.51 -11.10 -9.79
N GLY A 43 1.67 -10.55 -8.92
CA GLY A 43 0.44 -11.23 -8.55
C GLY A 43 -0.46 -11.50 -9.74
N LYS A 44 -0.55 -10.53 -10.65
CA LYS A 44 -1.38 -10.66 -11.84
C LYS A 44 -1.01 -11.92 -12.61
N LEU A 45 0.26 -12.31 -12.53
CA LEU A 45 0.73 -13.50 -13.22
C LEU A 45 0.06 -14.76 -12.68
N GLY A 46 -0.24 -14.76 -11.39
CA GLY A 46 -0.88 -15.91 -10.77
C GLY A 46 0.08 -16.71 -9.91
N ASP A 47 -0.48 -17.66 -9.16
CA ASP A 47 0.33 -18.50 -8.28
C ASP A 47 1.03 -19.61 -9.08
N THR A 48 1.60 -19.23 -10.23
CA THR A 48 2.30 -20.18 -11.07
C THR A 48 3.80 -19.89 -11.10
N ASN A 49 4.15 -18.60 -11.05
CA ASN A 49 5.54 -18.20 -11.08
C ASN A 49 6.13 -18.18 -9.67
N GLU A 50 7.19 -18.96 -9.45
CA GLU A 50 7.84 -19.02 -8.15
C GLU A 50 8.27 -17.63 -7.68
N ARG A 51 8.75 -16.83 -8.62
CA ARG A 51 9.21 -15.48 -8.32
C ARG A 51 8.08 -14.67 -7.67
N ALA A 52 6.88 -14.82 -8.19
CA ALA A 52 5.72 -14.10 -7.66
C ALA A 52 5.38 -14.56 -6.26
N MET A 53 5.41 -15.88 -6.05
CA MET A 53 5.10 -16.45 -4.75
C MET A 53 6.13 -16.02 -3.71
N ARG A 54 7.40 -16.17 -4.05
CA ARG A 54 8.48 -15.80 -3.13
C ARG A 54 8.46 -14.30 -2.84
N MET A 55 8.24 -13.50 -3.89
CA MET A 55 8.19 -12.06 -3.74
C MET A 55 7.03 -11.64 -2.84
N ALA A 56 5.88 -12.26 -3.03
CA ALA A 56 4.70 -11.96 -2.23
C ALA A 56 4.88 -12.42 -0.79
N ASP A 57 5.53 -13.57 -0.62
CA ASP A 57 5.76 -14.12 0.72
C ASP A 57 6.83 -13.31 1.45
N PHE A 58 7.85 -12.87 0.72
CA PHE A 58 8.93 -12.09 1.30
C PHE A 58 8.43 -10.72 1.75
N TRP A 59 7.60 -10.09 0.92
CA TRP A 59 7.06 -8.78 1.24
C TRP A 59 5.87 -8.90 2.18
N LEU A 60 4.95 -9.80 1.86
CA LEU A 60 3.76 -10.00 2.68
C LEU A 60 3.91 -11.25 3.54
N THR A 61 4.16 -11.06 4.83
CA THR A 61 4.33 -12.16 5.76
C THR A 61 3.01 -12.89 5.98
N GLU A 62 1.91 -12.13 6.04
CA GLU A 62 0.59 -12.70 6.25
C GLU A 62 0.31 -13.81 5.24
N LYS A 63 0.26 -15.05 5.72
CA LYS A 63 0.00 -16.19 4.85
C LYS A 63 -1.39 -16.12 4.25
N ASP A 64 -2.24 -15.29 4.84
CA ASP A 64 -3.61 -15.12 4.36
C ASP A 64 -3.68 -14.03 3.30
N LEU A 65 -2.81 -13.02 3.44
CA LEU A 65 -2.77 -11.92 2.49
C LEU A 65 -2.12 -12.33 1.18
N ILE A 66 -1.17 -13.25 1.26
CA ILE A 66 -0.47 -13.75 0.08
C ILE A 66 -1.45 -14.34 -0.93
N PRO A 67 -2.29 -15.28 -0.47
CA PRO A 67 -3.29 -15.94 -1.31
C PRO A 67 -4.42 -15.00 -1.72
N LYS A 68 -4.87 -14.19 -0.76
CA LYS A 68 -5.94 -13.24 -1.01
C LYS A 68 -5.53 -12.20 -2.04
N LEU A 69 -4.31 -11.68 -1.90
CA LEU A 69 -3.79 -10.68 -2.82
C LEU A 69 -3.84 -11.19 -4.26
N PHE A 70 -3.61 -12.49 -4.43
CA PHE A 70 -3.63 -13.10 -5.75
C PHE A 70 -5.06 -13.39 -6.20
N GLN A 71 -5.97 -13.48 -5.23
CA GLN A 71 -7.37 -13.76 -5.53
C GLN A 71 -8.24 -12.55 -5.21
N VAL A 72 -7.60 -11.39 -5.04
CA VAL A 72 -8.32 -10.16 -4.73
C VAL A 72 -7.82 -9.01 -5.60
N LEU A 73 -6.60 -8.57 -5.34
CA LEU A 73 -6.01 -7.47 -6.10
C LEU A 73 -5.53 -7.94 -7.46
N ALA A 74 -4.85 -9.08 -7.49
CA ALA A 74 -4.34 -9.64 -8.73
C ALA A 74 -5.40 -9.58 -9.82
N PRO A 75 -6.57 -10.17 -9.55
CA PRO A 75 -7.70 -10.20 -10.50
C PRO A 75 -8.31 -8.82 -10.70
N ARG A 76 -8.13 -7.94 -9.73
CA ARG A 76 -8.67 -6.59 -9.80
C ARG A 76 -7.88 -5.74 -10.80
N TYR A 77 -6.56 -5.78 -10.67
CA TYR A 77 -5.68 -5.01 -11.55
C TYR A 77 -5.04 -5.91 -12.60
N LYS A 78 -5.82 -6.85 -13.13
CA LYS A 78 -5.32 -7.78 -14.14
C LYS A 78 -5.22 -7.09 -15.49
N ASP A 79 -6.26 -6.34 -15.86
CA ASP A 79 -6.28 -5.64 -17.14
C ASP A 79 -5.51 -4.33 -17.03
N GLN A 80 -5.69 -3.63 -15.92
CA GLN A 80 -5.01 -2.35 -15.70
C GLN A 80 -3.61 -2.36 -16.30
N THR A 81 -3.20 -1.23 -16.87
CA THR A 81 -1.88 -1.12 -17.48
C THR A 81 -1.07 -0.02 -16.81
N GLY A 82 -1.14 0.04 -15.49
CA GLY A 82 -0.40 1.06 -14.75
C GLY A 82 -1.28 1.85 -13.81
N GLY A 83 -0.92 1.83 -12.52
CA GLY A 83 -1.71 2.56 -11.54
C GLY A 83 -2.52 1.64 -10.65
N TYR A 84 -1.88 1.11 -9.61
CA TYR A 84 -2.56 0.20 -8.69
C TYR A 84 -2.88 0.90 -7.38
N THR A 85 -1.92 1.68 -6.87
CA THR A 85 -2.09 2.41 -5.63
C THR A 85 -2.29 3.90 -5.88
N ARG A 86 -2.88 4.59 -4.91
CA ARG A 86 -3.13 6.01 -5.03
C ARG A 86 -2.41 6.79 -3.93
N MET A 87 -1.74 7.87 -4.32
CA MET A 87 -1.00 8.70 -3.37
C MET A 87 -1.75 10.01 -3.11
N LEU A 88 -2.06 10.25 -1.83
CA LEU A 88 -2.77 11.46 -1.44
C LEU A 88 -1.89 12.35 -0.57
N GLN A 89 -2.09 13.66 -0.66
CA GLN A 89 -1.31 14.61 0.12
C GLN A 89 -2.12 15.14 1.30
N ILE A 90 -1.54 15.06 2.49
CA ILE A 90 -2.22 15.54 3.69
C ILE A 90 -1.30 16.44 4.51
N PRO A 91 -1.91 17.38 5.25
CA PRO A 91 -1.19 18.33 6.10
C PRO A 91 -0.54 17.65 7.30
N ASN A 92 0.27 18.41 8.04
CA ASN A 92 0.95 17.88 9.21
C ASN A 92 -0.02 17.72 10.37
N ARG A 93 0.45 17.09 11.44
CA ARG A 93 -0.38 16.86 12.62
C ARG A 93 0.21 17.54 13.85
N SER A 94 1.49 17.25 14.12
CA SER A 94 2.18 17.83 15.26
C SER A 94 2.70 19.23 14.94
N LEU A 95 3.04 19.98 15.98
CA LEU A 95 3.56 21.34 15.81
C LEU A 95 4.59 21.39 14.69
N ASP A 96 5.50 20.41 14.67
CA ASP A 96 6.53 20.34 13.65
C ASP A 96 5.93 20.05 12.28
N ARG A 97 6.26 20.88 11.30
CA ARG A 97 5.76 20.71 9.94
C ARG A 97 6.41 19.51 9.27
N ALA A 98 5.81 18.34 9.44
CA ALA A 98 6.33 17.12 8.84
C ALA A 98 5.56 16.74 7.58
N LYS A 99 6.28 16.28 6.57
CA LYS A 99 5.66 15.88 5.31
C LYS A 99 5.02 14.50 5.42
N MET A 100 3.70 14.48 5.51
CA MET A 100 2.97 13.22 5.62
C MET A 100 2.02 13.03 4.44
N ALA A 101 1.75 11.77 4.11
CA ALA A 101 0.86 11.46 3.00
C ALA A 101 0.08 10.18 3.26
N VAL A 102 -1.06 10.03 2.59
CA VAL A 102 -1.90 8.85 2.76
C VAL A 102 -2.01 8.07 1.45
N ILE A 103 -1.78 6.76 1.53
CA ILE A 103 -1.85 5.90 0.37
C ILE A 103 -2.94 4.85 0.53
N GLU A 104 -3.65 4.57 -0.57
CA GLU A 104 -4.72 3.58 -0.56
C GLU A 104 -4.88 2.94 -1.92
N TYR A 105 -5.20 1.64 -1.92
CA TYR A 105 -5.38 0.90 -3.17
C TYR A 105 -6.60 1.40 -3.92
N LYS A 106 -6.54 1.29 -5.25
CA LYS A 106 -7.65 1.73 -6.09
C LYS A 106 -8.71 0.64 -6.21
N GLY A 107 -9.54 0.52 -5.17
CA GLY A 107 -10.59 -0.48 -5.17
C GLY A 107 -11.88 0.04 -4.58
N ASN A 108 -12.93 -0.78 -4.62
CA ASN A 108 -14.24 -0.39 -4.10
C ASN A 108 -14.42 -0.93 -2.68
N CYS A 109 -13.80 -0.28 -1.71
CA CYS A 109 -13.90 -0.69 -0.32
C CYS A 109 -14.15 0.51 0.59
N LEU A 110 -13.25 1.49 0.53
CA LEU A 110 -13.37 2.69 1.35
C LEU A 110 -14.07 3.81 0.58
N PRO A 111 -14.75 4.70 1.32
CA PRO A 111 -15.46 5.83 0.73
C PRO A 111 -14.53 6.87 0.12
N PRO A 112 -14.53 6.96 -1.22
CA PRO A 112 -13.68 7.92 -1.94
C PRO A 112 -14.13 9.36 -1.75
N LEU A 113 -13.38 10.29 -2.32
CA LEU A 113 -13.69 11.70 -2.21
C LEU A 113 -13.40 12.44 -3.52
N PRO A 114 -14.14 13.53 -3.76
CA PRO A 114 -13.98 14.34 -4.97
C PRO A 114 -12.66 15.11 -4.99
N LEU A 115 -11.74 14.68 -5.86
CA LEU A 115 -10.44 15.33 -5.96
C LEU A 115 -10.60 16.81 -6.28
N PRO A 116 -9.62 17.62 -5.82
CA PRO A 116 -9.63 19.07 -6.05
C PRO A 116 -9.37 19.43 -7.50
N SER A 117 -9.60 20.69 -7.84
CA SER A 117 -9.39 21.17 -9.21
C SER A 117 -8.89 22.61 -9.21
N GLY A 118 -7.68 22.81 -9.72
CA GLY A 118 -7.11 24.14 -9.78
C GLY A 118 -6.15 24.40 -8.64
N PRO A 119 -5.36 25.49 -8.76
CA PRO A 119 -4.38 25.87 -7.73
C PRO A 119 -5.05 26.38 -6.46
N SER A 120 -5.25 25.47 -5.50
CA SER A 120 -5.88 25.83 -4.24
C SER A 120 -4.83 26.24 -3.21
N SER A 121 -4.47 27.52 -3.23
CA SER A 121 -3.47 28.04 -2.29
C SER A 121 -3.94 27.87 -0.85
N GLY A 122 -3.20 27.05 -0.10
CA GLY A 122 -3.55 26.81 1.28
C GLY A 122 -2.62 27.51 2.25
N GLY A 1 0.53 -4.71 15.39
CA GLY A 1 1.78 -4.04 15.68
C GLY A 1 2.72 -4.90 16.50
N SER A 2 3.56 -5.68 15.82
CA SER A 2 4.51 -6.56 16.49
C SER A 2 5.64 -5.76 17.11
N SER A 3 6.45 -6.43 17.92
CA SER A 3 7.58 -5.77 18.58
C SER A 3 8.86 -5.97 17.78
N GLY A 4 9.76 -4.99 17.87
CA GLY A 4 11.02 -5.08 17.14
C GLY A 4 10.95 -4.45 15.76
N SER A 5 12.11 -4.23 15.16
CA SER A 5 12.17 -3.62 13.83
C SER A 5 12.97 -4.50 12.87
N SER A 6 12.26 -5.31 12.09
CA SER A 6 12.89 -6.20 11.12
C SER A 6 12.73 -5.67 9.71
N GLY A 7 11.49 -5.36 9.33
CA GLY A 7 11.22 -4.85 8.00
C GLY A 7 10.05 -3.90 7.97
N LEU A 8 10.33 -2.61 8.17
CA LEU A 8 9.29 -1.59 8.18
C LEU A 8 8.58 -1.54 6.83
N LEU A 9 9.33 -1.75 5.75
CA LEU A 9 8.78 -1.73 4.41
C LEU A 9 7.79 -2.87 4.21
N ARG A 10 8.20 -4.07 4.62
CA ARG A 10 7.36 -5.26 4.48
C ARG A 10 6.08 -5.10 5.30
N ASN A 11 6.19 -4.49 6.46
CA ASN A 11 5.04 -4.28 7.34
C ASN A 11 4.05 -3.31 6.70
N LEU A 12 4.57 -2.30 6.01
CA LEU A 12 3.73 -1.31 5.35
C LEU A 12 2.90 -1.95 4.24
N LEU A 13 3.55 -2.79 3.44
CA LEU A 13 2.87 -3.47 2.33
C LEU A 13 1.74 -4.35 2.85
N THR A 14 2.03 -5.11 3.91
CA THR A 14 1.04 -6.00 4.50
C THR A 14 -0.12 -5.22 5.10
N GLY A 15 0.21 -4.17 5.88
CA GLY A 15 -0.82 -3.36 6.49
C GLY A 15 -1.60 -2.55 5.48
N LEU A 16 -0.93 -2.08 4.45
CA LEU A 16 -1.56 -1.28 3.41
C LEU A 16 -2.68 -2.06 2.72
N VAL A 17 -2.37 -3.30 2.33
CA VAL A 17 -3.35 -4.16 1.68
C VAL A 17 -4.49 -4.52 2.62
N ARG A 18 -4.14 -4.80 3.88
CA ARG A 18 -5.14 -5.17 4.88
C ARG A 18 -6.17 -4.06 5.05
N HIS A 19 -5.68 -2.84 5.28
CA HIS A 19 -6.57 -1.69 5.46
C HIS A 19 -6.69 -0.89 4.17
N GLU A 20 -6.15 -1.44 3.09
CA GLU A 20 -6.20 -0.77 1.79
C GLU A 20 -5.97 0.72 1.93
N ARG A 21 -5.29 1.11 3.02
CA ARG A 21 -5.00 2.52 3.27
C ARG A 21 -4.17 2.68 4.54
N ILE A 22 -3.09 3.46 4.45
CA ILE A 22 -2.22 3.69 5.58
C ILE A 22 -1.65 5.11 5.57
N GLU A 23 -1.20 5.57 6.73
CA GLU A 23 -0.63 6.91 6.83
C GLU A 23 0.89 6.86 6.96
N ALA A 24 1.58 7.46 5.99
CA ALA A 24 3.03 7.47 5.98
C ALA A 24 3.57 8.71 5.28
N PRO A 25 4.84 9.04 5.55
CA PRO A 25 5.49 10.21 4.95
C PRO A 25 5.75 10.03 3.45
N TRP A 26 6.17 11.10 2.80
CA TRP A 26 6.45 11.06 1.37
C TRP A 26 7.59 10.09 1.06
N ALA A 27 8.63 10.14 1.89
CA ALA A 27 9.79 9.26 1.71
C ALA A 27 9.37 7.79 1.76
N ARG A 28 8.50 7.46 2.71
CA ARG A 28 8.04 6.08 2.85
C ARG A 28 6.99 5.75 1.79
N VAL A 29 6.14 6.72 1.48
CA VAL A 29 5.10 6.53 0.48
C VAL A 29 5.70 6.21 -0.89
N ASP A 30 6.63 7.04 -1.32
CA ASP A 30 7.29 6.84 -2.61
C ASP A 30 8.08 5.54 -2.63
N GLU A 31 8.89 5.34 -1.60
CA GLU A 31 9.70 4.12 -1.49
C GLU A 31 8.82 2.88 -1.47
N MET A 32 7.78 2.92 -0.65
CA MET A 32 6.86 1.78 -0.53
C MET A 32 6.00 1.65 -1.78
N ARG A 33 5.69 2.79 -2.41
CA ARG A 33 4.87 2.80 -3.62
C ARG A 33 5.51 1.95 -4.72
N GLY A 34 6.82 2.11 -4.88
CA GLY A 34 7.54 1.35 -5.90
C GLY A 34 7.47 -0.14 -5.66
N TYR A 35 7.66 -0.54 -4.41
CA TYR A 35 7.62 -1.95 -4.05
C TYR A 35 6.21 -2.52 -4.17
N ALA A 36 5.24 -1.74 -3.70
CA ALA A 36 3.84 -2.16 -3.75
C ALA A 36 3.38 -2.37 -5.19
N GLU A 37 3.80 -1.47 -6.07
CA GLU A 37 3.43 -1.57 -7.49
C GLU A 37 4.00 -2.84 -8.11
N LYS A 38 5.29 -3.07 -7.90
CA LYS A 38 5.96 -4.25 -8.44
C LYS A 38 5.29 -5.53 -7.95
N LEU A 39 4.90 -5.52 -6.68
CA LEU A 39 4.25 -6.69 -6.09
C LEU A 39 2.95 -7.03 -6.82
N ILE A 40 2.13 -6.01 -7.05
CA ILE A 40 0.86 -6.21 -7.75
C ILE A 40 1.08 -6.79 -9.14
N ASP A 41 2.10 -6.29 -9.83
CA ASP A 41 2.42 -6.77 -11.18
C ASP A 41 2.73 -8.27 -11.15
N TYR A 42 3.48 -8.70 -10.15
CA TYR A 42 3.85 -10.10 -10.02
C TYR A 42 2.61 -10.98 -9.81
N GLY A 43 1.71 -10.52 -8.93
CA GLY A 43 0.50 -11.27 -8.66
C GLY A 43 -0.35 -11.47 -9.90
N LYS A 44 -0.37 -10.46 -10.76
CA LYS A 44 -1.16 -10.52 -11.99
C LYS A 44 -0.79 -11.76 -12.81
N LEU A 45 0.47 -12.18 -12.70
CA LEU A 45 0.95 -13.35 -13.43
C LEU A 45 0.26 -14.61 -12.94
N GLY A 46 0.03 -14.68 -11.63
CA GLY A 46 -0.64 -15.85 -11.06
C GLY A 46 0.04 -16.32 -9.79
N ASP A 47 -0.60 -17.24 -9.07
CA ASP A 47 -0.06 -17.77 -7.84
C ASP A 47 0.90 -18.92 -8.12
N THR A 48 0.75 -19.54 -9.28
CA THR A 48 1.61 -20.66 -9.67
C THR A 48 3.05 -20.19 -9.91
N ASN A 49 3.20 -18.96 -10.37
CA ASN A 49 4.52 -18.40 -10.63
C ASN A 49 5.38 -18.44 -9.38
N GLU A 50 6.48 -19.18 -9.44
CA GLU A 50 7.40 -19.30 -8.30
C GLU A 50 7.91 -17.93 -7.88
N ARG A 51 8.26 -17.10 -8.86
CA ARG A 51 8.77 -15.77 -8.59
C ARG A 51 7.76 -14.94 -7.81
N ALA A 52 6.51 -15.01 -8.24
CA ALA A 52 5.43 -14.27 -7.58
C ALA A 52 5.20 -14.78 -6.16
N MET A 53 5.22 -16.10 -6.00
CA MET A 53 5.01 -16.70 -4.69
C MET A 53 6.11 -16.27 -3.71
N ARG A 54 7.36 -16.39 -4.15
CA ARG A 54 8.49 -16.02 -3.32
C ARG A 54 8.50 -14.52 -3.05
N MET A 55 8.15 -13.73 -4.06
CA MET A 55 8.11 -12.28 -3.93
C MET A 55 7.03 -11.85 -2.96
N ALA A 56 5.85 -12.44 -3.09
CA ALA A 56 4.73 -12.11 -2.22
C ALA A 56 4.96 -12.63 -0.81
N ASP A 57 5.55 -13.82 -0.70
CA ASP A 57 5.84 -14.43 0.59
C ASP A 57 6.98 -13.71 1.29
N PHE A 58 7.98 -13.29 0.52
CA PHE A 58 9.13 -12.59 1.07
C PHE A 58 8.73 -11.20 1.56
N TRP A 59 7.93 -10.51 0.77
CA TRP A 59 7.47 -9.16 1.13
C TRP A 59 6.32 -9.23 2.12
N LEU A 60 5.33 -10.06 1.82
CA LEU A 60 4.16 -10.21 2.69
C LEU A 60 4.29 -11.46 3.57
N THR A 61 4.19 -11.26 4.87
CA THR A 61 4.29 -12.37 5.82
C THR A 61 2.95 -13.06 6.02
N GLU A 62 1.87 -12.28 5.95
CA GLU A 62 0.53 -12.83 6.12
C GLU A 62 0.27 -13.96 5.11
N LYS A 63 0.19 -15.18 5.63
CA LYS A 63 -0.06 -16.34 4.78
C LYS A 63 -1.44 -16.26 4.14
N ASP A 64 -2.32 -15.46 4.71
CA ASP A 64 -3.67 -15.29 4.19
C ASP A 64 -3.71 -14.18 3.14
N LEU A 65 -2.85 -13.18 3.31
CA LEU A 65 -2.80 -12.05 2.39
C LEU A 65 -2.13 -12.46 1.08
N ILE A 66 -1.20 -13.41 1.17
CA ILE A 66 -0.48 -13.90 -0.01
C ILE A 66 -1.46 -14.45 -1.06
N PRO A 67 -2.30 -15.41 -0.63
CA PRO A 67 -3.29 -16.03 -1.51
C PRO A 67 -4.43 -15.07 -1.88
N LYS A 68 -4.87 -14.28 -0.91
CA LYS A 68 -5.94 -13.33 -1.14
C LYS A 68 -5.53 -12.28 -2.17
N LEU A 69 -4.31 -11.75 -2.00
CA LEU A 69 -3.80 -10.73 -2.91
C LEU A 69 -3.79 -11.24 -4.35
N PHE A 70 -3.52 -12.54 -4.50
CA PHE A 70 -3.48 -13.16 -5.83
C PHE A 70 -4.90 -13.49 -6.31
N GLN A 71 -5.82 -13.58 -5.38
CA GLN A 71 -7.21 -13.89 -5.71
C GLN A 71 -8.11 -12.67 -5.50
N VAL A 72 -7.49 -11.52 -5.29
CA VAL A 72 -8.24 -10.28 -5.08
C VAL A 72 -7.69 -9.16 -5.94
N LEU A 73 -6.52 -8.65 -5.58
CA LEU A 73 -5.88 -7.57 -6.33
C LEU A 73 -5.39 -8.06 -7.69
N ALA A 74 -4.74 -9.22 -7.68
CA ALA A 74 -4.21 -9.80 -8.91
C ALA A 74 -5.26 -9.78 -10.02
N PRO A 75 -6.43 -10.38 -9.76
CA PRO A 75 -7.52 -10.43 -10.73
C PRO A 75 -8.17 -9.06 -10.94
N ARG A 76 -8.34 -8.31 -9.86
CA ARG A 76 -8.94 -6.99 -9.93
C ARG A 76 -8.16 -6.09 -10.88
N TYR A 77 -6.84 -6.19 -10.84
CA TYR A 77 -5.98 -5.38 -11.69
C TYR A 77 -5.75 -6.06 -13.03
N LYS A 78 -5.51 -7.37 -13.00
CA LYS A 78 -5.28 -8.14 -14.22
C LYS A 78 -6.12 -7.60 -15.37
N ASP A 79 -7.38 -7.28 -15.07
CA ASP A 79 -8.29 -6.75 -16.08
C ASP A 79 -7.96 -5.30 -16.42
N GLN A 80 -7.79 -4.48 -15.38
CA GLN A 80 -7.47 -3.07 -15.57
C GLN A 80 -6.28 -2.90 -16.50
N THR A 81 -5.93 -1.65 -16.79
CA THR A 81 -4.81 -1.36 -17.67
C THR A 81 -3.85 -0.37 -17.02
N GLY A 82 -3.63 -0.53 -15.72
CA GLY A 82 -2.74 0.36 -15.00
C GLY A 82 -3.41 1.02 -13.81
N GLY A 83 -2.63 1.80 -13.06
CA GLY A 83 -3.17 2.49 -11.91
C GLY A 83 -3.70 1.52 -10.86
N TYR A 84 -2.83 1.12 -9.94
CA TYR A 84 -3.21 0.19 -8.89
C TYR A 84 -3.31 0.90 -7.54
N THR A 85 -2.26 1.65 -7.20
CA THR A 85 -2.22 2.39 -5.94
C THR A 85 -2.43 3.88 -6.17
N ARG A 86 -2.93 4.57 -5.15
CA ARG A 86 -3.18 6.00 -5.24
C ARG A 86 -2.52 6.74 -4.07
N MET A 87 -1.93 7.89 -4.36
CA MET A 87 -1.26 8.70 -3.34
C MET A 87 -2.09 9.93 -3.01
N LEU A 88 -2.22 10.22 -1.72
CA LEU A 88 -2.99 11.38 -1.26
C LEU A 88 -2.13 12.27 -0.35
N GLN A 89 -2.32 13.57 -0.48
CA GLN A 89 -1.58 14.53 0.32
C GLN A 89 -2.40 14.99 1.52
N ILE A 90 -1.76 15.08 2.69
CA ILE A 90 -2.43 15.51 3.91
C ILE A 90 -1.56 16.47 4.71
N PRO A 91 -2.20 17.37 5.46
CA PRO A 91 -1.50 18.35 6.29
C PRO A 91 -0.81 17.71 7.48
N ASN A 92 0.07 18.47 8.13
CA ASN A 92 0.80 17.98 9.29
C ASN A 92 -0.14 17.31 10.29
N ARG A 93 0.44 16.68 11.30
CA ARG A 93 -0.35 15.99 12.33
C ARG A 93 0.10 16.42 13.72
N SER A 94 1.39 16.24 14.01
CA SER A 94 1.93 16.60 15.31
C SER A 94 2.95 17.74 15.18
N LEU A 95 3.97 17.52 14.36
CA LEU A 95 5.01 18.52 14.15
C LEU A 95 4.43 19.77 13.50
N ASP A 96 5.11 20.90 13.69
CA ASP A 96 4.65 22.17 13.13
C ASP A 96 4.88 22.20 11.62
N ARG A 97 6.05 21.74 11.19
CA ARG A 97 6.40 21.72 9.78
C ARG A 97 6.80 20.32 9.33
N ALA A 98 5.80 19.52 8.94
CA ALA A 98 6.04 18.16 8.49
C ALA A 98 5.29 17.86 7.19
N LYS A 99 5.79 16.90 6.43
CA LYS A 99 5.17 16.52 5.17
C LYS A 99 4.64 15.10 5.24
N MET A 100 3.38 14.96 5.66
CA MET A 100 2.76 13.65 5.76
C MET A 100 1.90 13.36 4.54
N ALA A 101 1.68 12.07 4.26
CA ALA A 101 0.88 11.66 3.12
C ALA A 101 0.13 10.37 3.41
N VAL A 102 -0.90 10.10 2.62
CA VAL A 102 -1.70 8.89 2.80
C VAL A 102 -1.78 8.10 1.50
N ILE A 103 -1.54 6.79 1.59
CA ILE A 103 -1.58 5.92 0.43
C ILE A 103 -2.69 4.88 0.56
N GLU A 104 -3.38 4.61 -0.54
CA GLU A 104 -4.46 3.63 -0.55
C GLU A 104 -4.60 2.97 -1.92
N TYR A 105 -4.96 1.69 -1.91
CA TYR A 105 -5.11 0.95 -3.15
C TYR A 105 -6.38 1.37 -3.90
N LYS A 106 -6.23 1.67 -5.18
CA LYS A 106 -7.35 2.09 -6.01
C LYS A 106 -8.62 1.35 -5.62
N GLY A 107 -8.53 0.03 -5.53
CA GLY A 107 -9.68 -0.77 -5.16
C GLY A 107 -9.84 -0.90 -3.66
N ASN A 108 -10.51 0.08 -3.05
CA ASN A 108 -10.74 0.07 -1.61
C ASN A 108 -12.20 0.29 -1.29
N CYS A 109 -12.56 0.11 -0.01
CA CYS A 109 -13.94 0.29 0.43
C CYS A 109 -14.06 1.51 1.33
N LEU A 110 -13.09 1.69 2.20
CA LEU A 110 -13.10 2.82 3.13
C LEU A 110 -13.49 4.10 2.42
N PRO A 111 -14.12 5.03 3.17
CA PRO A 111 -14.57 6.31 2.63
C PRO A 111 -13.40 7.23 2.30
N PRO A 112 -13.57 8.07 1.26
CA PRO A 112 -12.55 9.02 0.83
C PRO A 112 -12.34 10.15 1.83
N LEU A 113 -11.31 10.96 1.59
CA LEU A 113 -11.00 12.08 2.48
C LEU A 113 -11.15 13.41 1.74
N PRO A 114 -11.63 14.43 2.46
CA PRO A 114 -11.83 15.77 1.90
C PRO A 114 -10.51 16.47 1.59
N LEU A 115 -10.57 17.52 0.78
CA LEU A 115 -9.38 18.28 0.42
C LEU A 115 -9.07 19.34 1.46
N PRO A 116 -7.77 19.67 1.61
CA PRO A 116 -7.30 20.67 2.57
C PRO A 116 -7.73 22.08 2.19
N SER A 117 -7.86 22.95 3.18
CA SER A 117 -8.26 24.33 2.94
C SER A 117 -7.50 24.93 1.77
N GLY A 118 -6.16 24.90 1.87
CA GLY A 118 -5.34 25.44 0.80
C GLY A 118 -3.96 25.84 1.29
N PRO A 119 -3.04 24.86 1.33
CA PRO A 119 -1.65 25.09 1.78
C PRO A 119 -0.86 25.95 0.80
N SER A 120 -1.14 25.78 -0.49
CA SER A 120 -0.44 26.53 -1.53
C SER A 120 1.06 26.48 -1.33
N SER A 121 1.57 25.29 -0.99
CA SER A 121 2.99 25.11 -0.77
C SER A 121 3.57 24.10 -1.76
N GLY A 122 2.87 23.00 -1.97
CA GLY A 122 3.32 21.98 -2.89
C GLY A 122 4.03 20.84 -2.18
N GLY A 1 6.97 -13.87 17.48
CA GLY A 1 8.11 -12.97 17.64
C GLY A 1 7.72 -11.65 18.28
N SER A 2 7.84 -10.57 17.51
CA SER A 2 7.51 -9.24 18.02
C SER A 2 7.17 -8.30 16.86
N SER A 3 6.77 -7.08 17.21
CA SER A 3 6.41 -6.08 16.20
C SER A 3 7.62 -5.71 15.36
N GLY A 4 8.77 -5.60 15.99
CA GLY A 4 9.99 -5.24 15.28
C GLY A 4 10.76 -6.46 14.81
N SER A 5 10.16 -7.22 13.90
CA SER A 5 10.79 -8.43 13.38
C SER A 5 11.00 -8.31 11.87
N SER A 6 9.93 -7.96 11.16
CA SER A 6 10.00 -7.82 9.71
C SER A 6 10.37 -6.39 9.31
N GLY A 7 10.93 -6.24 8.13
CA GLY A 7 11.33 -4.92 7.65
C GLY A 7 10.20 -3.91 7.74
N LEU A 8 10.55 -2.64 7.80
CA LEU A 8 9.56 -1.57 7.89
C LEU A 8 8.70 -1.52 6.64
N LEU A 9 9.34 -1.59 5.48
CA LEU A 9 8.64 -1.56 4.20
C LEU A 9 7.69 -2.75 4.07
N ARG A 10 8.15 -3.91 4.52
CA ARG A 10 7.35 -5.13 4.45
C ARG A 10 6.06 -4.96 5.24
N ASN A 11 6.15 -4.36 6.41
CA ASN A 11 4.98 -4.15 7.26
C ASN A 11 4.01 -3.18 6.61
N LEU A 12 4.54 -2.16 5.95
CA LEU A 12 3.72 -1.15 5.29
C LEU A 12 2.86 -1.79 4.20
N LEU A 13 3.47 -2.67 3.40
CA LEU A 13 2.76 -3.36 2.33
C LEU A 13 1.65 -4.23 2.89
N THR A 14 1.96 -4.97 3.95
CA THR A 14 0.99 -5.85 4.59
C THR A 14 -0.15 -5.06 5.21
N GLY A 15 0.20 -4.00 5.93
CA GLY A 15 -0.80 -3.17 6.57
C GLY A 15 -1.63 -2.39 5.57
N LEU A 16 -0.99 -1.93 4.50
CA LEU A 16 -1.68 -1.17 3.47
C LEU A 16 -2.81 -1.98 2.85
N VAL A 17 -2.50 -3.22 2.47
CA VAL A 17 -3.49 -4.11 1.87
C VAL A 17 -4.58 -4.46 2.86
N ARG A 18 -4.19 -4.72 4.10
CA ARG A 18 -5.13 -5.08 5.15
C ARG A 18 -6.22 -4.02 5.29
N HIS A 19 -5.81 -2.77 5.44
CA HIS A 19 -6.74 -1.66 5.58
C HIS A 19 -6.85 -0.87 4.28
N GLU A 20 -6.32 -1.44 3.20
CA GLU A 20 -6.35 -0.79 1.90
C GLU A 20 -6.11 0.72 2.03
N ARG A 21 -5.43 1.10 3.10
CA ARG A 21 -5.13 2.51 3.35
C ARG A 21 -4.28 2.67 4.60
N ILE A 22 -3.20 3.45 4.48
CA ILE A 22 -2.31 3.69 5.61
C ILE A 22 -1.71 5.09 5.55
N GLU A 23 -1.24 5.58 6.70
CA GLU A 23 -0.66 6.91 6.77
C GLU A 23 0.86 6.82 6.92
N ALA A 24 1.58 7.39 5.95
CA ALA A 24 3.04 7.39 5.98
C ALA A 24 3.61 8.61 5.27
N PRO A 25 4.88 8.92 5.55
CA PRO A 25 5.57 10.07 4.95
C PRO A 25 5.84 9.85 3.46
N TRP A 26 6.31 10.92 2.80
CA TRP A 26 6.61 10.85 1.37
C TRP A 26 7.72 9.85 1.09
N ALA A 27 8.67 9.74 2.03
CA ALA A 27 9.78 8.82 1.88
C ALA A 27 9.30 7.37 1.90
N ARG A 28 8.38 7.06 2.82
CA ARG A 28 7.85 5.72 2.93
C ARG A 28 6.79 5.45 1.86
N VAL A 29 6.01 6.47 1.55
CA VAL A 29 4.97 6.35 0.53
C VAL A 29 5.57 6.04 -0.84
N ASP A 30 6.52 6.86 -1.27
CA ASP A 30 7.18 6.66 -2.56
C ASP A 30 7.95 5.35 -2.58
N GLU A 31 8.75 5.12 -1.55
CA GLU A 31 9.55 3.90 -1.45
C GLU A 31 8.66 2.67 -1.48
N MET A 32 7.57 2.70 -0.71
CA MET A 32 6.64 1.59 -0.65
C MET A 32 5.86 1.46 -1.95
N ARG A 33 5.59 2.60 -2.58
CA ARG A 33 4.84 2.62 -3.84
C ARG A 33 5.52 1.74 -4.88
N GLY A 34 6.83 1.89 -5.03
CA GLY A 34 7.57 1.10 -5.99
C GLY A 34 7.50 -0.38 -5.71
N TYR A 35 7.64 -0.75 -4.43
CA TYR A 35 7.59 -2.15 -4.04
C TYR A 35 6.18 -2.71 -4.18
N ALA A 36 5.19 -1.89 -3.86
CA ALA A 36 3.80 -2.31 -3.96
C ALA A 36 3.38 -2.51 -5.42
N GLU A 37 3.82 -1.61 -6.28
CA GLU A 37 3.51 -1.69 -7.70
C GLU A 37 4.05 -2.97 -8.31
N LYS A 38 5.32 -3.27 -8.03
CA LYS A 38 5.95 -4.47 -8.56
C LYS A 38 5.28 -5.72 -7.99
N LEU A 39 4.91 -5.67 -6.72
CA LEU A 39 4.26 -6.79 -6.06
C LEU A 39 2.97 -7.17 -6.77
N ILE A 40 2.15 -6.16 -7.05
CA ILE A 40 0.87 -6.38 -7.73
C ILE A 40 1.09 -6.97 -9.12
N ASP A 41 2.08 -6.46 -9.83
CA ASP A 41 2.39 -6.95 -11.17
C ASP A 41 2.68 -8.45 -11.15
N TYR A 42 3.42 -8.89 -10.15
CA TYR A 42 3.77 -10.30 -10.02
C TYR A 42 2.52 -11.15 -9.75
N GLY A 43 1.67 -10.67 -8.85
CA GLY A 43 0.45 -11.39 -8.52
C GLY A 43 -0.44 -11.59 -9.74
N LYS A 44 -0.47 -10.60 -10.62
CA LYS A 44 -1.29 -10.67 -11.82
C LYS A 44 -0.96 -11.91 -12.64
N LEU A 45 0.30 -12.33 -12.57
CA LEU A 45 0.76 -13.51 -13.29
C LEU A 45 0.08 -14.78 -12.78
N GLY A 46 -0.18 -14.81 -11.48
CA GLY A 46 -0.83 -15.96 -10.89
C GLY A 46 0.10 -16.76 -9.99
N ASP A 47 -0.47 -17.69 -9.23
CA ASP A 47 0.32 -18.52 -8.33
C ASP A 47 1.01 -19.65 -9.08
N THR A 48 1.56 -19.34 -10.25
CA THR A 48 2.24 -20.32 -11.08
C THR A 48 3.74 -20.10 -11.09
N ASN A 49 4.13 -18.83 -11.06
CA ASN A 49 5.55 -18.46 -11.07
C ASN A 49 6.12 -18.44 -9.65
N GLU A 50 7.14 -19.26 -9.42
CA GLU A 50 7.78 -19.32 -8.11
C GLU A 50 8.29 -17.96 -7.67
N ARG A 51 8.76 -17.18 -8.64
CA ARG A 51 9.28 -15.85 -8.36
C ARG A 51 8.20 -14.95 -7.76
N ALA A 52 6.99 -15.04 -8.32
CA ALA A 52 5.87 -14.24 -7.84
C ALA A 52 5.45 -14.66 -6.44
N MET A 53 5.46 -15.96 -6.18
CA MET A 53 5.09 -16.49 -4.88
C MET A 53 6.13 -16.13 -3.83
N ARG A 54 7.40 -16.40 -4.14
CA ARG A 54 8.50 -16.10 -3.23
C ARG A 54 8.57 -14.61 -2.93
N MET A 55 8.40 -13.79 -3.97
CA MET A 55 8.44 -12.34 -3.82
C MET A 55 7.30 -11.85 -2.93
N ALA A 56 6.12 -12.40 -3.14
CA ALA A 56 4.95 -12.02 -2.35
C ALA A 56 5.08 -12.51 -0.91
N ASP A 57 5.62 -13.70 -0.73
CA ASP A 57 5.81 -14.27 0.59
C ASP A 57 6.89 -13.54 1.36
N PHE A 58 7.92 -13.09 0.63
CA PHE A 58 9.03 -12.37 1.25
C PHE A 58 8.58 -11.01 1.76
N TRP A 59 7.79 -10.31 0.96
CA TRP A 59 7.29 -8.99 1.33
C TRP A 59 6.08 -9.11 2.26
N LEU A 60 5.13 -9.95 1.88
CA LEU A 60 3.92 -10.15 2.67
C LEU A 60 4.09 -11.35 3.60
N THR A 61 4.11 -11.08 4.90
CA THR A 61 4.26 -12.14 5.90
C THR A 61 2.93 -12.85 6.15
N GLU A 62 1.83 -12.11 5.98
CA GLU A 62 0.51 -12.66 6.19
C GLU A 62 0.21 -13.77 5.19
N LYS A 63 0.19 -15.01 5.66
CA LYS A 63 -0.08 -16.16 4.80
C LYS A 63 -1.48 -16.05 4.18
N ASP A 64 -2.31 -15.21 4.76
CA ASP A 64 -3.68 -15.02 4.26
C ASP A 64 -3.72 -13.93 3.21
N LEU A 65 -2.81 -12.96 3.32
CA LEU A 65 -2.74 -11.85 2.38
C LEU A 65 -2.13 -12.30 1.06
N ILE A 66 -1.19 -13.25 1.13
CA ILE A 66 -0.54 -13.77 -0.06
C ILE A 66 -1.55 -14.35 -1.05
N PRO A 67 -2.39 -15.27 -0.54
CA PRO A 67 -3.42 -15.92 -1.36
C PRO A 67 -4.54 -14.96 -1.75
N LYS A 68 -4.96 -14.12 -0.80
CA LYS A 68 -6.02 -13.16 -1.04
C LYS A 68 -5.60 -12.15 -2.10
N LEU A 69 -4.40 -11.59 -1.95
CA LEU A 69 -3.88 -10.61 -2.90
C LEU A 69 -3.88 -11.18 -4.31
N PHE A 70 -3.60 -12.47 -4.43
CA PHE A 70 -3.58 -13.12 -5.74
C PHE A 70 -4.99 -13.48 -6.20
N GLN A 71 -5.92 -13.55 -5.26
CA GLN A 71 -7.30 -13.88 -5.57
C GLN A 71 -8.22 -12.68 -5.33
N VAL A 72 -7.61 -11.50 -5.15
CA VAL A 72 -8.38 -10.28 -4.92
C VAL A 72 -7.89 -9.16 -5.83
N LEU A 73 -6.72 -8.61 -5.51
CA LEU A 73 -6.14 -7.52 -6.30
C LEU A 73 -5.61 -8.04 -7.63
N ALA A 74 -4.95 -9.20 -7.59
CA ALA A 74 -4.39 -9.80 -8.79
C ALA A 74 -5.41 -9.82 -9.92
N PRO A 75 -6.57 -10.44 -9.66
CA PRO A 75 -7.65 -10.54 -10.64
C PRO A 75 -8.32 -9.19 -10.92
N ARG A 76 -8.21 -8.28 -9.96
CA ARG A 76 -8.80 -6.95 -10.09
C ARG A 76 -7.98 -6.09 -11.06
N TYR A 77 -6.66 -6.18 -10.94
CA TYR A 77 -5.76 -5.41 -11.81
C TYR A 77 -5.46 -6.17 -13.09
N LYS A 78 -5.30 -7.48 -12.98
CA LYS A 78 -4.99 -8.32 -14.14
C LYS A 78 -5.68 -7.78 -15.39
N ASP A 79 -6.91 -7.29 -15.22
CA ASP A 79 -7.67 -6.74 -16.34
C ASP A 79 -7.28 -5.30 -16.60
N GLN A 80 -7.21 -4.50 -15.54
CA GLN A 80 -6.85 -3.09 -15.65
C GLN A 80 -5.56 -2.93 -16.44
N THR A 81 -5.18 -1.68 -16.71
CA THR A 81 -3.97 -1.39 -17.46
C THR A 81 -3.09 -0.41 -16.70
N GLY A 82 -2.98 -0.59 -15.38
CA GLY A 82 -2.16 0.27 -14.57
C GLY A 82 -2.94 0.92 -13.45
N GLY A 83 -2.35 1.94 -12.83
CA GLY A 83 -3.02 2.63 -11.74
C GLY A 83 -3.52 1.68 -10.68
N TYR A 84 -2.68 1.38 -9.70
CA TYR A 84 -3.04 0.48 -8.62
C TYR A 84 -3.45 1.25 -7.38
N THR A 85 -2.48 1.92 -6.76
CA THR A 85 -2.74 2.70 -5.55
C THR A 85 -2.67 4.20 -5.85
N ARG A 86 -3.29 4.99 -4.97
CA ARG A 86 -3.29 6.44 -5.14
C ARG A 86 -2.68 7.13 -3.92
N MET A 87 -1.93 8.20 -4.16
CA MET A 87 -1.30 8.96 -3.09
C MET A 87 -1.97 10.30 -2.89
N LEU A 88 -2.38 10.58 -1.66
CA LEU A 88 -3.03 11.84 -1.33
C LEU A 88 -2.18 12.68 -0.38
N GLN A 89 -2.24 13.99 -0.55
CA GLN A 89 -1.48 14.90 0.29
C GLN A 89 -2.34 15.48 1.40
N ILE A 90 -1.88 15.35 2.64
CA ILE A 90 -2.62 15.85 3.79
C ILE A 90 -1.81 16.90 4.56
N PRO A 91 -2.51 17.83 5.22
CA PRO A 91 -1.86 18.88 6.00
C PRO A 91 -1.20 18.35 7.26
N ASN A 92 0.14 18.33 7.24
CA ASN A 92 0.90 17.84 8.39
C ASN A 92 1.21 18.98 9.36
N ARG A 93 0.21 19.82 9.60
CA ARG A 93 0.39 20.96 10.52
C ARG A 93 -0.58 20.84 11.70
N SER A 94 -0.72 19.63 12.23
CA SER A 94 -1.61 19.40 13.36
C SER A 94 -0.83 19.42 14.67
N LEU A 95 0.27 18.67 14.72
CA LEU A 95 1.11 18.61 15.91
C LEU A 95 2.54 18.98 15.59
N ASP A 96 3.02 18.55 14.42
CA ASP A 96 4.38 18.83 13.99
C ASP A 96 4.46 18.94 12.48
N ARG A 97 5.45 19.69 11.99
CA ARG A 97 5.64 19.87 10.56
C ARG A 97 6.46 18.73 9.96
N ALA A 98 5.78 17.65 9.58
CA ALA A 98 6.45 16.50 8.99
C ALA A 98 5.76 16.05 7.71
N LYS A 99 6.54 15.93 6.64
CA LYS A 99 6.01 15.51 5.35
C LYS A 99 5.23 14.20 5.48
N MET A 100 3.92 14.31 5.63
CA MET A 100 3.06 13.15 5.76
C MET A 100 2.20 12.95 4.51
N ALA A 101 1.87 11.71 4.21
CA ALA A 101 1.04 11.39 3.06
C ALA A 101 0.19 10.16 3.30
N VAL A 102 -0.90 10.04 2.55
CA VAL A 102 -1.80 8.90 2.70
C VAL A 102 -1.85 8.07 1.41
N ILE A 103 -1.54 6.79 1.54
CA ILE A 103 -1.55 5.88 0.39
C ILE A 103 -2.59 4.79 0.56
N GLU A 104 -3.40 4.58 -0.48
CA GLU A 104 -4.44 3.56 -0.45
C GLU A 104 -4.66 2.96 -1.84
N TYR A 105 -5.18 1.75 -1.88
CA TYR A 105 -5.45 1.07 -3.14
C TYR A 105 -6.79 1.50 -3.71
N LYS A 106 -6.85 1.64 -5.04
CA LYS A 106 -8.07 2.04 -5.72
C LYS A 106 -9.03 0.86 -5.84
N GLY A 107 -9.78 0.59 -4.79
CA GLY A 107 -10.73 -0.52 -4.80
C GLY A 107 -11.33 -0.78 -3.44
N ASN A 108 -11.65 0.29 -2.72
CA ASN A 108 -12.24 0.16 -1.38
C ASN A 108 -12.84 1.49 -0.94
N CYS A 109 -14.07 1.43 -0.41
CA CYS A 109 -14.76 2.62 0.05
C CYS A 109 -14.70 2.72 1.56
N LEU A 110 -13.56 3.16 2.08
CA LEU A 110 -13.37 3.29 3.53
C LEU A 110 -14.08 4.54 4.05
N PRO A 111 -14.49 4.49 5.32
CA PRO A 111 -15.19 5.61 5.97
C PRO A 111 -14.27 6.80 6.22
N PRO A 112 -14.85 8.01 6.15
CA PRO A 112 -14.10 9.26 6.36
C PRO A 112 -13.66 9.43 7.81
N LEU A 113 -12.40 9.80 7.99
CA LEU A 113 -11.85 9.99 9.33
C LEU A 113 -12.64 11.07 10.08
N PRO A 114 -12.71 10.92 11.42
CA PRO A 114 -13.42 11.86 12.28
C PRO A 114 -12.71 13.22 12.37
N LEU A 115 -13.50 14.29 12.48
CA LEU A 115 -12.94 15.63 12.57
C LEU A 115 -12.03 15.77 13.79
N PRO A 116 -10.86 16.38 13.59
CA PRO A 116 -9.88 16.58 14.67
C PRO A 116 -10.36 17.60 15.70
N SER A 117 -10.96 17.11 16.77
CA SER A 117 -11.46 17.97 17.84
C SER A 117 -10.35 18.32 18.83
N GLY A 118 -10.19 19.60 19.12
CA GLY A 118 -9.17 20.03 20.06
C GLY A 118 -9.22 21.52 20.32
N PRO A 119 -8.94 21.92 21.57
CA PRO A 119 -8.95 23.33 21.98
C PRO A 119 -7.79 24.11 21.37
N SER A 120 -8.05 25.36 21.02
CA SER A 120 -7.03 26.22 20.41
C SER A 120 -6.30 25.49 19.30
N SER A 121 -7.05 24.77 18.47
CA SER A 121 -6.47 24.03 17.36
C SER A 121 -5.46 23.00 17.86
N GLY A 122 -5.82 22.32 18.95
CA GLY A 122 -4.93 21.31 19.52
C GLY A 122 -3.86 21.92 20.41
N GLY A 1 15.99 6.21 14.98
CA GLY A 1 15.51 6.30 16.34
C GLY A 1 14.29 5.44 16.58
N SER A 2 13.23 5.69 15.82
CA SER A 2 11.99 4.93 15.97
C SER A 2 11.77 4.01 14.77
N SER A 3 12.21 2.76 14.90
CA SER A 3 12.08 1.78 13.83
C SER A 3 12.76 2.26 12.56
N GLY A 4 13.96 2.82 12.72
CA GLY A 4 14.71 3.31 11.58
C GLY A 4 15.10 2.21 10.62
N SER A 5 14.41 2.13 9.49
CA SER A 5 14.68 1.10 8.50
C SER A 5 14.52 -0.29 9.09
N SER A 6 13.45 -0.47 9.86
CA SER A 6 13.18 -1.76 10.49
C SER A 6 11.97 -2.44 9.83
N GLY A 7 12.24 -3.30 8.86
CA GLY A 7 11.17 -4.00 8.17
C GLY A 7 9.93 -3.15 8.03
N LEU A 8 10.11 -1.88 7.68
CA LEU A 8 8.99 -0.97 7.51
C LEU A 8 8.27 -1.23 6.19
N LEU A 9 9.04 -1.41 5.13
CA LEU A 9 8.48 -1.67 3.80
C LEU A 9 7.61 -2.93 3.82
N ARG A 10 8.12 -3.99 4.43
CA ARG A 10 7.40 -5.26 4.52
C ARG A 10 6.12 -5.08 5.34
N ASN A 11 6.23 -4.38 6.47
CA ASN A 11 5.08 -4.15 7.34
C ASN A 11 4.08 -3.20 6.68
N LEU A 12 4.60 -2.27 5.87
CA LEU A 12 3.74 -1.32 5.18
C LEU A 12 2.93 -1.99 4.09
N LEU A 13 3.56 -2.91 3.36
CA LEU A 13 2.89 -3.63 2.29
C LEU A 13 1.80 -4.53 2.84
N THR A 14 2.12 -5.26 3.90
CA THR A 14 1.17 -6.17 4.53
C THR A 14 -0.01 -5.41 5.13
N GLY A 15 0.29 -4.33 5.85
CA GLY A 15 -0.75 -3.53 6.46
C GLY A 15 -1.58 -2.78 5.45
N LEU A 16 -0.92 -2.31 4.39
CA LEU A 16 -1.60 -1.57 3.34
C LEU A 16 -2.72 -2.40 2.71
N VAL A 17 -2.39 -3.64 2.35
CA VAL A 17 -3.36 -4.54 1.74
C VAL A 17 -4.46 -4.91 2.72
N ARG A 18 -4.07 -5.14 3.98
CA ARG A 18 -5.03 -5.50 5.02
C ARG A 18 -6.05 -4.39 5.22
N HIS A 19 -5.57 -3.18 5.43
CA HIS A 19 -6.44 -2.02 5.64
C HIS A 19 -6.67 -1.28 4.33
N GLU A 20 -6.18 -1.84 3.23
CA GLU A 20 -6.33 -1.22 1.91
C GLU A 20 -6.16 0.29 2.00
N ARG A 21 -5.42 0.73 3.03
CA ARG A 21 -5.18 2.15 3.21
C ARG A 21 -4.30 2.39 4.44
N ILE A 22 -3.25 3.20 4.28
CA ILE A 22 -2.35 3.51 5.37
C ILE A 22 -1.80 4.92 5.25
N GLU A 23 -1.32 5.46 6.36
CA GLU A 23 -0.77 6.81 6.39
C GLU A 23 0.74 6.79 6.64
N ALA A 24 1.50 7.33 5.70
CA ALA A 24 2.94 7.38 5.82
C ALA A 24 3.53 8.59 5.09
N PRO A 25 4.77 8.96 5.44
CA PRO A 25 5.46 10.10 4.84
C PRO A 25 5.84 9.83 3.38
N TRP A 26 6.15 10.90 2.66
CA TRP A 26 6.53 10.78 1.25
C TRP A 26 7.65 9.77 1.07
N ALA A 27 8.51 9.65 2.09
CA ALA A 27 9.62 8.72 2.05
C ALA A 27 9.13 7.27 2.05
N ARG A 28 8.15 7.00 2.90
CA ARG A 28 7.59 5.65 3.00
C ARG A 28 6.64 5.37 1.85
N VAL A 29 5.92 6.40 1.43
CA VAL A 29 4.96 6.27 0.33
C VAL A 29 5.68 5.98 -0.98
N ASP A 30 6.72 6.75 -1.26
CA ASP A 30 7.48 6.57 -2.50
C ASP A 30 8.19 5.23 -2.51
N GLU A 31 8.87 4.90 -1.40
CA GLU A 31 9.58 3.64 -1.28
C GLU A 31 8.61 2.46 -1.29
N MET A 32 7.54 2.57 -0.51
CA MET A 32 6.54 1.52 -0.43
C MET A 32 5.73 1.43 -1.72
N ARG A 33 5.52 2.59 -2.35
CA ARG A 33 4.76 2.65 -3.60
C ARG A 33 5.42 1.80 -4.68
N GLY A 34 6.74 1.97 -4.83
CA GLY A 34 7.46 1.22 -5.84
C GLY A 34 7.40 -0.28 -5.61
N TYR A 35 7.55 -0.69 -4.34
CA TYR A 35 7.52 -2.10 -4.00
C TYR A 35 6.11 -2.67 -4.17
N ALA A 36 5.11 -1.88 -3.80
CA ALA A 36 3.71 -2.29 -3.91
C ALA A 36 3.32 -2.45 -5.37
N GLU A 37 3.74 -1.51 -6.20
CA GLU A 37 3.42 -1.55 -7.62
C GLU A 37 3.97 -2.81 -8.28
N LYS A 38 5.24 -3.09 -8.03
CA LYS A 38 5.89 -4.28 -8.59
C LYS A 38 5.25 -5.55 -8.06
N LEU A 39 4.94 -5.56 -6.77
CA LEU A 39 4.31 -6.71 -6.14
C LEU A 39 3.00 -7.06 -6.82
N ILE A 40 2.17 -6.05 -7.07
CA ILE A 40 0.89 -6.26 -7.72
C ILE A 40 1.07 -6.83 -9.13
N ASP A 41 2.05 -6.30 -9.85
CA ASP A 41 2.32 -6.76 -11.22
C ASP A 41 2.59 -8.26 -11.24
N TYR A 42 3.37 -8.73 -10.26
CA TYR A 42 3.71 -10.15 -10.17
C TYR A 42 2.49 -10.97 -9.76
N GLY A 43 1.71 -10.43 -8.81
CA GLY A 43 0.52 -11.13 -8.35
C GLY A 43 -0.46 -11.40 -9.46
N LYS A 44 -0.57 -10.47 -10.40
CA LYS A 44 -1.49 -10.61 -11.51
C LYS A 44 -1.26 -11.91 -12.26
N LEU A 45 0.00 -12.37 -12.25
CA LEU A 45 0.36 -13.62 -12.92
C LEU A 45 -0.31 -14.81 -12.25
N GLY A 46 -0.47 -14.73 -10.93
CA GLY A 46 -1.09 -15.81 -10.19
C GLY A 46 -0.12 -16.52 -9.26
N ASP A 47 -0.63 -17.47 -8.50
CA ASP A 47 0.21 -18.23 -7.56
C ASP A 47 0.93 -19.36 -8.28
N THR A 48 1.40 -19.08 -9.49
CA THR A 48 2.11 -20.07 -10.28
C THR A 48 3.56 -19.66 -10.51
N ASN A 49 3.81 -18.35 -10.51
CA ASN A 49 5.15 -17.83 -10.72
C ASN A 49 5.97 -17.88 -9.43
N GLU A 50 7.15 -18.47 -9.51
CA GLU A 50 8.03 -18.58 -8.35
C GLU A 50 8.46 -17.20 -7.85
N ARG A 51 8.78 -16.33 -8.79
CA ARG A 51 9.21 -14.97 -8.45
C ARG A 51 8.09 -14.21 -7.74
N ALA A 52 6.88 -14.31 -8.27
CA ALA A 52 5.73 -13.64 -7.68
C ALA A 52 5.40 -14.22 -6.31
N MET A 53 5.36 -15.54 -6.22
CA MET A 53 5.05 -16.21 -4.97
C MET A 53 6.08 -15.87 -3.90
N ARG A 54 7.36 -15.99 -4.27
CA ARG A 54 8.44 -15.69 -3.34
C ARG A 54 8.42 -14.23 -2.92
N MET A 55 8.07 -13.35 -3.86
CA MET A 55 8.01 -11.92 -3.58
C MET A 55 6.90 -11.61 -2.58
N ALA A 56 5.74 -12.21 -2.79
CA ALA A 56 4.60 -11.99 -1.90
C ALA A 56 4.85 -12.61 -0.52
N ASP A 57 5.50 -13.78 -0.52
CA ASP A 57 5.80 -14.48 0.73
C ASP A 57 6.90 -13.76 1.49
N PHE A 58 7.88 -13.24 0.77
CA PHE A 58 9.00 -12.54 1.37
C PHE A 58 8.58 -11.14 1.84
N TRP A 59 7.78 -10.47 1.02
CA TRP A 59 7.30 -9.13 1.35
C TRP A 59 6.13 -9.20 2.33
N LEU A 60 5.19 -10.09 2.07
CA LEU A 60 4.02 -10.25 2.92
C LEU A 60 4.14 -11.51 3.78
N THR A 61 4.20 -11.32 5.10
CA THR A 61 4.31 -12.43 6.03
C THR A 61 2.97 -13.12 6.25
N GLU A 62 1.89 -12.40 5.93
CA GLU A 62 0.54 -12.93 6.09
C GLU A 62 0.27 -14.02 5.06
N LYS A 63 0.44 -15.28 5.47
CA LYS A 63 0.21 -16.40 4.57
C LYS A 63 -1.19 -16.32 3.96
N ASP A 64 -2.10 -15.64 4.63
CA ASP A 64 -3.47 -15.49 4.15
C ASP A 64 -3.55 -14.35 3.13
N LEU A 65 -2.69 -13.36 3.29
CA LEU A 65 -2.67 -12.21 2.39
C LEU A 65 -2.08 -12.58 1.04
N ILE A 66 -1.18 -13.55 1.04
CA ILE A 66 -0.55 -14.01 -0.20
C ILE A 66 -1.58 -14.48 -1.20
N PRO A 67 -2.43 -15.44 -0.78
CA PRO A 67 -3.49 -16.00 -1.63
C PRO A 67 -4.60 -15.00 -1.90
N LYS A 68 -4.99 -14.25 -0.87
CA LYS A 68 -6.04 -13.25 -1.01
C LYS A 68 -5.64 -12.17 -2.01
N LEU A 69 -4.44 -11.65 -1.87
CA LEU A 69 -3.94 -10.61 -2.76
C LEU A 69 -3.88 -11.11 -4.20
N PHE A 70 -3.56 -12.39 -4.37
CA PHE A 70 -3.48 -13.00 -5.68
C PHE A 70 -4.86 -13.35 -6.22
N GLN A 71 -5.83 -13.46 -5.30
CA GLN A 71 -7.20 -13.78 -5.68
C GLN A 71 -8.13 -12.59 -5.46
N VAL A 72 -7.54 -11.44 -5.19
CA VAL A 72 -8.31 -10.22 -4.96
C VAL A 72 -7.80 -9.07 -5.83
N LEU A 73 -6.65 -8.53 -5.46
CA LEU A 73 -6.05 -7.42 -6.19
C LEU A 73 -5.55 -7.89 -7.55
N ALA A 74 -4.95 -9.08 -7.58
CA ALA A 74 -4.43 -9.63 -8.82
C ALA A 74 -5.49 -9.62 -9.91
N PRO A 75 -6.63 -10.26 -9.63
CA PRO A 75 -7.75 -10.34 -10.59
C PRO A 75 -8.44 -8.99 -10.80
N ARG A 76 -8.32 -8.12 -9.80
CA ARG A 76 -8.92 -6.80 -9.87
C ARG A 76 -8.13 -5.88 -10.80
N TYR A 77 -6.82 -6.05 -10.80
CA TYR A 77 -5.95 -5.24 -11.64
C TYR A 77 -5.71 -5.91 -12.99
N LYS A 78 -5.55 -7.23 -12.97
CA LYS A 78 -5.31 -8.00 -14.19
C LYS A 78 -6.07 -7.40 -15.36
N ASP A 79 -7.30 -6.95 -15.10
CA ASP A 79 -8.13 -6.34 -16.14
C ASP A 79 -7.67 -4.92 -16.44
N GLN A 80 -7.45 -4.13 -15.40
CA GLN A 80 -7.01 -2.76 -15.56
C GLN A 80 -5.66 -2.69 -16.27
N THR A 81 -5.44 -1.62 -17.03
CA THR A 81 -4.20 -1.44 -17.76
C THR A 81 -3.27 -0.47 -17.04
N GLY A 82 -3.22 -0.56 -15.72
CA GLY A 82 -2.38 0.32 -14.93
C GLY A 82 -3.12 0.96 -13.78
N GLY A 83 -2.45 1.87 -13.07
CA GLY A 83 -3.06 2.53 -11.94
C GLY A 83 -3.52 1.56 -10.88
N TYR A 84 -2.64 1.28 -9.93
CA TYR A 84 -2.95 0.35 -8.85
C TYR A 84 -3.03 1.09 -7.51
N THR A 85 -2.00 1.88 -7.22
CA THR A 85 -1.95 2.64 -5.99
C THR A 85 -2.23 4.12 -6.22
N ARG A 86 -2.69 4.81 -5.19
CA ARG A 86 -3.00 6.23 -5.29
C ARG A 86 -2.26 7.03 -4.21
N MET A 87 -1.74 8.19 -4.59
CA MET A 87 -1.02 9.05 -3.66
C MET A 87 -1.86 10.26 -3.27
N LEU A 88 -2.10 10.42 -1.97
CA LEU A 88 -2.89 11.53 -1.47
C LEU A 88 -2.04 12.43 -0.57
N GLN A 89 -2.25 13.73 -0.67
CA GLN A 89 -1.52 14.69 0.14
C GLN A 89 -2.36 15.18 1.31
N ILE A 90 -1.71 15.38 2.46
CA ILE A 90 -2.40 15.84 3.65
C ILE A 90 -1.55 16.85 4.43
N PRO A 91 -2.22 17.75 5.15
CA PRO A 91 -1.56 18.78 5.96
C PRO A 91 -0.83 18.20 7.16
N ASN A 92 0.16 18.93 7.66
CA ASN A 92 0.94 18.49 8.82
C ASN A 92 0.79 19.47 9.97
N ARG A 93 -0.09 19.14 10.91
CA ARG A 93 -0.32 19.99 12.08
C ARG A 93 0.42 19.45 13.30
N SER A 94 1.73 19.66 13.35
CA SER A 94 2.53 19.19 14.46
C SER A 94 3.66 20.18 14.76
N LEU A 95 4.23 20.06 15.96
CA LEU A 95 5.33 20.93 16.37
C LEU A 95 6.49 20.85 15.39
N ASP A 96 6.90 19.62 15.07
CA ASP A 96 8.01 19.40 14.14
C ASP A 96 7.49 19.13 12.74
N ARG A 97 7.73 20.08 11.84
CA ARG A 97 7.29 19.95 10.45
C ARG A 97 7.69 18.59 9.88
N ALA A 98 6.69 17.81 9.48
CA ALA A 98 6.93 16.50 8.91
C ALA A 98 6.09 16.28 7.65
N LYS A 99 6.73 15.76 6.60
CA LYS A 99 6.05 15.50 5.34
C LYS A 99 5.18 14.24 5.44
N MET A 100 3.93 14.42 5.84
CA MET A 100 3.01 13.30 5.98
C MET A 100 2.21 13.10 4.68
N ALA A 101 1.86 11.85 4.40
CA ALA A 101 1.10 11.52 3.20
C ALA A 101 0.25 10.28 3.41
N VAL A 102 -0.76 10.10 2.57
CA VAL A 102 -1.65 8.95 2.67
C VAL A 102 -1.72 8.20 1.35
N ILE A 103 -1.59 6.88 1.40
CA ILE A 103 -1.64 6.05 0.21
C ILE A 103 -2.77 5.02 0.30
N GLU A 104 -3.45 4.80 -0.82
CA GLU A 104 -4.55 3.84 -0.86
C GLU A 104 -4.60 3.13 -2.22
N TYR A 105 -5.17 1.93 -2.23
CA TYR A 105 -5.29 1.16 -3.46
C TYR A 105 -6.53 1.55 -4.25
N LYS A 106 -6.44 1.48 -5.57
CA LYS A 106 -7.56 1.82 -6.43
C LYS A 106 -8.70 0.81 -6.29
N GLY A 107 -9.49 0.97 -5.22
CA GLY A 107 -10.59 0.07 -4.98
C GLY A 107 -11.75 0.74 -4.28
N ASN A 108 -12.71 -0.05 -3.81
CA ASN A 108 -13.88 0.48 -3.13
C ASN A 108 -14.10 -0.25 -1.80
N CYS A 109 -13.01 -0.58 -1.12
CA CYS A 109 -13.10 -1.27 0.16
C CYS A 109 -13.59 -0.34 1.25
N LEU A 110 -12.95 0.82 1.38
CA LEU A 110 -13.33 1.80 2.39
C LEU A 110 -13.97 3.03 1.75
N PRO A 111 -14.85 3.69 2.50
CA PRO A 111 -15.55 4.89 2.04
C PRO A 111 -14.61 6.09 1.90
N PRO A 112 -15.11 7.17 1.27
CA PRO A 112 -14.33 8.40 1.06
C PRO A 112 -14.09 9.15 2.37
N LEU A 113 -13.15 10.09 2.33
CA LEU A 113 -12.82 10.88 3.51
C LEU A 113 -14.07 11.36 4.22
N PRO A 114 -14.04 11.36 5.56
CA PRO A 114 -15.17 11.79 6.39
C PRO A 114 -15.40 13.29 6.30
N LEU A 115 -16.49 13.75 6.93
CA LEU A 115 -16.82 15.17 6.91
C LEU A 115 -15.60 16.03 7.20
N PRO A 116 -15.54 17.21 6.56
CA PRO A 116 -14.42 18.14 6.73
C PRO A 116 -14.42 18.78 8.12
N SER A 117 -13.32 18.59 8.85
CA SER A 117 -13.19 19.14 10.19
C SER A 117 -13.09 20.67 10.15
N GLY A 118 -12.23 21.16 9.27
CA GLY A 118 -12.06 22.60 9.14
C GLY A 118 -12.06 23.05 7.69
N PRO A 119 -11.62 24.30 7.46
CA PRO A 119 -11.58 24.88 6.11
C PRO A 119 -10.51 24.23 5.24
N SER A 120 -10.53 24.56 3.94
CA SER A 120 -9.56 24.01 3.01
C SER A 120 -8.30 24.87 2.95
N SER A 121 -7.84 25.31 4.12
CA SER A 121 -6.65 26.14 4.21
C SER A 121 -5.41 25.30 4.51
N GLY A 122 -4.24 25.82 4.16
CA GLY A 122 -3.01 25.10 4.41
C GLY A 122 -1.80 25.77 3.77
N GLY A 1 14.41 15.30 5.94
CA GLY A 1 15.34 14.34 5.36
C GLY A 1 14.69 13.00 5.10
N SER A 2 15.49 12.02 4.66
CA SER A 2 14.98 10.69 4.38
C SER A 2 15.63 9.66 5.29
N SER A 3 14.81 8.99 6.10
CA SER A 3 15.30 7.98 7.03
C SER A 3 14.43 6.72 6.98
N GLY A 4 14.93 5.65 7.58
CA GLY A 4 14.18 4.40 7.60
C GLY A 4 15.08 3.18 7.60
N SER A 5 14.48 2.01 7.79
CA SER A 5 15.24 0.76 7.82
C SER A 5 14.37 -0.41 7.38
N SER A 6 14.98 -1.59 7.31
CA SER A 6 14.27 -2.80 6.88
C SER A 6 13.14 -3.12 7.86
N GLY A 7 12.29 -4.07 7.47
CA GLY A 7 11.18 -4.47 8.31
C GLY A 7 9.99 -3.53 8.20
N LEU A 8 10.26 -2.23 8.29
CA LEU A 8 9.21 -1.22 8.20
C LEU A 8 8.52 -1.29 6.84
N LEU A 9 9.31 -1.44 5.79
CA LEU A 9 8.77 -1.51 4.43
C LEU A 9 7.85 -2.72 4.27
N ARG A 10 8.31 -3.87 4.76
CA ARG A 10 7.52 -5.10 4.68
C ARG A 10 6.19 -4.94 5.42
N ASN A 11 6.24 -4.34 6.59
CA ASN A 11 5.05 -4.13 7.40
C ASN A 11 4.10 -3.15 6.72
N LEU A 12 4.67 -2.19 5.99
CA LEU A 12 3.88 -1.19 5.29
C LEU A 12 3.03 -1.83 4.19
N LEU A 13 3.64 -2.74 3.44
CA LEU A 13 2.94 -3.42 2.35
C LEU A 13 1.83 -4.32 2.91
N THR A 14 2.14 -5.05 3.97
CA THR A 14 1.18 -5.95 4.60
C THR A 14 0.02 -5.17 5.20
N GLY A 15 0.35 -4.09 5.92
CA GLY A 15 -0.68 -3.27 6.53
C GLY A 15 -1.52 -2.51 5.52
N LEU A 16 -0.87 -2.06 4.46
CA LEU A 16 -1.56 -1.31 3.40
C LEU A 16 -2.66 -2.15 2.77
N VAL A 17 -2.32 -3.39 2.41
CA VAL A 17 -3.28 -4.30 1.80
C VAL A 17 -4.39 -4.68 2.78
N ARG A 18 -4.01 -4.90 4.04
CA ARG A 18 -4.98 -5.25 5.07
C ARG A 18 -6.10 -4.23 5.16
N HIS A 19 -5.71 -2.96 5.29
CA HIS A 19 -6.68 -1.87 5.39
C HIS A 19 -6.76 -1.09 4.08
N GLU A 20 -6.19 -1.67 3.02
CA GLU A 20 -6.19 -1.02 1.71
C GLU A 20 -5.96 0.49 1.84
N ARG A 21 -5.30 0.88 2.93
CA ARG A 21 -5.02 2.29 3.18
C ARG A 21 -4.20 2.47 4.46
N ILE A 22 -3.14 3.24 4.37
CA ILE A 22 -2.27 3.49 5.52
C ILE A 22 -1.68 4.90 5.47
N GLU A 23 -1.25 5.40 6.61
CA GLU A 23 -0.67 6.73 6.70
C GLU A 23 0.85 6.65 6.83
N ALA A 24 1.54 7.26 5.88
CA ALA A 24 3.00 7.26 5.88
C ALA A 24 3.55 8.53 5.22
N PRO A 25 4.83 8.83 5.50
CA PRO A 25 5.50 10.01 4.93
C PRO A 25 5.75 9.88 3.43
N TRP A 26 6.19 10.97 2.82
CA TRP A 26 6.47 10.97 1.39
C TRP A 26 7.59 9.98 1.04
N ALA A 27 8.62 9.96 1.87
CA ALA A 27 9.75 9.07 1.66
C ALA A 27 9.30 7.61 1.71
N ARG A 28 8.45 7.28 2.67
CA ARG A 28 7.96 5.92 2.83
C ARG A 28 6.89 5.61 1.79
N VAL A 29 6.10 6.62 1.43
CA VAL A 29 5.04 6.46 0.45
C VAL A 29 5.61 6.13 -0.93
N ASP A 30 6.55 6.95 -1.39
CA ASP A 30 7.17 6.75 -2.69
C ASP A 30 7.95 5.43 -2.71
N GLU A 31 8.78 5.22 -1.69
CA GLU A 31 9.58 4.01 -1.59
C GLU A 31 8.69 2.77 -1.59
N MET A 32 7.63 2.81 -0.80
CA MET A 32 6.70 1.68 -0.71
C MET A 32 5.89 1.55 -1.99
N ARG A 33 5.60 2.68 -2.64
CA ARG A 33 4.83 2.68 -3.87
C ARG A 33 5.49 1.80 -4.92
N GLY A 34 6.80 1.96 -5.07
CA GLY A 34 7.53 1.17 -6.06
C GLY A 34 7.46 -0.32 -5.78
N TYR A 35 7.62 -0.70 -4.51
CA TYR A 35 7.58 -2.09 -4.11
C TYR A 35 6.16 -2.64 -4.23
N ALA A 36 5.18 -1.83 -3.87
CA ALA A 36 3.78 -2.23 -3.93
C ALA A 36 3.34 -2.45 -5.38
N GLU A 37 3.77 -1.56 -6.26
CA GLU A 37 3.42 -1.66 -7.67
C GLU A 37 3.96 -2.95 -8.28
N LYS A 38 5.24 -3.22 -8.04
CA LYS A 38 5.89 -4.42 -8.56
C LYS A 38 5.19 -5.68 -8.05
N LEU A 39 4.77 -5.63 -6.78
CA LEU A 39 4.09 -6.78 -6.17
C LEU A 39 2.81 -7.11 -6.92
N ILE A 40 2.00 -6.09 -7.20
CA ILE A 40 0.74 -6.27 -7.91
C ILE A 40 0.98 -6.89 -9.29
N ASP A 41 2.00 -6.42 -9.97
CA ASP A 41 2.35 -6.92 -11.30
C ASP A 41 2.63 -8.42 -11.25
N TYR A 42 3.33 -8.85 -10.20
CA TYR A 42 3.68 -10.25 -10.03
C TYR A 42 2.44 -11.09 -9.76
N GLY A 43 1.56 -10.60 -8.90
CA GLY A 43 0.35 -11.31 -8.57
C GLY A 43 -0.54 -11.54 -9.79
N LYS A 44 -0.55 -10.57 -10.69
CA LYS A 44 -1.36 -10.68 -11.90
C LYS A 44 -1.04 -11.96 -12.66
N LEU A 45 0.19 -12.43 -12.54
CA LEU A 45 0.62 -13.65 -13.20
C LEU A 45 -0.14 -14.86 -12.68
N GLY A 46 -0.35 -14.89 -11.35
CA GLY A 46 -1.07 -15.99 -10.74
C GLY A 46 -0.35 -16.55 -9.53
N ASP A 47 -0.99 -17.49 -8.86
CA ASP A 47 -0.41 -18.10 -7.66
C ASP A 47 0.59 -19.19 -8.04
N THR A 48 0.51 -19.65 -9.27
CA THR A 48 1.41 -20.69 -9.77
C THR A 48 2.74 -20.11 -10.22
N ASN A 49 3.08 -18.93 -9.69
CA ASN A 49 4.32 -18.26 -10.03
C ASN A 49 5.33 -18.37 -8.91
N GLU A 50 6.49 -18.96 -9.20
CA GLU A 50 7.54 -19.13 -8.21
C GLU A 50 8.11 -17.78 -7.78
N ARG A 51 8.43 -16.94 -8.77
CA ARG A 51 8.98 -15.62 -8.48
C ARG A 51 7.97 -14.76 -7.73
N ALA A 52 6.72 -14.82 -8.15
CA ALA A 52 5.66 -14.04 -7.52
C ALA A 52 5.40 -14.53 -6.10
N MET A 53 5.38 -15.85 -5.93
CA MET A 53 5.15 -16.44 -4.61
C MET A 53 6.22 -16.02 -3.63
N ARG A 54 7.49 -16.15 -4.04
CA ARG A 54 8.61 -15.79 -3.19
C ARG A 54 8.61 -14.30 -2.90
N MET A 55 8.29 -13.50 -3.91
CA MET A 55 8.25 -12.05 -3.77
C MET A 55 7.12 -11.62 -2.83
N ALA A 56 5.95 -12.21 -3.02
CA ALA A 56 4.79 -11.90 -2.19
C ALA A 56 4.97 -12.41 -0.77
N ASP A 57 5.56 -13.60 -0.64
CA ASP A 57 5.80 -14.21 0.65
C ASP A 57 6.92 -13.48 1.40
N PHE A 58 7.97 -13.13 0.67
CA PHE A 58 9.10 -12.43 1.25
C PHE A 58 8.70 -11.06 1.78
N TRP A 59 7.91 -10.35 0.99
CA TRP A 59 7.44 -9.01 1.39
C TRP A 59 6.25 -9.11 2.34
N LEU A 60 5.28 -9.93 1.98
CA LEU A 60 4.09 -10.13 2.80
C LEU A 60 4.21 -11.38 3.66
N THR A 61 4.26 -11.20 4.97
CA THR A 61 4.38 -12.31 5.90
C THR A 61 3.03 -12.99 6.10
N GLU A 62 1.95 -12.24 5.89
CA GLU A 62 0.60 -12.77 6.06
C GLU A 62 0.31 -13.85 5.03
N LYS A 63 0.50 -15.10 5.42
CA LYS A 63 0.26 -16.23 4.53
C LYS A 63 -1.16 -16.18 3.95
N ASP A 64 -2.02 -15.38 4.59
CA ASP A 64 -3.40 -15.23 4.14
C ASP A 64 -3.52 -14.16 3.06
N LEU A 65 -2.70 -13.12 3.18
CA LEU A 65 -2.72 -12.02 2.22
C LEU A 65 -2.07 -12.44 0.91
N ILE A 66 -1.14 -13.38 0.98
CA ILE A 66 -0.44 -13.87 -0.20
C ILE A 66 -1.42 -14.45 -1.21
N PRO A 67 -2.25 -15.40 -0.76
CA PRO A 67 -3.25 -16.06 -1.61
C PRO A 67 -4.39 -15.11 -1.98
N LYS A 68 -4.84 -14.32 -1.01
CA LYS A 68 -5.93 -13.38 -1.23
C LYS A 68 -5.51 -12.31 -2.25
N LEU A 69 -4.34 -11.73 -2.05
CA LEU A 69 -3.83 -10.70 -2.95
C LEU A 69 -3.76 -11.22 -4.38
N PHE A 70 -3.45 -12.49 -4.53
CA PHE A 70 -3.35 -13.11 -5.85
C PHE A 70 -4.73 -13.48 -6.39
N GLN A 71 -5.71 -13.58 -5.48
CA GLN A 71 -7.07 -13.94 -5.86
C GLN A 71 -8.01 -12.75 -5.66
N VAL A 72 -7.43 -11.58 -5.43
CA VAL A 72 -8.23 -10.37 -5.21
C VAL A 72 -7.68 -9.20 -6.04
N LEU A 73 -6.54 -8.68 -5.65
CA LEU A 73 -5.91 -7.57 -6.35
C LEU A 73 -5.46 -7.99 -7.74
N ALA A 74 -4.83 -9.16 -7.83
CA ALA A 74 -4.36 -9.68 -9.11
C ALA A 74 -5.46 -9.65 -10.16
N PRO A 75 -6.59 -10.31 -9.87
CA PRO A 75 -7.74 -10.37 -10.77
C PRO A 75 -8.44 -9.02 -10.90
N ARG A 76 -8.32 -8.20 -9.86
CA ARG A 76 -8.96 -6.88 -9.86
C ARG A 76 -8.19 -5.91 -10.75
N TYR A 77 -6.87 -6.08 -10.81
CA TYR A 77 -6.01 -5.22 -11.62
C TYR A 77 -5.82 -5.81 -13.02
N LYS A 78 -5.71 -7.13 -13.09
CA LYS A 78 -5.53 -7.81 -14.36
C LYS A 78 -6.28 -7.09 -15.49
N ASP A 79 -7.47 -6.62 -15.18
CA ASP A 79 -8.29 -5.90 -16.16
C ASP A 79 -7.88 -4.45 -16.24
N GLN A 80 -7.72 -3.82 -15.08
CA GLN A 80 -7.33 -2.41 -15.02
C GLN A 80 -6.30 -2.09 -16.10
N THR A 81 -6.26 -0.82 -16.50
CA THR A 81 -5.32 -0.38 -17.52
C THR A 81 -4.22 0.49 -16.92
N GLY A 82 -3.76 0.12 -15.74
CA GLY A 82 -2.71 0.89 -15.08
C GLY A 82 -3.19 1.56 -13.81
N GLY A 83 -2.32 2.34 -13.18
CA GLY A 83 -2.68 3.02 -11.95
C GLY A 83 -3.32 2.10 -10.94
N TYR A 84 -2.50 1.47 -10.10
CA TYR A 84 -2.98 0.55 -9.08
C TYR A 84 -3.09 1.24 -7.73
N THR A 85 -2.06 2.01 -7.38
CA THR A 85 -2.03 2.73 -6.11
C THR A 85 -2.27 4.22 -6.32
N ARG A 86 -2.57 4.92 -5.23
CA ARG A 86 -2.82 6.35 -5.30
C ARG A 86 -2.18 7.07 -4.11
N MET A 87 -1.56 8.21 -4.38
CA MET A 87 -0.90 8.99 -3.34
C MET A 87 -1.73 10.24 -2.99
N LEU A 88 -1.92 10.46 -1.70
CA LEU A 88 -2.69 11.61 -1.23
C LEU A 88 -1.89 12.43 -0.22
N GLN A 89 -2.03 13.75 -0.29
CA GLN A 89 -1.32 14.65 0.61
C GLN A 89 -2.24 15.14 1.73
N ILE A 90 -1.74 15.12 2.96
CA ILE A 90 -2.52 15.56 4.11
C ILE A 90 -1.77 16.61 4.91
N PRO A 91 -2.52 17.57 5.48
CA PRO A 91 -1.94 18.65 6.28
C PRO A 91 -1.39 18.15 7.62
N ASN A 92 -0.95 19.09 8.45
CA ASN A 92 -0.40 18.74 9.76
C ASN A 92 -0.70 19.83 10.78
N ARG A 93 -0.56 19.50 12.06
CA ARG A 93 -0.82 20.44 13.13
C ARG A 93 -0.20 21.81 12.81
N SER A 94 -0.60 22.82 13.57
CA SER A 94 -0.10 24.17 13.37
C SER A 94 1.42 24.21 13.51
N LEU A 95 1.92 23.83 14.67
CA LEU A 95 3.36 23.81 14.94
C LEU A 95 3.93 22.42 14.72
N ASP A 96 3.56 21.80 13.61
CA ASP A 96 4.05 20.47 13.27
C ASP A 96 4.50 20.40 11.82
N ARG A 97 5.71 20.87 11.55
CA ARG A 97 6.26 20.86 10.20
C ARG A 97 6.53 19.44 9.73
N ALA A 98 5.50 18.80 9.18
CA ALA A 98 5.63 17.43 8.69
C ALA A 98 5.19 17.33 7.23
N LYS A 99 5.37 16.15 6.64
CA LYS A 99 5.01 15.92 5.25
C LYS A 99 4.24 14.62 5.11
N MET A 100 3.70 14.12 6.22
CA MET A 100 2.94 12.87 6.22
C MET A 100 2.00 12.81 5.01
N ALA A 101 1.69 11.61 4.57
CA ALA A 101 0.81 11.41 3.42
C ALA A 101 0.02 10.12 3.55
N VAL A 102 -1.08 10.02 2.80
CA VAL A 102 -1.92 8.83 2.85
C VAL A 102 -1.90 8.10 1.51
N ILE A 103 -1.56 6.81 1.55
CA ILE A 103 -1.51 6.00 0.34
C ILE A 103 -2.52 4.86 0.39
N GLU A 104 -3.26 4.69 -0.69
CA GLU A 104 -4.26 3.63 -0.76
C GLU A 104 -4.39 3.10 -2.18
N TYR A 105 -4.91 1.88 -2.31
CA TYR A 105 -5.08 1.27 -3.62
C TYR A 105 -6.32 1.81 -4.32
N LYS A 106 -6.16 2.17 -5.59
CA LYS A 106 -7.26 2.71 -6.38
C LYS A 106 -8.56 1.99 -6.05
N GLY A 107 -8.48 0.69 -5.81
CA GLY A 107 -9.66 -0.10 -5.48
C GLY A 107 -9.81 -0.32 -4.00
N ASN A 108 -9.84 0.77 -3.23
CA ASN A 108 -9.97 0.69 -1.79
C ASN A 108 -11.43 0.89 -1.38
N CYS A 109 -11.86 0.14 -0.36
CA CYS A 109 -13.23 0.23 0.13
C CYS A 109 -13.25 0.43 1.63
N LEU A 110 -13.22 1.69 2.05
CA LEU A 110 -13.24 2.02 3.47
C LEU A 110 -14.33 3.06 3.78
N PRO A 111 -14.82 3.05 5.03
CA PRO A 111 -15.86 3.97 5.47
C PRO A 111 -15.35 5.41 5.58
N PRO A 112 -15.85 6.28 4.70
CA PRO A 112 -15.47 7.70 4.67
C PRO A 112 -16.00 8.47 5.87
N LEU A 113 -15.19 9.37 6.40
CA LEU A 113 -15.57 10.17 7.55
C LEU A 113 -15.65 11.66 7.19
N PRO A 114 -16.50 12.40 7.90
CA PRO A 114 -16.68 13.83 7.68
C PRO A 114 -15.46 14.65 8.08
N LEU A 115 -14.70 15.10 7.10
CA LEU A 115 -13.51 15.89 7.35
C LEU A 115 -13.65 17.31 6.80
N PRO A 116 -13.65 18.30 7.70
CA PRO A 116 -13.77 19.72 7.32
C PRO A 116 -12.55 20.23 6.58
N SER A 117 -12.57 20.16 5.26
CA SER A 117 -11.47 20.63 4.44
C SER A 117 -11.72 22.03 3.91
N GLY A 118 -12.98 22.31 3.59
CA GLY A 118 -13.35 23.62 3.08
C GLY A 118 -12.36 24.13 2.06
N PRO A 119 -12.29 25.46 1.90
CA PRO A 119 -11.38 26.11 0.95
C PRO A 119 -9.92 25.98 1.36
N SER A 120 -9.21 25.03 0.74
CA SER A 120 -7.81 24.80 1.03
C SER A 120 -6.99 24.74 -0.24
N SER A 121 -5.99 25.63 -0.35
CA SER A 121 -5.13 25.67 -1.52
C SER A 121 -3.83 24.92 -1.27
N GLY A 122 -3.45 24.08 -2.22
CA GLY A 122 -2.22 23.31 -2.08
C GLY A 122 -1.16 23.75 -3.06
N GLY A 1 -1.50 -0.93 14.19
CA GLY A 1 -0.50 -1.82 13.66
C GLY A 1 0.90 -1.26 13.74
N SER A 2 1.31 -0.87 14.95
CA SER A 2 2.64 -0.31 15.17
C SER A 2 3.70 -1.13 14.45
N SER A 3 4.57 -0.44 13.72
CA SER A 3 5.65 -1.11 12.98
C SER A 3 6.66 -0.10 12.47
N GLY A 4 7.93 -0.49 12.47
CA GLY A 4 8.99 0.39 12.01
C GLY A 4 10.36 -0.08 12.44
N SER A 5 10.47 -0.57 13.66
CA SER A 5 11.74 -1.05 14.19
C SER A 5 12.53 -1.80 13.11
N SER A 6 11.94 -2.86 12.59
CA SER A 6 12.58 -3.67 11.56
C SER A 6 11.64 -3.90 10.38
N GLY A 7 12.21 -4.10 9.19
CA GLY A 7 11.42 -4.32 8.01
C GLY A 7 10.15 -3.48 7.99
N LEU A 8 10.31 -2.17 8.04
CA LEU A 8 9.18 -1.25 8.03
C LEU A 8 8.45 -1.30 6.69
N LEU A 9 9.22 -1.38 5.62
CA LEU A 9 8.65 -1.44 4.27
C LEU A 9 7.74 -2.65 4.12
N ARG A 10 8.23 -3.80 4.54
CA ARG A 10 7.45 -5.04 4.45
C ARG A 10 6.16 -4.94 5.26
N ASN A 11 6.26 -4.36 6.45
CA ASN A 11 5.10 -4.19 7.33
C ASN A 11 4.09 -3.23 6.71
N LEU A 12 4.59 -2.22 6.02
CA LEU A 12 3.73 -1.23 5.38
C LEU A 12 2.90 -1.86 4.27
N LEU A 13 3.55 -2.68 3.45
CA LEU A 13 2.87 -3.35 2.35
C LEU A 13 1.78 -4.29 2.87
N THR A 14 2.11 -5.05 3.91
CA THR A 14 1.17 -5.99 4.51
C THR A 14 -0.02 -5.24 5.13
N GLY A 15 0.28 -4.23 5.92
CA GLY A 15 -0.77 -3.46 6.56
C GLY A 15 -1.59 -2.66 5.57
N LEU A 16 -0.93 -2.14 4.54
CA LEU A 16 -1.61 -1.36 3.51
C LEU A 16 -2.72 -2.17 2.84
N VAL A 17 -2.39 -3.40 2.46
CA VAL A 17 -3.35 -4.28 1.81
C VAL A 17 -4.48 -4.65 2.75
N ARG A 18 -4.14 -4.91 4.02
CA ARG A 18 -5.13 -5.28 5.02
C ARG A 18 -6.22 -4.23 5.12
N HIS A 19 -5.81 -2.97 5.30
CA HIS A 19 -6.76 -1.86 5.41
C HIS A 19 -6.82 -1.08 4.11
N GLU A 20 -6.23 -1.63 3.06
CA GLU A 20 -6.23 -0.98 1.75
C GLU A 20 -6.00 0.52 1.90
N ARG A 21 -5.35 0.91 3.00
CA ARG A 21 -5.08 2.32 3.26
C ARG A 21 -4.28 2.50 4.55
N ILE A 22 -3.21 3.27 4.48
CA ILE A 22 -2.37 3.51 5.65
C ILE A 22 -1.77 4.91 5.61
N GLU A 23 -1.34 5.39 6.77
CA GLU A 23 -0.74 6.72 6.87
C GLU A 23 0.78 6.62 7.00
N ALA A 24 1.48 7.24 6.04
CA ALA A 24 2.94 7.22 6.05
C ALA A 24 3.50 8.48 5.39
N PRO A 25 4.77 8.79 5.68
CA PRO A 25 5.45 9.96 5.13
C PRO A 25 5.72 9.82 3.63
N TRP A 26 6.18 10.91 3.02
CA TRP A 26 6.47 10.91 1.59
C TRP A 26 7.58 9.91 1.26
N ALA A 27 8.64 9.93 2.07
CA ALA A 27 9.76 9.02 1.86
C ALA A 27 9.31 7.57 1.89
N ARG A 28 8.44 7.24 2.83
CA ARG A 28 7.93 5.88 2.98
C ARG A 28 6.87 5.59 1.92
N VAL A 29 6.11 6.62 1.54
CA VAL A 29 5.07 6.47 0.53
C VAL A 29 5.66 6.15 -0.83
N ASP A 30 6.61 6.97 -1.26
CA ASP A 30 7.25 6.77 -2.56
C ASP A 30 8.02 5.45 -2.58
N GLU A 31 8.82 5.21 -1.54
CA GLU A 31 9.61 3.99 -1.45
C GLU A 31 8.71 2.76 -1.47
N MET A 32 7.64 2.80 -0.69
CA MET A 32 6.69 1.69 -0.61
C MET A 32 5.89 1.58 -1.90
N ARG A 33 5.61 2.73 -2.52
CA ARG A 33 4.85 2.75 -3.76
C ARG A 33 5.50 1.88 -4.83
N GLY A 34 6.81 2.06 -5.01
CA GLY A 34 7.53 1.29 -6.00
C GLY A 34 7.50 -0.21 -5.71
N TYR A 35 7.69 -0.57 -4.45
CA TYR A 35 7.69 -1.96 -4.03
C TYR A 35 6.28 -2.56 -4.17
N ALA A 36 5.28 -1.77 -3.82
CA ALA A 36 3.89 -2.21 -3.90
C ALA A 36 3.46 -2.41 -5.35
N GLU A 37 3.88 -1.51 -6.22
CA GLU A 37 3.54 -1.59 -7.64
C GLU A 37 4.08 -2.87 -8.26
N LYS A 38 5.35 -3.14 -8.01
CA LYS A 38 6.00 -4.33 -8.55
C LYS A 38 5.32 -5.60 -8.03
N LEU A 39 4.98 -5.59 -6.74
CA LEU A 39 4.32 -6.73 -6.11
C LEU A 39 3.03 -7.10 -6.86
N ILE A 40 2.20 -6.08 -7.13
CA ILE A 40 0.95 -6.29 -7.83
C ILE A 40 1.19 -6.85 -9.23
N ASP A 41 2.22 -6.33 -9.89
CA ASP A 41 2.56 -6.77 -11.24
C ASP A 41 2.80 -8.29 -11.27
N TYR A 42 3.49 -8.78 -10.25
CA TYR A 42 3.80 -10.21 -10.17
C TYR A 42 2.53 -11.02 -9.92
N GLY A 43 1.65 -10.51 -9.06
CA GLY A 43 0.42 -11.20 -8.75
C GLY A 43 -0.45 -11.40 -9.97
N LYS A 44 -0.44 -10.43 -10.87
CA LYS A 44 -1.24 -10.51 -12.09
C LYS A 44 -0.92 -11.78 -12.87
N LEU A 45 0.32 -12.23 -12.74
CA LEU A 45 0.75 -13.44 -13.44
C LEU A 45 0.01 -14.66 -12.92
N GLY A 46 -0.17 -14.72 -11.61
CA GLY A 46 -0.87 -15.84 -11.01
C GLY A 46 -0.25 -16.28 -9.69
N ASP A 47 -0.99 -17.08 -8.93
CA ASP A 47 -0.49 -17.57 -7.64
C ASP A 47 0.44 -18.76 -7.83
N THR A 48 0.22 -19.51 -8.90
CA THR A 48 1.05 -20.68 -9.19
C THR A 48 2.49 -20.28 -9.46
N ASN A 49 2.68 -19.06 -9.98
CA ASN A 49 4.01 -18.57 -10.29
C ASN A 49 4.91 -18.62 -9.07
N GLU A 50 5.95 -19.45 -9.13
CA GLU A 50 6.89 -19.59 -8.03
C GLU A 50 7.59 -18.27 -7.73
N ARG A 51 8.10 -17.63 -8.78
CA ARG A 51 8.79 -16.36 -8.63
C ARG A 51 7.89 -15.32 -7.97
N ALA A 52 6.64 -15.24 -8.41
CA ALA A 52 5.68 -14.30 -7.85
C ALA A 52 5.39 -14.61 -6.40
N MET A 53 5.32 -15.90 -6.07
CA MET A 53 5.05 -16.33 -4.70
C MET A 53 6.16 -15.88 -3.76
N ARG A 54 7.40 -16.15 -4.15
CA ARG A 54 8.55 -15.77 -3.34
C ARG A 54 8.56 -14.28 -3.07
N MET A 55 8.37 -13.48 -4.12
CA MET A 55 8.35 -12.03 -4.00
C MET A 55 7.22 -11.58 -3.06
N ALA A 56 6.08 -12.24 -3.17
CA ALA A 56 4.92 -11.90 -2.33
C ALA A 56 5.16 -12.30 -0.88
N ASP A 57 5.80 -13.46 -0.68
CA ASP A 57 6.08 -13.95 0.66
C ASP A 57 7.19 -13.13 1.31
N PHE A 58 8.20 -12.77 0.52
CA PHE A 58 9.32 -11.98 1.03
C PHE A 58 8.86 -10.61 1.51
N TRP A 59 8.00 -9.98 0.71
CA TRP A 59 7.48 -8.65 1.06
C TRP A 59 6.33 -8.77 2.04
N LEU A 60 5.38 -9.66 1.74
CA LEU A 60 4.22 -9.86 2.60
C LEU A 60 4.38 -11.13 3.45
N THR A 61 4.18 -10.98 4.76
CA THR A 61 4.30 -12.11 5.67
C THR A 61 2.99 -12.86 5.79
N GLU A 62 1.92 -12.13 6.09
CA GLU A 62 0.60 -12.75 6.23
C GLU A 62 0.38 -13.82 5.18
N LYS A 63 0.32 -15.07 5.63
CA LYS A 63 0.11 -16.20 4.73
C LYS A 63 -1.26 -16.14 4.08
N ASP A 64 -2.16 -15.36 4.69
CA ASP A 64 -3.52 -15.21 4.17
C ASP A 64 -3.58 -14.07 3.16
N LEU A 65 -2.76 -13.04 3.37
CA LEU A 65 -2.73 -11.89 2.47
C LEU A 65 -2.02 -12.23 1.17
N ILE A 66 -1.08 -13.16 1.24
CA ILE A 66 -0.33 -13.57 0.06
C ILE A 66 -1.26 -14.13 -1.02
N PRO A 67 -2.07 -15.14 -0.63
CA PRO A 67 -3.02 -15.78 -1.54
C PRO A 67 -4.18 -14.86 -1.91
N LYS A 68 -4.68 -14.12 -0.92
CA LYS A 68 -5.78 -13.20 -1.14
C LYS A 68 -5.41 -12.13 -2.18
N LEU A 69 -4.22 -11.57 -2.04
CA LEU A 69 -3.74 -10.55 -2.96
C LEU A 69 -3.74 -11.07 -4.40
N PHE A 70 -3.44 -12.36 -4.56
CA PHE A 70 -3.41 -12.97 -5.88
C PHE A 70 -4.82 -13.35 -6.34
N GLN A 71 -5.75 -13.44 -5.39
CA GLN A 71 -7.12 -13.79 -5.69
C GLN A 71 -8.06 -12.61 -5.46
N VAL A 72 -7.46 -11.43 -5.25
CA VAL A 72 -8.24 -10.21 -5.02
C VAL A 72 -7.77 -9.08 -5.92
N LEU A 73 -6.60 -8.53 -5.59
CA LEU A 73 -6.03 -7.43 -6.37
C LEU A 73 -5.52 -7.93 -7.72
N ALA A 74 -4.83 -9.06 -7.70
CA ALA A 74 -4.28 -9.65 -8.92
C ALA A 74 -5.33 -9.66 -10.03
N PRO A 75 -6.48 -10.30 -9.76
CA PRO A 75 -7.58 -10.40 -10.72
C PRO A 75 -8.27 -9.07 -10.97
N ARG A 76 -8.36 -8.26 -9.91
CA ARG A 76 -8.99 -6.94 -10.02
C ARG A 76 -8.24 -6.05 -11.00
N TYR A 77 -6.91 -6.06 -10.91
CA TYR A 77 -6.08 -5.25 -11.79
C TYR A 77 -5.79 -5.99 -13.10
N LYS A 78 -5.60 -7.30 -13.00
CA LYS A 78 -5.32 -8.11 -14.17
C LYS A 78 -6.06 -7.59 -15.39
N ASP A 79 -7.31 -7.18 -15.19
CA ASP A 79 -8.13 -6.65 -16.28
C ASP A 79 -7.79 -5.20 -16.55
N GLN A 80 -7.68 -4.41 -15.48
CA GLN A 80 -7.37 -3.00 -15.60
C GLN A 80 -6.16 -2.78 -16.52
N THR A 81 -5.89 -1.51 -16.83
CA THR A 81 -4.76 -1.17 -17.70
C THR A 81 -3.75 -0.30 -16.97
N GLY A 82 -3.49 -0.63 -15.71
CA GLY A 82 -2.54 0.13 -14.92
C GLY A 82 -3.18 0.76 -13.69
N GLY A 83 -2.43 1.64 -13.03
CA GLY A 83 -2.95 2.30 -11.84
C GLY A 83 -3.39 1.32 -10.77
N TYR A 84 -2.47 0.94 -9.89
CA TYR A 84 -2.78 0.00 -8.83
C TYR A 84 -2.89 0.71 -7.48
N THR A 85 -1.91 1.56 -7.19
CA THR A 85 -1.89 2.31 -5.94
C THR A 85 -2.12 3.79 -6.18
N ARG A 86 -2.71 4.46 -5.19
CA ARG A 86 -2.97 5.89 -5.30
C ARG A 86 -2.29 6.66 -4.18
N MET A 87 -1.69 7.79 -4.53
CA MET A 87 -1.00 8.62 -3.55
C MET A 87 -1.80 9.89 -3.26
N LEU A 88 -2.16 10.06 -1.99
CA LEU A 88 -2.93 11.23 -1.57
C LEU A 88 -2.13 12.09 -0.60
N GLN A 89 -2.34 13.40 -0.66
CA GLN A 89 -1.63 14.33 0.21
C GLN A 89 -2.56 14.83 1.32
N ILE A 90 -2.02 14.93 2.53
CA ILE A 90 -2.79 15.40 3.67
C ILE A 90 -1.98 16.37 4.52
N PRO A 91 -2.67 17.36 5.11
CA PRO A 91 -2.04 18.37 5.97
C PRO A 91 -1.54 17.79 7.28
N ASN A 92 -0.96 18.64 8.12
CA ASN A 92 -0.44 18.22 9.41
C ASN A 92 -0.63 19.30 10.47
N ARG A 93 -0.32 18.96 11.71
CA ARG A 93 -0.46 19.91 12.81
C ARG A 93 0.40 21.14 12.59
N SER A 94 -0.16 22.31 12.86
CA SER A 94 0.57 23.57 12.69
C SER A 94 1.87 23.56 13.47
N LEU A 95 1.79 23.21 14.75
CA LEU A 95 2.96 23.15 15.61
C LEU A 95 3.92 22.06 15.14
N ASP A 96 3.47 20.81 15.22
CA ASP A 96 4.30 19.69 14.80
C ASP A 96 4.51 19.69 13.28
N ARG A 97 5.54 20.41 12.85
CA ARG A 97 5.85 20.51 11.43
C ARG A 97 6.46 19.21 10.92
N ALA A 98 5.77 18.57 9.97
CA ALA A 98 6.25 17.32 9.40
C ALA A 98 5.58 17.04 8.05
N LYS A 99 6.12 16.08 7.31
CA LYS A 99 5.59 15.72 6.00
C LYS A 99 4.94 14.34 6.04
N MET A 100 3.61 14.31 6.04
CA MET A 100 2.88 13.06 6.07
C MET A 100 1.99 12.92 4.84
N ALA A 101 1.76 11.68 4.42
CA ALA A 101 0.92 11.42 3.25
C ALA A 101 0.09 10.15 3.45
N VAL A 102 -0.97 10.01 2.66
CA VAL A 102 -1.84 8.84 2.76
C VAL A 102 -1.78 8.02 1.47
N ILE A 103 -1.56 6.71 1.62
CA ILE A 103 -1.49 5.81 0.48
C ILE A 103 -2.60 4.79 0.52
N GLU A 104 -3.29 4.62 -0.60
CA GLU A 104 -4.39 3.66 -0.70
C GLU A 104 -4.49 3.09 -2.11
N TYR A 105 -4.91 1.84 -2.21
CA TYR A 105 -5.06 1.17 -3.50
C TYR A 105 -6.25 1.75 -4.27
N LYS A 106 -6.17 1.68 -5.60
CA LYS A 106 -7.23 2.19 -6.46
C LYS A 106 -8.38 1.19 -6.55
N GLY A 107 -9.26 1.21 -5.55
CA GLY A 107 -10.39 0.30 -5.55
C GLY A 107 -10.87 -0.03 -4.15
N ASN A 108 -11.64 0.89 -3.56
CA ASN A 108 -12.16 0.69 -2.21
C ASN A 108 -13.21 1.75 -1.88
N CYS A 109 -14.31 1.32 -1.28
CA CYS A 109 -15.38 2.23 -0.91
C CYS A 109 -15.11 2.88 0.44
N LEU A 110 -13.83 3.13 0.72
CA LEU A 110 -13.43 3.74 1.98
C LEU A 110 -14.03 5.14 2.11
N PRO A 111 -14.20 5.58 3.38
CA PRO A 111 -14.78 6.90 3.67
C PRO A 111 -13.82 8.04 3.29
N PRO A 112 -14.41 9.15 2.83
CA PRO A 112 -13.63 10.34 2.43
C PRO A 112 -12.99 11.04 3.61
N LEU A 113 -11.75 11.48 3.44
CA LEU A 113 -11.03 12.18 4.51
C LEU A 113 -11.46 13.64 4.58
N PRO A 114 -11.52 14.18 5.81
CA PRO A 114 -11.91 15.57 6.06
C PRO A 114 -10.85 16.56 5.57
N LEU A 115 -11.19 17.33 4.55
CA LEU A 115 -10.27 18.31 3.99
C LEU A 115 -10.02 19.45 4.99
N PRO A 116 -8.84 20.08 4.87
CA PRO A 116 -8.45 21.18 5.75
C PRO A 116 -9.27 22.45 5.49
N SER A 117 -9.69 23.10 6.57
CA SER A 117 -10.48 24.32 6.45
C SER A 117 -11.79 24.05 5.74
N GLY A 118 -12.44 22.95 6.11
CA GLY A 118 -13.71 22.59 5.49
C GLY A 118 -14.70 22.04 6.49
N PRO A 119 -15.92 21.75 6.02
CA PRO A 119 -16.99 21.21 6.87
C PRO A 119 -16.71 19.77 7.31
N SER A 120 -16.21 19.63 8.53
CA SER A 120 -15.90 18.33 9.08
C SER A 120 -15.61 18.41 10.58
N SER A 121 -16.08 17.42 11.33
CA SER A 121 -15.88 17.38 12.77
C SER A 121 -15.08 16.15 13.18
N GLY A 122 -14.35 16.26 14.29
CA GLY A 122 -13.55 15.15 14.76
C GLY A 122 -14.04 14.62 16.09
N GLY A 1 17.37 3.79 7.82
CA GLY A 1 17.80 2.65 8.62
C GLY A 1 18.57 3.07 9.86
N SER A 2 18.37 2.32 10.95
CA SER A 2 19.05 2.63 12.21
C SER A 2 20.04 1.53 12.57
N SER A 3 19.67 0.29 12.28
CA SER A 3 20.52 -0.86 12.58
C SER A 3 20.77 -1.69 11.34
N GLY A 4 19.69 -2.26 10.79
CA GLY A 4 19.80 -3.09 9.60
C GLY A 4 18.47 -3.29 8.91
N SER A 5 18.25 -4.50 8.40
CA SER A 5 17.02 -4.83 7.72
C SER A 5 15.88 -5.04 8.71
N SER A 6 15.11 -3.98 8.95
CA SER A 6 13.99 -4.04 9.88
C SER A 6 12.74 -4.58 9.21
N GLY A 7 12.48 -4.11 7.99
CA GLY A 7 11.32 -4.56 7.25
C GLY A 7 10.17 -3.57 7.30
N LEU A 8 10.48 -2.30 7.07
CA LEU A 8 9.47 -1.25 7.09
C LEU A 8 8.64 -1.26 5.81
N LEU A 9 9.30 -1.49 4.69
CA LEU A 9 8.62 -1.53 3.40
C LEU A 9 7.62 -2.68 3.34
N ARG A 10 8.08 -3.87 3.74
CA ARG A 10 7.23 -5.05 3.74
C ARG A 10 6.06 -4.89 4.72
N ASN A 11 6.34 -4.25 5.86
CA ASN A 11 5.32 -4.03 6.88
C ASN A 11 4.25 -3.07 6.38
N LEU A 12 4.67 -2.11 5.55
CA LEU A 12 3.75 -1.12 5.01
C LEU A 12 2.85 -1.74 3.95
N LEU A 13 3.44 -2.52 3.05
CA LEU A 13 2.70 -3.19 2.00
C LEU A 13 1.62 -4.09 2.57
N THR A 14 1.98 -4.86 3.59
CA THR A 14 1.04 -5.77 4.23
C THR A 14 -0.08 -5.01 4.91
N GLY A 15 0.26 -3.94 5.63
CA GLY A 15 -0.75 -3.15 6.31
C GLY A 15 -1.62 -2.38 5.35
N LEU A 16 -1.03 -1.90 4.25
CA LEU A 16 -1.76 -1.14 3.25
C LEU A 16 -2.90 -1.97 2.66
N VAL A 17 -2.57 -3.20 2.27
CA VAL A 17 -3.56 -4.10 1.69
C VAL A 17 -4.62 -4.50 2.71
N ARG A 18 -4.17 -4.75 3.95
CA ARG A 18 -5.07 -5.14 5.01
C ARG A 18 -6.19 -4.10 5.19
N HIS A 19 -5.81 -2.84 5.33
CA HIS A 19 -6.77 -1.76 5.51
C HIS A 19 -6.92 -0.95 4.22
N GLU A 20 -6.40 -1.50 3.12
CA GLU A 20 -6.47 -0.82 1.83
C GLU A 20 -6.24 0.68 1.99
N ARG A 21 -5.53 1.06 3.05
CA ARG A 21 -5.23 2.45 3.32
C ARG A 21 -4.37 2.60 4.57
N ILE A 22 -3.29 3.38 4.45
CA ILE A 22 -2.38 3.60 5.57
C ILE A 22 -1.80 5.01 5.52
N GLU A 23 -1.31 5.47 6.67
CA GLU A 23 -0.72 6.80 6.77
C GLU A 23 0.79 6.72 6.95
N ALA A 24 1.53 7.29 6.00
CA ALA A 24 2.98 7.29 6.06
C ALA A 24 3.56 8.52 5.39
N PRO A 25 4.83 8.83 5.70
CA PRO A 25 5.53 9.99 5.14
C PRO A 25 5.84 9.81 3.66
N TRP A 26 6.23 10.91 3.01
CA TRP A 26 6.55 10.88 1.59
C TRP A 26 7.64 9.86 1.30
N ALA A 27 8.60 9.75 2.22
CA ALA A 27 9.70 8.81 2.06
C ALA A 27 9.20 7.37 2.04
N ARG A 28 8.27 7.06 2.94
CA ARG A 28 7.71 5.72 3.02
C ARG A 28 6.71 5.47 1.89
N VAL A 29 5.96 6.51 1.55
CA VAL A 29 4.96 6.41 0.48
C VAL A 29 5.62 6.10 -0.86
N ASP A 30 6.64 6.88 -1.21
CA ASP A 30 7.35 6.70 -2.46
C ASP A 30 8.04 5.33 -2.49
N GLU A 31 8.75 5.01 -1.41
CA GLU A 31 9.46 3.75 -1.31
C GLU A 31 8.50 2.57 -1.38
N MET A 32 7.40 2.66 -0.63
CA MET A 32 6.40 1.60 -0.61
C MET A 32 5.62 1.56 -1.92
N ARG A 33 5.44 2.73 -2.53
CA ARG A 33 4.72 2.83 -3.80
C ARG A 33 5.37 1.96 -4.86
N GLY A 34 6.68 2.11 -5.02
CA GLY A 34 7.41 1.33 -6.01
C GLY A 34 7.33 -0.16 -5.75
N TYR A 35 7.50 -0.54 -4.48
CA TYR A 35 7.46 -1.94 -4.11
C TYR A 35 6.06 -2.52 -4.28
N ALA A 36 5.06 -1.71 -3.95
CA ALA A 36 3.66 -2.13 -4.06
C ALA A 36 3.30 -2.41 -5.52
N GLU A 37 3.76 -1.55 -6.41
CA GLU A 37 3.49 -1.70 -7.84
C GLU A 37 4.07 -3.01 -8.37
N LYS A 38 5.33 -3.25 -8.06
CA LYS A 38 6.01 -4.45 -8.51
C LYS A 38 5.33 -5.70 -7.97
N LEU A 39 4.97 -5.67 -6.69
CA LEU A 39 4.29 -6.79 -6.05
C LEU A 39 3.04 -7.19 -6.82
N ILE A 40 2.24 -6.19 -7.18
CA ILE A 40 1.00 -6.42 -7.92
C ILE A 40 1.29 -7.04 -9.29
N ASP A 41 2.37 -6.58 -9.92
CA ASP A 41 2.76 -7.09 -11.23
C ASP A 41 2.96 -8.60 -11.19
N TYR A 42 3.65 -9.06 -10.15
CA TYR A 42 3.92 -10.49 -9.99
C TYR A 42 2.64 -11.26 -9.68
N GLY A 43 1.79 -10.65 -8.86
CA GLY A 43 0.54 -11.30 -8.49
C GLY A 43 -0.35 -11.57 -9.69
N LYS A 44 -0.32 -10.67 -10.67
CA LYS A 44 -1.12 -10.82 -11.87
C LYS A 44 -0.85 -12.16 -12.54
N LEU A 45 0.37 -12.66 -12.39
CA LEU A 45 0.75 -13.94 -12.97
C LEU A 45 -0.03 -15.09 -12.34
N GLY A 46 -0.35 -14.95 -11.06
CA GLY A 46 -1.09 -15.97 -10.36
C GLY A 46 -0.21 -16.80 -9.43
N ASP A 47 -0.84 -17.71 -8.69
CA ASP A 47 -0.10 -18.56 -7.77
C ASP A 47 0.53 -19.74 -8.50
N THR A 48 1.05 -19.49 -9.69
CA THR A 48 1.69 -20.53 -10.49
C THR A 48 3.20 -20.34 -10.55
N ASN A 49 3.63 -19.09 -10.64
CA ASN A 49 5.05 -18.77 -10.70
C ASN A 49 5.68 -18.80 -9.31
N GLU A 50 6.59 -19.75 -9.10
CA GLU A 50 7.26 -19.88 -7.82
C GLU A 50 7.90 -18.57 -7.39
N ARG A 51 8.63 -17.95 -8.32
CA ARG A 51 9.30 -16.68 -8.04
C ARG A 51 8.29 -15.62 -7.58
N ALA A 52 7.15 -15.58 -8.26
CA ALA A 52 6.10 -14.62 -7.92
C ALA A 52 5.67 -14.76 -6.47
N MET A 53 5.49 -16.00 -6.03
CA MET A 53 5.07 -16.27 -4.66
C MET A 53 6.17 -15.89 -3.67
N ARG A 54 7.41 -16.17 -4.04
CA ARG A 54 8.55 -15.84 -3.18
C ARG A 54 8.56 -14.35 -2.83
N MET A 55 8.46 -13.52 -3.85
CA MET A 55 8.46 -12.07 -3.66
C MET A 55 7.29 -11.64 -2.79
N ALA A 56 6.11 -12.17 -3.10
CA ALA A 56 4.90 -11.85 -2.34
C ALA A 56 5.03 -12.28 -0.89
N ASP A 57 5.61 -13.46 -0.67
CA ASP A 57 5.78 -14.00 0.67
C ASP A 57 6.87 -13.24 1.41
N PHE A 58 7.92 -12.83 0.69
CA PHE A 58 9.02 -12.09 1.29
C PHE A 58 8.56 -10.73 1.80
N TRP A 59 7.76 -10.04 0.98
CA TRP A 59 7.25 -8.72 1.35
C TRP A 59 6.02 -8.85 2.24
N LEU A 60 5.08 -9.70 1.83
CA LEU A 60 3.86 -9.92 2.59
C LEU A 60 3.99 -11.14 3.50
N THR A 61 4.28 -10.91 4.77
CA THR A 61 4.42 -11.99 5.74
C THR A 61 3.11 -12.71 5.94
N GLU A 62 2.01 -11.96 5.97
CA GLU A 62 0.69 -12.56 6.16
C GLU A 62 0.44 -13.66 5.14
N LYS A 63 0.49 -14.91 5.61
CA LYS A 63 0.25 -16.06 4.75
C LYS A 63 -1.12 -16.00 4.10
N ASP A 64 -2.05 -15.31 4.76
CA ASP A 64 -3.41 -15.18 4.26
C ASP A 64 -3.50 -14.05 3.23
N LEU A 65 -2.61 -13.07 3.36
CA LEU A 65 -2.58 -11.93 2.45
C LEU A 65 -2.00 -12.34 1.10
N ILE A 66 -1.05 -13.27 1.12
CA ILE A 66 -0.42 -13.75 -0.11
C ILE A 66 -1.45 -14.25 -1.10
N PRO A 67 -2.31 -15.18 -0.66
CA PRO A 67 -3.36 -15.75 -1.49
C PRO A 67 -4.48 -14.76 -1.80
N LYS A 68 -4.86 -13.98 -0.79
CA LYS A 68 -5.91 -12.99 -0.95
C LYS A 68 -5.53 -11.96 -2.01
N LEU A 69 -4.31 -11.44 -1.92
CA LEU A 69 -3.83 -10.45 -2.86
C LEU A 69 -3.81 -11.01 -4.28
N PHE A 70 -3.53 -12.31 -4.39
CA PHE A 70 -3.48 -12.97 -5.69
C PHE A 70 -4.88 -13.34 -6.16
N GLN A 71 -5.83 -13.38 -5.23
CA GLN A 71 -7.21 -13.71 -5.55
C GLN A 71 -8.12 -12.49 -5.40
N VAL A 72 -7.51 -11.32 -5.20
CA VAL A 72 -8.26 -10.09 -5.03
C VAL A 72 -7.75 -9.00 -5.97
N LEU A 73 -6.59 -8.44 -5.64
CA LEU A 73 -5.99 -7.39 -6.45
C LEU A 73 -5.48 -7.95 -7.78
N ALA A 74 -4.88 -9.13 -7.72
CA ALA A 74 -4.36 -9.77 -8.92
C ALA A 74 -5.41 -9.80 -10.03
N PRO A 75 -6.57 -10.40 -9.73
CA PRO A 75 -7.67 -10.52 -10.69
C PRO A 75 -8.32 -9.18 -10.97
N ARG A 76 -8.30 -8.28 -9.99
CA ARG A 76 -8.90 -6.96 -10.13
C ARG A 76 -8.13 -6.13 -11.16
N TYR A 77 -6.80 -6.21 -11.10
CA TYR A 77 -5.95 -5.47 -12.03
C TYR A 77 -5.34 -6.39 -13.07
N LYS A 78 -6.12 -7.36 -13.53
CA LYS A 78 -5.65 -8.32 -14.53
C LYS A 78 -5.48 -7.64 -15.89
N ASP A 79 -6.47 -6.85 -16.28
CA ASP A 79 -6.41 -6.15 -17.56
C ASP A 79 -5.69 -4.80 -17.41
N GLN A 80 -6.01 -4.08 -16.34
CA GLN A 80 -5.39 -2.79 -16.09
C GLN A 80 -3.95 -2.77 -16.55
N THR A 81 -3.54 -1.65 -17.15
CA THR A 81 -2.17 -1.50 -17.64
C THR A 81 -1.46 -0.35 -16.95
N GLY A 82 -1.68 -0.20 -15.65
CA GLY A 82 -1.05 0.86 -14.90
C GLY A 82 -2.02 1.57 -13.97
N GLY A 83 -1.48 2.23 -12.94
CA GLY A 83 -2.32 2.94 -12.00
C GLY A 83 -3.08 2.00 -11.08
N TYR A 84 -2.43 1.61 -9.98
CA TYR A 84 -3.05 0.70 -9.02
C TYR A 84 -3.19 1.38 -7.66
N THR A 85 -2.16 2.10 -7.25
CA THR A 85 -2.18 2.80 -5.97
C THR A 85 -2.36 4.30 -6.16
N ARG A 86 -2.81 4.98 -5.11
CA ARG A 86 -3.04 6.42 -5.16
C ARG A 86 -2.36 7.12 -3.99
N MET A 87 -1.73 8.26 -4.27
CA MET A 87 -1.04 9.02 -3.25
C MET A 87 -1.80 10.30 -2.90
N LEU A 88 -2.05 10.50 -1.62
CA LEU A 88 -2.79 11.68 -1.15
C LEU A 88 -1.99 12.44 -0.10
N GLN A 89 -2.09 13.76 -0.12
CA GLN A 89 -1.38 14.61 0.83
C GLN A 89 -2.32 15.10 1.92
N ILE A 90 -1.91 14.90 3.18
CA ILE A 90 -2.72 15.33 4.31
C ILE A 90 -1.95 16.32 5.20
N PRO A 91 -2.67 17.32 5.73
CA PRO A 91 -2.06 18.34 6.59
C PRO A 91 -1.67 17.78 7.95
N ASN A 92 -1.33 18.68 8.87
CA ASN A 92 -0.93 18.27 10.22
C ASN A 92 -2.12 17.79 11.03
N ARG A 93 -1.86 16.96 12.02
CA ARG A 93 -2.91 16.42 12.88
C ARG A 93 -2.55 16.57 14.35
N SER A 94 -1.32 16.20 14.70
CA SER A 94 -0.85 16.29 16.07
C SER A 94 0.34 17.24 16.19
N LEU A 95 1.38 16.97 15.42
CA LEU A 95 2.58 17.80 15.42
C LEU A 95 2.57 18.78 14.26
N ASP A 96 3.16 19.95 14.47
CA ASP A 96 3.22 20.98 13.43
C ASP A 96 3.45 20.35 12.06
N ARG A 97 3.08 21.07 11.01
CA ARG A 97 3.24 20.58 9.64
C ARG A 97 4.51 19.74 9.52
N ALA A 98 4.42 18.68 8.72
CA ALA A 98 5.57 17.79 8.51
C ALA A 98 5.32 16.84 7.34
N LYS A 99 6.33 16.05 7.01
CA LYS A 99 6.22 15.10 5.91
C LYS A 99 5.22 14.00 6.25
N MET A 100 4.00 14.14 5.75
CA MET A 100 2.95 13.15 6.00
C MET A 100 2.06 12.97 4.77
N ALA A 101 1.76 11.72 4.44
CA ALA A 101 0.91 11.43 3.29
C ALA A 101 0.13 10.13 3.50
N VAL A 102 -0.94 9.97 2.73
CA VAL A 102 -1.77 8.77 2.84
C VAL A 102 -1.83 8.03 1.52
N ILE A 103 -1.64 6.71 1.56
CA ILE A 103 -1.68 5.88 0.37
C ILE A 103 -2.80 4.85 0.44
N GLU A 104 -3.50 4.66 -0.67
CA GLU A 104 -4.59 3.71 -0.73
C GLU A 104 -4.75 3.13 -2.14
N TYR A 105 -5.20 1.89 -2.23
CA TYR A 105 -5.39 1.23 -3.51
C TYR A 105 -6.64 1.75 -4.21
N LYS A 106 -6.54 1.99 -5.52
CA LYS A 106 -7.66 2.48 -6.31
C LYS A 106 -8.96 1.85 -5.83
N GLY A 107 -9.00 0.53 -5.80
CA GLY A 107 -10.20 -0.18 -5.37
C GLY A 107 -10.30 -0.27 -3.85
N ASN A 108 -10.37 0.88 -3.20
CA ASN A 108 -10.48 0.93 -1.74
C ASN A 108 -11.89 0.56 -1.29
N CYS A 109 -12.88 1.23 -1.86
CA CYS A 109 -14.27 0.98 -1.50
C CYS A 109 -14.50 1.19 -0.02
N LEU A 110 -13.89 2.22 0.54
CA LEU A 110 -14.01 2.53 1.96
C LEU A 110 -14.99 3.67 2.18
N PRO A 111 -15.62 3.71 3.36
CA PRO A 111 -16.58 4.75 3.73
C PRO A 111 -15.91 6.10 3.92
N PRO A 112 -16.25 7.06 3.04
CA PRO A 112 -15.70 8.42 3.10
C PRO A 112 -16.22 9.21 4.29
N LEU A 113 -15.31 9.81 5.04
CA LEU A 113 -15.67 10.60 6.21
C LEU A 113 -15.46 12.09 5.97
N PRO A 114 -16.36 12.91 6.51
CA PRO A 114 -16.29 14.37 6.36
C PRO A 114 -15.13 14.98 7.13
N LEU A 115 -14.10 15.41 6.41
CA LEU A 115 -12.93 16.00 7.03
C LEU A 115 -13.17 17.47 7.37
N PRO A 116 -12.68 17.91 8.53
CA PRO A 116 -12.84 19.29 9.00
C PRO A 116 -12.01 20.27 8.17
N SER A 117 -10.74 19.95 7.96
CA SER A 117 -9.85 20.81 7.19
C SER A 117 -10.04 20.59 5.69
N GLY A 118 -11.29 20.57 5.27
CA GLY A 118 -11.60 20.37 3.86
C GLY A 118 -10.70 21.19 2.96
N PRO A 119 -9.90 20.51 2.13
CA PRO A 119 -8.98 21.16 1.19
C PRO A 119 -9.71 21.86 0.05
N SER A 120 -11.04 21.73 0.04
CA SER A 120 -11.85 22.35 -0.99
C SER A 120 -11.50 21.79 -2.37
N SER A 121 -11.39 20.47 -2.44
CA SER A 121 -11.06 19.80 -3.71
C SER A 121 -10.10 20.65 -4.53
N GLY A 122 -9.10 21.22 -3.87
CA GLY A 122 -8.13 22.05 -4.56
C GLY A 122 -8.51 23.51 -4.54
N GLY A 1 21.28 4.21 -3.24
CA GLY A 1 21.45 3.12 -4.19
C GLY A 1 21.07 1.78 -3.59
N SER A 2 19.77 1.52 -3.49
CA SER A 2 19.27 0.27 -2.93
C SER A 2 19.49 0.23 -1.42
N SER A 3 19.23 1.35 -0.76
CA SER A 3 19.41 1.45 0.69
C SER A 3 18.49 0.45 1.41
N GLY A 4 19.05 -0.28 2.37
CA GLY A 4 18.28 -1.25 3.11
C GLY A 4 17.95 -0.77 4.52
N SER A 5 16.99 -1.43 5.16
CA SER A 5 16.58 -1.07 6.50
C SER A 5 15.78 -2.20 7.16
N SER A 6 15.29 -1.94 8.36
CA SER A 6 14.50 -2.94 9.09
C SER A 6 13.33 -3.43 8.25
N GLY A 7 12.48 -4.27 8.85
CA GLY A 7 11.34 -4.81 8.14
C GLY A 7 10.18 -3.84 8.12
N LEU A 8 10.47 -2.55 8.06
CA LEU A 8 9.43 -1.53 8.04
C LEU A 8 8.71 -1.51 6.70
N LEU A 9 9.44 -1.79 5.63
CA LEU A 9 8.87 -1.81 4.29
C LEU A 9 7.89 -2.98 4.14
N ARG A 10 8.30 -4.15 4.59
CA ARG A 10 7.46 -5.34 4.50
C ARG A 10 6.16 -5.13 5.27
N ASN A 11 6.26 -4.49 6.42
CA ASN A 11 5.10 -4.24 7.27
C ASN A 11 4.14 -3.26 6.59
N LEU A 12 4.71 -2.29 5.88
CA LEU A 12 3.91 -1.28 5.18
C LEU A 12 3.07 -1.93 4.09
N LEU A 13 3.67 -2.86 3.35
CA LEU A 13 2.97 -3.55 2.27
C LEU A 13 1.85 -4.42 2.82
N THR A 14 2.15 -5.17 3.88
CA THR A 14 1.18 -6.05 4.51
C THR A 14 0.04 -5.25 5.14
N GLY A 15 0.41 -4.21 5.89
CA GLY A 15 -0.59 -3.37 6.55
C GLY A 15 -1.43 -2.60 5.56
N LEU A 16 -0.80 -2.15 4.48
CA LEU A 16 -1.50 -1.38 3.45
C LEU A 16 -2.63 -2.18 2.84
N VAL A 17 -2.33 -3.42 2.46
CA VAL A 17 -3.33 -4.30 1.86
C VAL A 17 -4.41 -4.68 2.87
N ARG A 18 -4.00 -4.93 4.11
CA ARG A 18 -4.92 -5.30 5.17
C ARG A 18 -5.99 -4.22 5.35
N HIS A 19 -5.55 -2.99 5.51
CA HIS A 19 -6.48 -1.87 5.69
C HIS A 19 -6.63 -1.08 4.40
N GLU A 20 -6.12 -1.64 3.30
CA GLU A 20 -6.20 -0.97 2.00
C GLU A 20 -5.98 0.53 2.14
N ARG A 21 -5.28 0.93 3.19
CA ARG A 21 -5.00 2.33 3.44
C ARG A 21 -4.14 2.51 4.68
N ILE A 22 -3.08 3.30 4.56
CA ILE A 22 -2.19 3.56 5.68
C ILE A 22 -1.61 4.97 5.61
N GLU A 23 -1.13 5.46 6.75
CA GLU A 23 -0.56 6.79 6.82
C GLU A 23 0.97 6.73 6.89
N ALA A 24 1.62 7.35 5.92
CA ALA A 24 3.07 7.37 5.86
C ALA A 24 3.58 8.63 5.18
N PRO A 25 4.85 8.99 5.45
CA PRO A 25 5.48 10.18 4.87
C PRO A 25 5.75 10.02 3.37
N TRP A 26 6.05 11.14 2.71
CA TRP A 26 6.32 11.11 1.28
C TRP A 26 7.45 10.14 0.96
N ALA A 27 8.49 10.14 1.79
CA ALA A 27 9.63 9.25 1.58
C ALA A 27 9.20 7.80 1.62
N ARG A 28 8.31 7.46 2.55
CA ARG A 28 7.81 6.10 2.69
C ARG A 28 6.80 5.77 1.59
N VAL A 29 5.97 6.76 1.25
CA VAL A 29 4.95 6.57 0.23
C VAL A 29 5.58 6.24 -1.11
N ASP A 30 6.51 7.07 -1.55
CA ASP A 30 7.20 6.87 -2.82
C ASP A 30 8.02 5.58 -2.80
N GLU A 31 8.80 5.40 -1.73
CA GLU A 31 9.63 4.20 -1.58
C GLU A 31 8.77 2.94 -1.59
N MET A 32 7.69 2.96 -0.81
CA MET A 32 6.79 1.82 -0.74
C MET A 32 6.00 1.65 -2.03
N ARG A 33 5.71 2.77 -2.68
CA ARG A 33 4.95 2.75 -3.94
C ARG A 33 5.65 1.86 -4.97
N GLY A 34 6.98 2.01 -5.07
CA GLY A 34 7.74 1.23 -6.03
C GLY A 34 7.64 -0.26 -5.76
N TYR A 35 7.75 -0.64 -4.50
CA TYR A 35 7.68 -2.05 -4.11
C TYR A 35 6.26 -2.58 -4.25
N ALA A 36 5.28 -1.77 -3.84
CA ALA A 36 3.89 -2.16 -3.92
C ALA A 36 3.46 -2.37 -5.37
N GLU A 37 3.91 -1.48 -6.25
CA GLU A 37 3.57 -1.57 -7.67
C GLU A 37 4.11 -2.85 -8.27
N LYS A 38 5.39 -3.13 -8.03
CA LYS A 38 6.03 -4.33 -8.55
C LYS A 38 5.35 -5.59 -8.02
N LEU A 39 5.02 -5.58 -6.73
CA LEU A 39 4.37 -6.72 -6.11
C LEU A 39 3.09 -7.08 -6.84
N ILE A 40 2.25 -6.08 -7.10
CA ILE A 40 0.99 -6.29 -7.80
C ILE A 40 1.23 -6.86 -9.20
N ASP A 41 2.28 -6.37 -9.86
CA ASP A 41 2.62 -6.82 -11.20
C ASP A 41 2.83 -8.33 -11.22
N TYR A 42 3.56 -8.83 -10.23
CA TYR A 42 3.84 -10.26 -10.15
C TYR A 42 2.59 -11.04 -9.77
N GLY A 43 1.80 -10.48 -8.86
CA GLY A 43 0.59 -11.14 -8.43
C GLY A 43 -0.39 -11.37 -9.57
N LYS A 44 -0.46 -10.42 -10.49
CA LYS A 44 -1.35 -10.52 -11.63
C LYS A 44 -1.09 -11.80 -12.41
N LEU A 45 0.16 -12.26 -12.38
CA LEU A 45 0.54 -13.48 -13.08
C LEU A 45 -0.15 -14.69 -12.48
N GLY A 46 -0.35 -14.66 -11.16
CA GLY A 46 -1.00 -15.77 -10.48
C GLY A 46 -0.05 -16.55 -9.60
N ASP A 47 -0.59 -17.46 -8.80
CA ASP A 47 0.22 -18.27 -7.90
C ASP A 47 0.86 -19.43 -8.65
N THR A 48 1.37 -19.15 -9.85
CA THR A 48 2.00 -20.18 -10.66
C THR A 48 3.51 -19.97 -10.72
N ASN A 49 3.94 -18.72 -10.81
CA ASN A 49 5.35 -18.39 -10.88
C ASN A 49 5.97 -18.36 -9.48
N GLU A 50 7.09 -19.05 -9.31
CA GLU A 50 7.76 -19.11 -8.03
C GLU A 50 8.23 -17.71 -7.59
N ARG A 51 8.68 -16.91 -8.57
CA ARG A 51 9.14 -15.57 -8.29
C ARG A 51 8.05 -14.73 -7.63
N ALA A 52 6.84 -14.84 -8.15
CA ALA A 52 5.70 -14.10 -7.62
C ALA A 52 5.34 -14.59 -6.21
N MET A 53 5.33 -15.91 -6.04
CA MET A 53 5.01 -16.50 -4.75
C MET A 53 6.02 -16.09 -3.68
N ARG A 54 7.30 -16.25 -4.01
CA ARG A 54 8.37 -15.89 -3.08
C ARG A 54 8.31 -14.41 -2.73
N MET A 55 8.00 -13.58 -3.72
CA MET A 55 7.91 -12.15 -3.52
C MET A 55 6.80 -11.80 -2.53
N ALA A 56 5.64 -12.43 -2.70
CA ALA A 56 4.51 -12.18 -1.82
C ALA A 56 4.75 -12.76 -0.43
N ASP A 57 5.35 -13.94 -0.39
CA ASP A 57 5.64 -14.60 0.88
C ASP A 57 6.78 -13.89 1.61
N PHE A 58 7.73 -13.37 0.84
CA PHE A 58 8.88 -12.68 1.40
C PHE A 58 8.49 -11.27 1.86
N TRP A 59 7.71 -10.59 1.03
CA TRP A 59 7.27 -9.23 1.35
C TRP A 59 6.08 -9.26 2.30
N LEU A 60 5.09 -10.07 1.98
CA LEU A 60 3.89 -10.19 2.81
C LEU A 60 3.96 -11.44 3.68
N THR A 61 4.03 -11.24 5.00
CA THR A 61 4.09 -12.36 5.93
C THR A 61 2.72 -13.02 6.10
N GLU A 62 1.66 -12.22 5.94
CA GLU A 62 0.31 -12.73 6.08
C GLU A 62 0.04 -13.83 5.05
N LYS A 63 0.17 -15.08 5.49
CA LYS A 63 -0.06 -16.23 4.63
C LYS A 63 -1.46 -16.18 4.01
N ASP A 64 -2.35 -15.42 4.65
CA ASP A 64 -3.71 -15.29 4.16
C ASP A 64 -3.81 -14.18 3.12
N LEU A 65 -3.04 -13.12 3.31
CA LEU A 65 -3.04 -12.00 2.38
C LEU A 65 -2.32 -12.35 1.09
N ILE A 66 -1.41 -13.32 1.17
CA ILE A 66 -0.66 -13.76 0.00
C ILE A 66 -1.60 -14.30 -1.08
N PRO A 67 -2.42 -15.28 -0.72
CA PRO A 67 -3.38 -15.90 -1.64
C PRO A 67 -4.51 -14.95 -2.02
N LYS A 68 -5.02 -14.22 -1.03
CA LYS A 68 -6.10 -13.27 -1.26
C LYS A 68 -5.69 -12.20 -2.27
N LEU A 69 -4.51 -11.64 -2.07
CA LEU A 69 -4.00 -10.60 -2.96
C LEU A 69 -3.93 -11.11 -4.40
N PHE A 70 -3.60 -12.39 -4.55
CA PHE A 70 -3.50 -13.00 -5.88
C PHE A 70 -4.88 -13.34 -6.42
N GLN A 71 -5.86 -13.45 -5.52
CA GLN A 71 -7.23 -13.77 -5.92
C GLN A 71 -8.15 -12.58 -5.71
N VAL A 72 -7.56 -11.42 -5.42
CA VAL A 72 -8.34 -10.21 -5.20
C VAL A 72 -7.81 -9.06 -6.07
N LEU A 73 -6.67 -8.52 -5.68
CA LEU A 73 -6.06 -7.42 -6.42
C LEU A 73 -5.49 -7.90 -7.75
N ALA A 74 -4.82 -9.05 -7.73
CA ALA A 74 -4.23 -9.63 -8.92
C ALA A 74 -5.23 -9.62 -10.09
N PRO A 75 -6.39 -10.26 -9.87
CA PRO A 75 -7.45 -10.34 -10.88
C PRO A 75 -8.12 -8.99 -11.12
N ARG A 76 -8.36 -8.24 -10.06
CA ARG A 76 -8.99 -6.94 -10.16
C ARG A 76 -8.20 -6.02 -11.09
N TYR A 77 -6.88 -6.01 -10.94
CA TYR A 77 -6.02 -5.19 -11.76
C TYR A 77 -5.66 -5.90 -13.06
N LYS A 78 -5.46 -7.20 -12.98
CA LYS A 78 -5.12 -8.00 -14.15
C LYS A 78 -5.88 -7.52 -15.38
N ASP A 79 -7.15 -7.16 -15.18
CA ASP A 79 -7.99 -6.67 -16.27
C ASP A 79 -7.68 -5.21 -16.59
N GLN A 80 -7.65 -4.39 -15.55
CA GLN A 80 -7.37 -2.97 -15.71
C GLN A 80 -6.07 -2.75 -16.47
N THR A 81 -5.82 -1.50 -16.86
CA THR A 81 -4.61 -1.16 -17.59
C THR A 81 -3.67 -0.29 -16.75
N GLY A 82 -3.54 -0.66 -15.47
CA GLY A 82 -2.68 0.10 -14.59
C GLY A 82 -3.43 0.73 -13.43
N GLY A 83 -2.86 1.77 -12.85
CA GLY A 83 -3.51 2.44 -11.73
C GLY A 83 -3.97 1.47 -10.66
N TYR A 84 -3.07 1.16 -9.73
CA TYR A 84 -3.39 0.24 -8.64
C TYR A 84 -3.41 0.96 -7.30
N THR A 85 -2.38 1.78 -7.06
CA THR A 85 -2.28 2.52 -5.81
C THR A 85 -2.60 4.00 -6.03
N ARG A 86 -3.02 4.67 -4.97
CA ARG A 86 -3.35 6.09 -5.04
C ARG A 86 -2.65 6.87 -3.93
N MET A 87 -2.12 8.05 -4.28
CA MET A 87 -1.43 8.89 -3.32
C MET A 87 -2.26 10.14 -3.00
N LEU A 88 -2.32 10.50 -1.73
CA LEU A 88 -3.07 11.67 -1.30
C LEU A 88 -2.22 12.55 -0.37
N GLN A 89 -2.38 13.86 -0.52
CA GLN A 89 -1.64 14.81 0.30
C GLN A 89 -2.41 15.18 1.56
N ILE A 90 -1.70 15.26 2.68
CA ILE A 90 -2.33 15.62 3.95
C ILE A 90 -1.39 16.46 4.80
N PRO A 91 -1.99 17.31 5.66
CA PRO A 91 -1.23 18.19 6.56
C PRO A 91 -0.50 17.43 7.65
N ASN A 92 0.52 18.06 8.22
CA ASN A 92 1.31 17.43 9.28
C ASN A 92 0.47 17.25 10.54
N ARG A 93 0.49 16.04 11.09
CA ARG A 93 -0.26 15.73 12.30
C ARG A 93 0.64 15.11 13.36
N SER A 94 1.18 13.94 13.06
CA SER A 94 2.06 13.24 13.98
C SER A 94 3.16 14.16 14.50
N LEU A 95 3.79 14.89 13.60
CA LEU A 95 4.86 15.82 13.97
C LEU A 95 4.56 17.22 13.44
N ASP A 96 5.23 18.21 14.03
CA ASP A 96 5.05 19.60 13.62
C ASP A 96 5.45 19.79 12.16
N ARG A 97 6.73 19.58 11.87
CA ARG A 97 7.25 19.74 10.52
C ARG A 97 7.54 18.38 9.89
N ALA A 98 6.61 17.90 9.06
CA ALA A 98 6.77 16.61 8.39
C ALA A 98 5.71 16.42 7.32
N LYS A 99 6.13 16.44 6.06
CA LYS A 99 5.22 16.26 4.94
C LYS A 99 4.61 14.87 4.95
N MET A 100 3.50 14.71 5.67
CA MET A 100 2.82 13.43 5.76
C MET A 100 1.99 13.17 4.51
N ALA A 101 1.72 11.89 4.25
CA ALA A 101 0.93 11.51 3.09
C ALA A 101 0.15 10.22 3.34
N VAL A 102 -0.87 9.98 2.53
CA VAL A 102 -1.69 8.78 2.68
C VAL A 102 -1.70 7.96 1.39
N ILE A 103 -1.59 6.65 1.54
CA ILE A 103 -1.58 5.75 0.39
C ILE A 103 -2.62 4.65 0.54
N GLU A 104 -3.41 4.43 -0.51
CA GLU A 104 -4.44 3.41 -0.49
C GLU A 104 -4.68 2.85 -1.90
N TYR A 105 -5.00 1.56 -1.96
CA TYR A 105 -5.25 0.90 -3.24
C TYR A 105 -6.58 1.36 -3.83
N LYS A 106 -6.68 1.32 -5.16
CA LYS A 106 -7.90 1.72 -5.85
C LYS A 106 -8.98 0.65 -5.71
N GLY A 107 -9.66 0.67 -4.56
CA GLY A 107 -10.72 -0.30 -4.32
C GLY A 107 -11.74 0.19 -3.31
N ASN A 108 -11.80 -0.49 -2.17
CA ASN A 108 -12.74 -0.11 -1.12
C ASN A 108 -12.57 1.35 -0.73
N CYS A 109 -13.62 1.95 -0.19
CA CYS A 109 -13.59 3.34 0.22
C CYS A 109 -13.88 3.47 1.72
N LEU A 110 -12.82 3.60 2.51
CA LEU A 110 -12.96 3.73 3.95
C LEU A 110 -13.62 5.05 4.32
N PRO A 111 -14.31 5.07 5.47
CA PRO A 111 -15.00 6.27 5.96
C PRO A 111 -14.03 7.36 6.40
N PRO A 112 -14.08 8.51 5.71
CA PRO A 112 -13.21 9.65 6.02
C PRO A 112 -13.56 10.32 7.34
N LEU A 113 -12.56 10.56 8.16
CA LEU A 113 -12.77 11.19 9.47
C LEU A 113 -12.68 12.71 9.36
N PRO A 114 -13.37 13.42 10.25
CA PRO A 114 -13.39 14.89 10.28
C PRO A 114 -12.06 15.47 10.72
N LEU A 115 -11.43 16.24 9.83
CA LEU A 115 -10.14 16.86 10.12
C LEU A 115 -10.24 17.77 11.35
N PRO A 116 -9.24 17.69 12.23
CA PRO A 116 -9.19 18.50 13.44
C PRO A 116 -8.95 19.99 13.15
N SER A 117 -8.09 20.26 12.18
CA SER A 117 -7.77 21.62 11.81
C SER A 117 -8.73 22.13 10.72
N GLY A 118 -9.74 22.87 11.14
CA GLY A 118 -10.72 23.39 10.20
C GLY A 118 -11.12 24.82 10.52
N PRO A 119 -12.17 25.31 9.85
CA PRO A 119 -12.69 26.66 10.05
C PRO A 119 -13.36 26.83 11.41
N SER A 120 -13.05 27.92 12.09
CA SER A 120 -13.63 28.20 13.40
C SER A 120 -13.91 29.69 13.56
N SER A 121 -15.19 30.04 13.62
CA SER A 121 -15.60 31.43 13.78
C SER A 121 -14.78 32.12 14.87
N GLY A 122 -14.76 31.52 16.05
CA GLY A 122 -14.01 32.10 17.16
C GLY A 122 -12.51 32.01 16.94
N GLY A 1 7.45 -7.66 13.15
CA GLY A 1 6.93 -8.93 13.64
C GLY A 1 7.77 -9.50 14.77
N SER A 2 9.08 -9.60 14.53
CA SER A 2 10.00 -10.13 15.52
C SER A 2 11.00 -9.07 15.97
N SER A 3 11.79 -9.41 16.99
CA SER A 3 12.79 -8.48 17.52
C SER A 3 13.54 -7.80 16.38
N GLY A 4 14.01 -6.58 16.65
CA GLY A 4 14.75 -5.84 15.65
C GLY A 4 13.94 -5.59 14.39
N SER A 5 13.46 -4.36 14.24
CA SER A 5 12.66 -3.99 13.08
C SER A 5 13.46 -4.15 11.79
N SER A 6 13.50 -5.37 11.27
CA SER A 6 14.24 -5.66 10.05
C SER A 6 13.28 -5.87 8.88
N GLY A 7 12.23 -5.05 8.82
CA GLY A 7 11.25 -5.16 7.75
C GLY A 7 10.13 -4.16 7.88
N LEU A 8 10.48 -2.87 7.83
CA LEU A 8 9.50 -1.81 7.94
C LEU A 8 8.74 -1.62 6.64
N LEU A 9 9.44 -1.75 5.52
CA LEU A 9 8.84 -1.61 4.19
C LEU A 9 7.83 -2.72 3.94
N ARG A 10 8.23 -3.96 4.22
CA ARG A 10 7.35 -5.11 4.01
C ARG A 10 6.15 -5.04 4.94
N ASN A 11 6.37 -4.57 6.17
CA ASN A 11 5.30 -4.44 7.15
C ASN A 11 4.25 -3.43 6.70
N LEU A 12 4.71 -2.37 6.05
CA LEU A 12 3.80 -1.34 5.56
C LEU A 12 2.94 -1.86 4.42
N LEU A 13 3.57 -2.56 3.48
CA LEU A 13 2.86 -3.12 2.33
C LEU A 13 1.72 -4.04 2.79
N THR A 14 2.02 -4.89 3.76
CA THR A 14 1.03 -5.83 4.29
C THR A 14 -0.12 -5.09 4.97
N GLY A 15 0.23 -4.06 5.73
CA GLY A 15 -0.79 -3.29 6.43
C GLY A 15 -1.64 -2.47 5.48
N LEU A 16 -1.02 -1.94 4.43
CA LEU A 16 -1.74 -1.14 3.45
C LEU A 16 -2.83 -1.95 2.76
N VAL A 17 -2.49 -3.16 2.35
CA VAL A 17 -3.44 -4.04 1.69
C VAL A 17 -4.56 -4.45 2.64
N ARG A 18 -4.20 -4.75 3.89
CA ARG A 18 -5.17 -5.16 4.89
C ARG A 18 -6.23 -4.07 5.10
N HIS A 19 -5.78 -2.85 5.35
CA HIS A 19 -6.68 -1.72 5.57
C HIS A 19 -6.81 -0.89 4.30
N GLU A 20 -6.32 -1.42 3.19
CA GLU A 20 -6.39 -0.72 1.91
C GLU A 20 -6.09 0.77 2.09
N ARG A 21 -5.36 1.10 3.15
CA ARG A 21 -5.02 2.48 3.44
C ARG A 21 -4.11 2.57 4.67
N ILE A 22 -3.03 3.32 4.54
CA ILE A 22 -2.08 3.49 5.64
C ILE A 22 -1.48 4.89 5.63
N GLU A 23 -0.96 5.31 6.79
CA GLU A 23 -0.35 6.63 6.92
C GLU A 23 1.17 6.54 6.86
N ALA A 24 1.75 7.19 5.87
CA ALA A 24 3.20 7.18 5.70
C ALA A 24 3.68 8.46 5.01
N PRO A 25 4.94 8.84 5.27
CA PRO A 25 5.55 10.04 4.68
C PRO A 25 5.78 9.91 3.19
N TRP A 26 6.21 10.99 2.56
CA TRP A 26 6.48 10.99 1.13
C TRP A 26 7.60 10.01 0.78
N ALA A 27 8.69 10.06 1.55
CA ALA A 27 9.82 9.17 1.32
C ALA A 27 9.39 7.71 1.37
N ARG A 28 8.55 7.36 2.34
CA ARG A 28 8.07 6.00 2.50
C ARG A 28 6.99 5.69 1.46
N VAL A 29 6.17 6.69 1.14
CA VAL A 29 5.10 6.53 0.18
C VAL A 29 5.65 6.18 -1.20
N ASP A 30 6.58 7.00 -1.69
CA ASP A 30 7.18 6.77 -3.00
C ASP A 30 7.96 5.46 -3.02
N GLU A 31 8.80 5.27 -2.01
CA GLU A 31 9.61 4.06 -1.91
C GLU A 31 8.73 2.82 -1.87
N MET A 32 7.68 2.86 -1.05
CA MET A 32 6.76 1.74 -0.92
C MET A 32 5.91 1.59 -2.18
N ARG A 33 5.58 2.71 -2.81
CA ARG A 33 4.77 2.71 -4.02
C ARG A 33 5.42 1.85 -5.10
N GLY A 34 6.73 1.98 -5.25
CA GLY A 34 7.45 1.20 -6.25
C GLY A 34 7.35 -0.29 -6.01
N TYR A 35 7.50 -0.70 -4.75
CA TYR A 35 7.43 -2.10 -4.38
C TYR A 35 6.00 -2.62 -4.48
N ALA A 36 5.05 -1.82 -4.01
CA ALA A 36 3.64 -2.20 -4.05
C ALA A 36 3.17 -2.43 -5.48
N GLU A 37 3.60 -1.56 -6.39
CA GLU A 37 3.23 -1.68 -7.80
C GLU A 37 3.79 -2.96 -8.40
N LYS A 38 5.08 -3.20 -8.18
CA LYS A 38 5.75 -4.38 -8.71
C LYS A 38 5.14 -5.65 -8.13
N LEU A 39 4.80 -5.61 -6.85
CA LEU A 39 4.21 -6.75 -6.17
C LEU A 39 2.92 -7.18 -6.86
N ILE A 40 2.04 -6.21 -7.10
CA ILE A 40 0.77 -6.48 -7.77
C ILE A 40 0.98 -7.06 -9.15
N ASP A 41 1.97 -6.53 -9.87
CA ASP A 41 2.28 -7.00 -11.21
C ASP A 41 2.57 -8.49 -11.22
N TYR A 42 3.36 -8.95 -10.26
CA TYR A 42 3.72 -10.36 -10.15
C TYR A 42 2.49 -11.19 -9.79
N GLY A 43 1.64 -10.66 -8.93
CA GLY A 43 0.44 -11.38 -8.52
C GLY A 43 -0.47 -11.69 -9.69
N LYS A 44 -0.52 -10.79 -10.66
CA LYS A 44 -1.36 -10.97 -11.84
C LYS A 44 -1.06 -12.30 -12.52
N LEU A 45 0.19 -12.75 -12.41
CA LEU A 45 0.61 -14.01 -13.01
C LEU A 45 -0.09 -15.19 -12.35
N GLY A 46 -0.38 -15.05 -11.05
CA GLY A 46 -1.05 -16.11 -10.32
C GLY A 46 -0.13 -16.81 -9.34
N ASP A 47 -0.68 -17.77 -8.60
CA ASP A 47 0.11 -18.52 -7.62
C ASP A 47 0.88 -19.65 -8.30
N THR A 48 1.40 -19.38 -9.50
CA THR A 48 2.16 -20.37 -10.25
C THR A 48 3.63 -19.98 -10.35
N ASN A 49 3.88 -18.68 -10.47
CA ASN A 49 5.25 -18.17 -10.57
C ASN A 49 5.95 -18.23 -9.22
N GLU A 50 7.03 -18.99 -9.14
CA GLU A 50 7.79 -19.13 -7.91
C GLU A 50 8.25 -17.76 -7.40
N ARG A 51 8.82 -16.96 -8.30
CA ARG A 51 9.30 -15.63 -7.95
C ARG A 51 8.17 -14.79 -7.35
N ALA A 52 6.99 -14.85 -7.96
CA ALA A 52 5.84 -14.10 -7.49
C ALA A 52 5.44 -14.52 -6.08
N MET A 53 5.55 -15.81 -5.81
CA MET A 53 5.21 -16.35 -4.50
C MET A 53 6.24 -15.94 -3.46
N ARG A 54 7.51 -16.16 -3.78
CA ARG A 54 8.60 -15.82 -2.87
C ARG A 54 8.60 -14.32 -2.56
N MET A 55 8.49 -13.52 -3.61
CA MET A 55 8.47 -12.06 -3.45
C MET A 55 7.34 -11.63 -2.54
N ALA A 56 6.15 -12.18 -2.77
CA ALA A 56 4.98 -11.84 -1.96
C ALA A 56 5.14 -12.35 -0.53
N ASP A 57 5.84 -13.47 -0.38
CA ASP A 57 6.07 -14.05 0.94
C ASP A 57 7.05 -13.21 1.75
N PHE A 58 8.02 -12.63 1.06
CA PHE A 58 9.05 -11.81 1.70
C PHE A 58 8.46 -10.46 2.12
N TRP A 59 7.68 -9.85 1.25
CA TRP A 59 7.07 -8.56 1.53
C TRP A 59 5.81 -8.74 2.38
N LEU A 60 4.95 -9.66 1.98
CA LEU A 60 3.71 -9.92 2.72
C LEU A 60 3.84 -11.19 3.56
N THR A 61 4.01 -11.00 4.87
CA THR A 61 4.14 -12.12 5.78
C THR A 61 2.81 -12.85 5.95
N GLU A 62 1.72 -12.10 5.94
CA GLU A 62 0.40 -12.68 6.09
C GLU A 62 0.14 -13.76 5.05
N LYS A 63 0.06 -15.00 5.50
CA LYS A 63 -0.18 -16.13 4.60
C LYS A 63 -1.57 -16.06 3.99
N ASP A 64 -2.43 -15.22 4.58
CA ASP A 64 -3.79 -15.06 4.09
C ASP A 64 -3.87 -13.97 3.03
N LEU A 65 -3.05 -12.94 3.19
CA LEU A 65 -3.02 -11.84 2.24
C LEU A 65 -2.30 -12.24 0.95
N ILE A 66 -1.34 -13.14 1.07
CA ILE A 66 -0.59 -13.61 -0.09
C ILE A 66 -1.52 -14.22 -1.13
N PRO A 67 -2.33 -15.20 -0.70
CA PRO A 67 -3.28 -15.88 -1.59
C PRO A 67 -4.43 -14.98 -2.02
N LYS A 68 -4.94 -14.19 -1.07
CA LYS A 68 -6.04 -13.27 -1.35
C LYS A 68 -5.63 -12.23 -2.38
N LEU A 69 -4.45 -11.64 -2.18
CA LEU A 69 -3.94 -10.62 -3.10
C LEU A 69 -3.91 -11.15 -4.53
N PHE A 70 -3.62 -12.44 -4.67
CA PHE A 70 -3.55 -13.07 -5.98
C PHE A 70 -4.95 -13.43 -6.49
N GLN A 71 -5.90 -13.52 -5.57
CA GLN A 71 -7.27 -13.85 -5.92
C GLN A 71 -8.20 -12.66 -5.70
N VAL A 72 -7.61 -11.49 -5.50
CA VAL A 72 -8.38 -10.26 -5.28
C VAL A 72 -7.86 -9.13 -6.14
N LEU A 73 -6.70 -8.59 -5.77
CA LEU A 73 -6.09 -7.49 -6.50
C LEU A 73 -5.52 -7.97 -7.83
N ALA A 74 -4.85 -9.13 -7.79
CA ALA A 74 -4.25 -9.71 -8.99
C ALA A 74 -5.25 -9.71 -10.15
N PRO A 75 -6.42 -10.32 -9.93
CA PRO A 75 -7.47 -10.40 -10.95
C PRO A 75 -8.12 -9.06 -11.22
N ARG A 76 -8.10 -8.17 -10.23
CA ARG A 76 -8.68 -6.85 -10.36
C ARG A 76 -7.90 -6.01 -11.37
N TYR A 77 -6.58 -6.02 -11.24
CA TYR A 77 -5.72 -5.26 -12.14
C TYR A 77 -5.09 -6.17 -13.19
N LYS A 78 -5.85 -7.13 -13.68
CA LYS A 78 -5.37 -8.07 -14.68
C LYS A 78 -5.27 -7.39 -16.05
N ASP A 79 -6.35 -6.71 -16.45
CA ASP A 79 -6.38 -6.03 -17.73
C ASP A 79 -5.59 -4.72 -17.67
N GLN A 80 -5.83 -3.94 -16.61
CA GLN A 80 -5.15 -2.67 -16.45
C GLN A 80 -3.65 -2.81 -16.72
N THR A 81 -3.00 -1.69 -17.02
CA THR A 81 -1.57 -1.69 -17.30
C THR A 81 -0.85 -0.60 -16.52
N GLY A 82 -1.28 -0.40 -15.27
CA GLY A 82 -0.66 0.61 -14.43
C GLY A 82 -1.65 1.25 -13.48
N GLY A 83 -1.19 2.26 -12.74
CA GLY A 83 -2.05 2.94 -11.80
C GLY A 83 -2.86 1.98 -10.94
N TYR A 84 -2.27 1.52 -9.84
CA TYR A 84 -2.94 0.59 -8.94
C TYR A 84 -3.17 1.23 -7.58
N THR A 85 -2.19 2.00 -7.12
CA THR A 85 -2.30 2.67 -5.82
C THR A 85 -2.49 4.17 -6.00
N ARG A 86 -3.06 4.82 -4.97
CA ARG A 86 -3.31 6.25 -5.02
C ARG A 86 -2.58 6.96 -3.89
N MET A 87 -2.00 8.12 -4.20
CA MET A 87 -1.27 8.89 -3.20
C MET A 87 -2.06 10.13 -2.79
N LEU A 88 -2.26 10.28 -1.48
CA LEU A 88 -3.00 11.41 -0.95
C LEU A 88 -2.12 12.26 -0.02
N GLN A 89 -2.31 13.57 -0.07
CA GLN A 89 -1.54 14.47 0.78
C GLN A 89 -2.32 14.85 2.03
N ILE A 90 -1.60 14.97 3.15
CA ILE A 90 -2.23 15.33 4.42
C ILE A 90 -1.30 16.18 5.27
N PRO A 91 -1.88 17.04 6.12
CA PRO A 91 -1.12 17.92 7.01
C PRO A 91 -0.41 17.15 8.12
N ASN A 92 0.25 17.88 9.00
CA ASN A 92 0.97 17.27 10.12
C ASN A 92 0.01 16.55 11.06
N ARG A 93 0.24 15.27 11.29
CA ARG A 93 -0.59 14.48 12.18
C ARG A 93 -0.35 14.84 13.64
N SER A 94 0.89 14.64 14.08
CA SER A 94 1.26 14.94 15.46
C SER A 94 1.35 16.45 15.68
N LEU A 95 1.65 16.85 16.92
CA LEU A 95 1.77 18.26 17.27
C LEU A 95 3.14 18.80 16.88
N ASP A 96 3.60 18.45 15.69
CA ASP A 96 4.89 18.91 15.20
C ASP A 96 4.89 19.04 13.69
N ARG A 97 6.00 19.51 13.13
CA ARG A 97 6.13 19.69 11.69
C ARG A 97 6.70 18.43 11.03
N ALA A 98 5.98 17.91 10.06
CA ALA A 98 6.42 16.71 9.34
C ALA A 98 5.58 16.47 8.10
N LYS A 99 6.22 15.96 7.04
CA LYS A 99 5.53 15.69 5.79
C LYS A 99 4.93 14.29 5.80
N MET A 100 3.62 14.21 6.02
CA MET A 100 2.92 12.93 6.05
C MET A 100 2.01 12.77 4.83
N ALA A 101 1.72 11.53 4.47
CA ALA A 101 0.87 11.25 3.32
C ALA A 101 0.09 9.96 3.52
N VAL A 102 -1.02 9.82 2.81
CA VAL A 102 -1.86 8.63 2.91
C VAL A 102 -1.92 7.88 1.58
N ILE A 103 -1.68 6.57 1.63
CA ILE A 103 -1.71 5.76 0.42
C ILE A 103 -2.80 4.70 0.51
N GLU A 104 -3.55 4.54 -0.58
CA GLU A 104 -4.63 3.56 -0.63
C GLU A 104 -4.85 3.06 -2.05
N TYR A 105 -5.29 1.82 -2.17
CA TYR A 105 -5.54 1.21 -3.47
C TYR A 105 -6.82 1.75 -4.09
N LYS A 106 -6.77 2.01 -5.40
CA LYS A 106 -7.92 2.54 -6.12
C LYS A 106 -8.85 1.42 -6.55
N GLY A 107 -9.72 0.99 -5.65
CA GLY A 107 -10.65 -0.09 -5.96
C GLY A 107 -12.00 0.12 -5.30
N ASN A 108 -11.99 0.54 -4.04
CA ASN A 108 -13.23 0.76 -3.29
C ASN A 108 -13.18 2.10 -2.55
N CYS A 109 -14.31 2.79 -2.52
CA CYS A 109 -14.40 4.08 -1.84
C CYS A 109 -14.39 3.90 -0.32
N LEU A 110 -13.20 3.75 0.24
CA LEU A 110 -13.05 3.58 1.68
C LEU A 110 -13.81 4.65 2.44
N PRO A 111 -14.21 4.34 3.69
CA PRO A 111 -14.94 5.27 4.55
C PRO A 111 -14.07 6.44 5.02
N PRO A 112 -14.45 7.65 4.62
CA PRO A 112 -13.72 8.87 4.99
C PRO A 112 -13.86 9.20 6.47
N LEU A 113 -12.74 9.18 7.18
CA LEU A 113 -12.73 9.49 8.61
C LEU A 113 -12.61 10.98 8.85
N PRO A 114 -13.17 11.46 9.97
CA PRO A 114 -13.13 12.88 10.35
C PRO A 114 -11.73 13.33 10.75
N LEU A 115 -11.07 14.07 9.86
CA LEU A 115 -9.72 14.56 10.12
C LEU A 115 -9.75 15.68 11.15
N PRO A 116 -10.45 16.78 10.82
CA PRO A 116 -10.57 17.94 11.71
C PRO A 116 -11.43 17.64 12.94
N SER A 117 -11.19 18.40 14.01
CA SER A 117 -11.93 18.22 15.24
C SER A 117 -13.32 18.85 15.16
N GLY A 118 -14.30 18.21 15.78
CA GLY A 118 -15.66 18.73 15.75
C GLY A 118 -15.81 20.00 16.57
N PRO A 119 -17.04 20.52 16.65
CA PRO A 119 -17.34 21.73 17.40
C PRO A 119 -17.24 21.52 18.91
N SER A 120 -16.63 22.48 19.60
CA SER A 120 -16.46 22.39 21.04
C SER A 120 -17.66 23.00 21.77
N SER A 121 -18.18 24.10 21.23
CA SER A 121 -19.32 24.78 21.82
C SER A 121 -19.03 25.17 23.27
N GLY A 122 -17.84 25.72 23.49
CA GLY A 122 -17.46 26.13 24.83
C GLY A 122 -17.56 27.64 25.03
N GLY A 1 17.75 1.85 11.47
CA GLY A 1 18.25 0.49 11.58
C GLY A 1 18.06 -0.30 10.30
N SER A 2 18.94 -0.07 9.34
CA SER A 2 18.86 -0.77 8.05
C SER A 2 19.68 -2.05 8.08
N SER A 3 19.57 -2.78 9.19
CA SER A 3 20.31 -4.04 9.35
C SER A 3 19.73 -4.86 10.49
N GLY A 4 19.27 -6.07 10.17
CA GLY A 4 18.70 -6.94 11.18
C GLY A 4 17.69 -6.23 12.06
N SER A 5 16.68 -5.62 11.44
CA SER A 5 15.66 -4.90 12.17
C SER A 5 14.27 -5.18 11.58
N SER A 6 13.24 -4.90 12.37
CA SER A 6 11.87 -5.13 11.93
C SER A 6 11.63 -4.52 10.55
N GLY A 7 11.22 -5.37 9.60
CA GLY A 7 10.97 -4.91 8.25
C GLY A 7 9.85 -3.88 8.18
N LEU A 8 10.22 -2.61 8.21
CA LEU A 8 9.23 -1.53 8.15
C LEU A 8 8.49 -1.54 6.81
N LEU A 9 9.24 -1.66 5.73
CA LEU A 9 8.66 -1.68 4.39
C LEU A 9 7.70 -2.86 4.23
N ARG A 10 8.15 -4.03 4.66
CA ARG A 10 7.32 -5.24 4.57
C ARG A 10 6.03 -5.07 5.35
N ASN A 11 6.12 -4.45 6.53
CA ASN A 11 4.95 -4.23 7.37
C ASN A 11 4.00 -3.24 6.72
N LEU A 12 4.55 -2.23 6.04
CA LEU A 12 3.73 -1.22 5.38
C LEU A 12 2.89 -1.84 4.27
N LEU A 13 3.50 -2.75 3.52
CA LEU A 13 2.80 -3.42 2.42
C LEU A 13 1.68 -4.30 2.95
N THR A 14 1.97 -5.06 4.00
CA THR A 14 0.98 -5.94 4.61
C THR A 14 -0.15 -5.15 5.23
N GLY A 15 0.19 -4.07 5.92
CA GLY A 15 -0.82 -3.24 6.56
C GLY A 15 -1.67 -2.50 5.55
N LEU A 16 -1.05 -2.05 4.46
CA LEU A 16 -1.76 -1.31 3.43
C LEU A 16 -2.84 -2.18 2.79
N VAL A 17 -2.49 -3.41 2.45
CA VAL A 17 -3.43 -4.34 1.84
C VAL A 17 -4.56 -4.70 2.81
N ARG A 18 -4.19 -4.91 4.07
CA ARG A 18 -5.17 -5.26 5.09
C ARG A 18 -6.29 -4.22 5.16
N HIS A 19 -5.90 -2.95 5.29
CA HIS A 19 -6.86 -1.87 5.37
C HIS A 19 -6.93 -1.10 4.05
N GLU A 20 -6.38 -1.69 2.99
CA GLU A 20 -6.37 -1.07 1.68
C GLU A 20 -6.10 0.43 1.80
N ARG A 21 -5.44 0.83 2.88
CA ARG A 21 -5.13 2.23 3.10
C ARG A 21 -4.31 2.42 4.37
N ILE A 22 -3.22 3.17 4.27
CA ILE A 22 -2.34 3.41 5.41
C ILE A 22 -1.74 4.81 5.34
N GLU A 23 -1.28 5.31 6.49
CA GLU A 23 -0.68 6.63 6.56
C GLU A 23 0.83 6.53 6.73
N ALA A 24 1.57 7.13 5.80
CA ALA A 24 3.03 7.11 5.84
C ALA A 24 3.61 8.36 5.20
N PRO A 25 4.89 8.64 5.50
CA PRO A 25 5.59 9.81 4.97
C PRO A 25 5.87 9.68 3.47
N TRP A 26 6.33 10.77 2.86
CA TRP A 26 6.64 10.77 1.44
C TRP A 26 7.73 9.77 1.12
N ALA A 27 8.79 9.78 1.93
CA ALA A 27 9.91 8.86 1.72
C ALA A 27 9.43 7.41 1.73
N ARG A 28 8.54 7.08 2.66
CA ARG A 28 8.01 5.73 2.77
C ARG A 28 6.98 5.46 1.68
N VAL A 29 6.20 6.48 1.35
CA VAL A 29 5.17 6.35 0.32
C VAL A 29 5.79 6.03 -1.03
N ASP A 30 6.73 6.84 -1.46
CA ASP A 30 7.41 6.64 -2.74
C ASP A 30 8.18 5.33 -2.75
N GLU A 31 8.97 5.10 -1.70
CA GLU A 31 9.76 3.88 -1.59
C GLU A 31 8.86 2.65 -1.62
N MET A 32 7.78 2.69 -0.86
CA MET A 32 6.84 1.58 -0.80
C MET A 32 6.04 1.48 -2.09
N ARG A 33 5.76 2.62 -2.71
CA ARG A 33 5.01 2.66 -3.95
C ARG A 33 5.64 1.77 -5.01
N GLY A 34 6.96 1.89 -5.15
CA GLY A 34 7.67 1.09 -6.13
C GLY A 34 7.55 -0.39 -5.86
N TYR A 35 7.70 -0.78 -4.60
CA TYR A 35 7.62 -2.19 -4.21
C TYR A 35 6.20 -2.71 -4.37
N ALA A 36 5.22 -1.89 -3.99
CA ALA A 36 3.82 -2.26 -4.09
C ALA A 36 3.42 -2.49 -5.54
N GLU A 37 3.89 -1.61 -6.43
CA GLU A 37 3.57 -1.71 -7.84
C GLU A 37 4.08 -3.03 -8.42
N LYS A 38 5.35 -3.33 -8.15
CA LYS A 38 5.97 -4.55 -8.64
C LYS A 38 5.24 -5.78 -8.10
N LEU A 39 4.89 -5.74 -6.82
CA LEU A 39 4.19 -6.85 -6.18
C LEU A 39 2.89 -7.16 -6.91
N ILE A 40 2.12 -6.13 -7.22
CA ILE A 40 0.86 -6.29 -7.93
C ILE A 40 1.07 -6.92 -9.30
N ASP A 41 2.13 -6.49 -9.99
CA ASP A 41 2.44 -7.01 -11.31
C ASP A 41 2.64 -8.52 -11.27
N TYR A 42 3.35 -9.01 -10.26
CA TYR A 42 3.60 -10.43 -10.11
C TYR A 42 2.33 -11.17 -9.70
N GLY A 43 1.55 -10.54 -8.82
CA GLY A 43 0.32 -11.15 -8.37
C GLY A 43 -0.64 -11.45 -9.50
N LYS A 44 -0.75 -10.53 -10.44
CA LYS A 44 -1.64 -10.69 -11.59
C LYS A 44 -1.34 -11.99 -12.33
N LEU A 45 -0.07 -12.41 -12.28
CA LEU A 45 0.34 -13.64 -12.95
C LEU A 45 -0.31 -14.86 -12.29
N GLY A 46 -0.56 -14.77 -11.00
CA GLY A 46 -1.18 -15.87 -10.28
C GLY A 46 -0.24 -16.57 -9.34
N ASP A 47 -0.77 -17.43 -8.49
CA ASP A 47 0.04 -18.17 -7.53
C ASP A 47 0.70 -19.38 -8.19
N THR A 48 1.18 -19.20 -9.42
CA THR A 48 1.82 -20.28 -10.15
C THR A 48 3.31 -20.00 -10.34
N ASN A 49 3.65 -18.74 -10.56
CA ASN A 49 5.04 -18.34 -10.76
C ASN A 49 5.78 -18.32 -9.43
N GLU A 50 6.86 -19.10 -9.36
CA GLU A 50 7.66 -19.17 -8.14
C GLU A 50 8.12 -17.77 -7.72
N ARG A 51 8.63 -17.00 -8.67
CA ARG A 51 9.11 -15.65 -8.40
C ARG A 51 8.00 -14.80 -7.77
N ALA A 52 6.80 -14.92 -8.32
CA ALA A 52 5.65 -14.17 -7.82
C ALA A 52 5.40 -14.46 -6.35
N MET A 53 5.46 -15.74 -5.99
CA MET A 53 5.24 -16.16 -4.60
C MET A 53 6.35 -15.64 -3.70
N ARG A 54 7.59 -15.67 -4.21
CA ARG A 54 8.74 -15.21 -3.44
C ARG A 54 8.56 -13.76 -3.02
N MET A 55 8.22 -12.90 -3.98
CA MET A 55 8.02 -11.48 -3.71
C MET A 55 6.89 -11.28 -2.70
N ALA A 56 5.80 -12.01 -2.89
CA ALA A 56 4.65 -11.90 -2.01
C ALA A 56 4.99 -12.41 -0.60
N ASP A 57 5.75 -13.49 -0.53
CA ASP A 57 6.15 -14.06 0.75
C ASP A 57 7.18 -13.18 1.44
N PHE A 58 8.09 -12.61 0.65
CA PHE A 58 9.14 -11.75 1.18
C PHE A 58 8.57 -10.40 1.61
N TRP A 59 7.71 -9.83 0.77
CA TRP A 59 7.09 -8.54 1.05
C TRP A 59 5.95 -8.70 2.05
N LEU A 60 5.09 -9.68 1.80
CA LEU A 60 3.95 -9.94 2.69
C LEU A 60 4.17 -11.20 3.51
N THR A 61 4.17 -11.05 4.83
CA THR A 61 4.37 -12.18 5.72
C THR A 61 3.07 -12.97 5.91
N GLU A 62 1.95 -12.24 5.97
CA GLU A 62 0.65 -12.86 6.15
C GLU A 62 0.41 -13.94 5.09
N LYS A 63 0.41 -15.19 5.53
CA LYS A 63 0.19 -16.32 4.63
C LYS A 63 -1.19 -16.24 3.98
N ASP A 64 -2.13 -15.60 4.67
CA ASP A 64 -3.49 -15.45 4.17
C ASP A 64 -3.58 -14.29 3.18
N LEU A 65 -2.72 -13.29 3.38
CA LEU A 65 -2.71 -12.11 2.50
C LEU A 65 -2.10 -12.46 1.15
N ILE A 66 -1.13 -13.36 1.15
CA ILE A 66 -0.47 -13.77 -0.07
C ILE A 66 -1.48 -14.24 -1.12
N PRO A 67 -2.32 -15.23 -0.73
CA PRO A 67 -3.35 -15.79 -1.62
C PRO A 67 -4.47 -14.79 -1.89
N LYS A 68 -4.89 -14.07 -0.84
CA LYS A 68 -5.96 -13.09 -0.97
C LYS A 68 -5.58 -11.99 -1.95
N LEU A 69 -4.35 -11.50 -1.85
CA LEU A 69 -3.86 -10.45 -2.74
C LEU A 69 -3.86 -10.93 -4.19
N PHE A 70 -3.58 -12.20 -4.38
CA PHE A 70 -3.54 -12.79 -5.72
C PHE A 70 -4.94 -13.10 -6.22
N GLN A 71 -5.89 -13.19 -5.28
CA GLN A 71 -7.28 -13.48 -5.63
C GLN A 71 -8.17 -12.26 -5.39
N VAL A 72 -7.54 -11.13 -5.10
CA VAL A 72 -8.28 -9.90 -4.85
C VAL A 72 -7.74 -8.76 -5.70
N LEU A 73 -6.55 -8.27 -5.36
CA LEU A 73 -5.92 -7.18 -6.08
C LEU A 73 -5.41 -7.65 -7.44
N ALA A 74 -4.74 -8.80 -7.44
CA ALA A 74 -4.21 -9.37 -8.67
C ALA A 74 -5.23 -9.30 -9.80
N PRO A 75 -6.42 -9.90 -9.56
CA PRO A 75 -7.51 -9.92 -10.54
C PRO A 75 -8.12 -8.55 -10.76
N ARG A 76 -7.96 -7.67 -9.77
CA ARG A 76 -8.51 -6.32 -9.86
C ARG A 76 -7.69 -5.46 -10.81
N TYR A 77 -6.37 -5.50 -10.65
CA TYR A 77 -5.48 -4.72 -11.50
C TYR A 77 -5.05 -5.54 -12.71
N LYS A 78 -5.91 -6.43 -13.17
CA LYS A 78 -5.63 -7.27 -14.33
C LYS A 78 -5.50 -6.42 -15.59
N ASP A 79 -6.52 -5.61 -15.85
CA ASP A 79 -6.53 -4.75 -17.03
C ASP A 79 -5.55 -3.59 -16.87
N GLN A 80 -5.64 -2.90 -15.74
CA GLN A 80 -4.75 -1.78 -15.46
C GLN A 80 -3.31 -2.25 -15.27
N THR A 81 -2.39 -1.59 -15.95
CA THR A 81 -0.97 -1.93 -15.86
C THR A 81 -0.11 -0.69 -15.71
N GLY A 82 -0.51 0.20 -14.81
CA GLY A 82 0.24 1.41 -14.58
C GLY A 82 -0.16 2.12 -13.31
N GLY A 83 -1.46 2.14 -13.02
CA GLY A 83 -1.96 2.79 -11.83
C GLY A 83 -2.65 1.83 -10.89
N TYR A 84 -1.89 1.21 -9.99
CA TYR A 84 -2.44 0.27 -9.03
C TYR A 84 -2.78 0.96 -7.71
N THR A 85 -1.85 1.78 -7.22
CA THR A 85 -2.05 2.50 -5.98
C THR A 85 -2.30 3.98 -6.22
N ARG A 86 -2.84 4.66 -5.23
CA ARG A 86 -3.12 6.09 -5.34
C ARG A 86 -2.38 6.88 -4.25
N MET A 87 -1.90 8.05 -4.62
CA MET A 87 -1.18 8.91 -3.68
C MET A 87 -2.05 10.07 -3.21
N LEU A 88 -2.28 10.13 -1.90
CA LEU A 88 -3.10 11.19 -1.32
C LEU A 88 -2.26 12.13 -0.47
N GLN A 89 -2.58 13.43 -0.52
CA GLN A 89 -1.85 14.42 0.24
C GLN A 89 -2.64 14.84 1.49
N ILE A 90 -2.01 14.73 2.65
CA ILE A 90 -2.66 15.10 3.91
C ILE A 90 -1.82 16.12 4.68
N PRO A 91 -2.50 16.95 5.48
CA PRO A 91 -1.85 17.98 6.29
C PRO A 91 -1.02 17.39 7.43
N ASN A 92 -0.29 18.25 8.12
CA ASN A 92 0.53 17.81 9.25
C ASN A 92 -0.32 17.36 10.42
N ARG A 93 0.13 16.32 11.12
CA ARG A 93 -0.60 15.79 12.26
C ARG A 93 -0.57 16.77 13.43
N SER A 94 -1.52 16.62 14.35
CA SER A 94 -1.60 17.49 15.52
C SER A 94 -0.20 17.90 15.98
N LEU A 95 0.68 16.92 16.12
CA LEU A 95 2.06 17.18 16.56
C LEU A 95 2.73 18.20 15.65
N ASP A 96 3.97 18.55 15.97
CA ASP A 96 4.73 19.51 15.19
C ASP A 96 4.60 19.22 13.70
N ARG A 97 4.83 20.23 12.87
CA ARG A 97 4.74 20.08 11.43
C ARG A 97 5.55 18.88 10.96
N ALA A 98 5.12 18.29 9.85
CA ALA A 98 5.81 17.12 9.29
C ALA A 98 5.20 16.71 7.96
N LYS A 99 6.03 16.18 7.07
CA LYS A 99 5.56 15.73 5.76
C LYS A 99 4.90 14.36 5.85
N MET A 100 3.57 14.35 5.91
CA MET A 100 2.83 13.10 5.99
C MET A 100 2.02 12.85 4.72
N ALA A 101 1.75 11.59 4.43
CA ALA A 101 0.99 11.22 3.24
C ALA A 101 0.22 9.93 3.46
N VAL A 102 -0.79 9.69 2.64
CA VAL A 102 -1.61 8.49 2.74
C VAL A 102 -1.71 7.77 1.39
N ILE A 103 -1.57 6.46 1.42
CA ILE A 103 -1.65 5.66 0.20
C ILE A 103 -2.85 4.72 0.23
N GLU A 104 -3.64 4.75 -0.84
CA GLU A 104 -4.82 3.91 -0.94
C GLU A 104 -4.81 3.10 -2.23
N TYR A 105 -5.32 1.87 -2.16
CA TYR A 105 -5.37 0.99 -3.33
C TYR A 105 -6.61 1.28 -4.18
N LYS A 106 -6.40 1.45 -5.47
CA LYS A 106 -7.50 1.73 -6.40
C LYS A 106 -8.47 0.56 -6.44
N GLY A 107 -9.34 0.49 -5.44
CA GLY A 107 -10.32 -0.59 -5.38
C GLY A 107 -11.72 -0.08 -5.03
N ASN A 108 -11.81 0.73 -3.98
CA ASN A 108 -13.08 1.27 -3.55
C ASN A 108 -12.89 2.61 -2.82
N CYS A 109 -14.00 3.27 -2.51
CA CYS A 109 -13.95 4.55 -1.82
C CYS A 109 -14.36 4.40 -0.36
N LEU A 110 -13.39 4.18 0.51
CA LEU A 110 -13.65 4.02 1.94
C LEU A 110 -14.55 5.12 2.47
N PRO A 111 -15.26 4.85 3.56
CA PRO A 111 -16.17 5.81 4.18
C PRO A 111 -15.43 6.97 4.85
N PRO A 112 -15.69 8.19 4.36
CA PRO A 112 -15.05 9.40 4.89
C PRO A 112 -15.53 9.75 6.29
N LEU A 113 -14.71 10.49 7.02
CA LEU A 113 -15.06 10.89 8.39
C LEU A 113 -15.28 12.40 8.47
N PRO A 114 -16.12 12.82 9.43
CA PRO A 114 -16.43 14.24 9.63
C PRO A 114 -15.25 15.02 10.19
N LEU A 115 -14.61 15.82 9.34
CA LEU A 115 -13.46 16.61 9.75
C LEU A 115 -13.83 17.53 10.91
N PRO A 116 -12.84 17.81 11.78
CA PRO A 116 -13.03 18.67 12.95
C PRO A 116 -13.23 20.14 12.55
N SER A 117 -14.45 20.63 12.72
CA SER A 117 -14.77 22.01 12.38
C SER A 117 -13.61 22.94 12.72
N GLY A 118 -13.55 24.09 12.07
CA GLY A 118 -12.49 25.04 12.32
C GLY A 118 -12.62 26.29 11.47
N PRO A 119 -11.47 26.91 11.13
CA PRO A 119 -11.44 28.13 10.32
C PRO A 119 -11.85 27.87 8.86
N SER A 120 -11.29 26.83 8.28
CA SER A 120 -11.57 26.47 6.90
C SER A 120 -12.60 25.34 6.83
N SER A 121 -12.25 24.20 7.41
CA SER A 121 -13.13 23.04 7.41
C SER A 121 -13.62 22.73 6.01
N GLY A 122 -12.72 22.81 5.04
CA GLY A 122 -13.08 22.53 3.66
C GLY A 122 -13.12 23.78 2.81
N GLY A 1 13.77 -17.07 7.41
CA GLY A 1 15.02 -17.54 7.97
C GLY A 1 15.54 -16.64 9.07
N SER A 2 15.64 -15.34 8.77
CA SER A 2 16.13 -14.37 9.73
C SER A 2 15.60 -12.97 9.42
N SER A 3 15.68 -12.07 10.40
CA SER A 3 15.20 -10.71 10.23
C SER A 3 16.33 -9.71 10.48
N GLY A 4 17.12 -9.44 9.44
CA GLY A 4 18.21 -8.50 9.57
C GLY A 4 17.75 -7.09 9.86
N SER A 5 17.64 -6.27 8.81
CA SER A 5 17.21 -4.89 8.96
C SER A 5 15.70 -4.82 9.19
N SER A 6 15.29 -3.96 10.12
CA SER A 6 13.88 -3.81 10.45
C SER A 6 13.04 -3.68 9.18
N GLY A 7 12.29 -4.73 8.87
CA GLY A 7 11.45 -4.73 7.68
C GLY A 7 10.28 -3.77 7.80
N LEU A 8 10.57 -2.47 7.68
CA LEU A 8 9.53 -1.45 7.78
C LEU A 8 8.67 -1.43 6.52
N LEU A 9 9.33 -1.42 5.36
CA LEU A 9 8.62 -1.40 4.08
C LEU A 9 7.72 -2.62 3.95
N ARG A 10 8.18 -3.76 4.45
CA ARG A 10 7.40 -5.00 4.38
C ARG A 10 6.10 -4.87 5.17
N ASN A 11 6.19 -4.22 6.33
CA ASN A 11 5.02 -4.03 7.18
C ASN A 11 4.03 -3.07 6.53
N LEU A 12 4.56 -2.08 5.81
CA LEU A 12 3.71 -1.10 5.15
C LEU A 12 2.85 -1.76 4.07
N LEU A 13 3.47 -2.61 3.26
CA LEU A 13 2.75 -3.31 2.20
C LEU A 13 1.68 -4.24 2.78
N THR A 14 2.06 -4.98 3.81
CA THR A 14 1.13 -5.90 4.45
C THR A 14 -0.02 -5.16 5.12
N GLY A 15 0.31 -4.11 5.87
CA GLY A 15 -0.71 -3.33 6.54
C GLY A 15 -1.58 -2.55 5.57
N LEU A 16 -0.97 -2.04 4.51
CA LEU A 16 -1.69 -1.27 3.51
C LEU A 16 -2.80 -2.10 2.88
N VAL A 17 -2.47 -3.33 2.48
CA VAL A 17 -3.45 -4.23 1.87
C VAL A 17 -4.54 -4.62 2.87
N ARG A 18 -4.12 -4.89 4.11
CA ARG A 18 -5.05 -5.28 5.15
C ARG A 18 -6.14 -4.23 5.34
N HIS A 19 -5.74 -2.98 5.52
CA HIS A 19 -6.67 -1.88 5.71
C HIS A 19 -6.83 -1.08 4.41
N GLU A 20 -6.31 -1.62 3.32
CA GLU A 20 -6.40 -0.96 2.02
C GLU A 20 -6.18 0.54 2.17
N ARG A 21 -5.46 0.93 3.22
CA ARG A 21 -5.19 2.34 3.47
C ARG A 21 -4.29 2.50 4.70
N ILE A 22 -3.23 3.29 4.55
CA ILE A 22 -2.29 3.53 5.64
C ILE A 22 -1.72 4.93 5.58
N GLU A 23 -1.21 5.42 6.70
CA GLU A 23 -0.62 6.75 6.77
C GLU A 23 0.89 6.67 6.92
N ALA A 24 1.61 7.28 5.97
CA ALA A 24 3.07 7.28 5.99
C ALA A 24 3.62 8.54 5.33
N PRO A 25 4.90 8.85 5.63
CA PRO A 25 5.58 10.02 5.07
C PRO A 25 5.85 9.88 3.58
N TRP A 26 6.11 11.00 2.91
CA TRP A 26 6.40 10.99 1.49
C TRP A 26 7.50 9.99 1.16
N ALA A 27 8.58 10.03 1.93
CA ALA A 27 9.71 9.13 1.73
C ALA A 27 9.27 7.68 1.78
N ARG A 28 8.38 7.37 2.72
CA ARG A 28 7.88 6.01 2.88
C ARG A 28 6.86 5.68 1.80
N VAL A 29 6.11 6.68 1.37
CA VAL A 29 5.09 6.49 0.34
C VAL A 29 5.74 6.16 -1.01
N ASP A 30 6.73 6.96 -1.40
CA ASP A 30 7.42 6.75 -2.66
C ASP A 30 8.17 5.42 -2.65
N GLU A 31 8.89 5.16 -1.58
CA GLU A 31 9.66 3.92 -1.45
C GLU A 31 8.73 2.71 -1.46
N MET A 32 7.66 2.78 -0.67
CA MET A 32 6.70 1.70 -0.59
C MET A 32 5.87 1.60 -1.87
N ARG A 33 5.62 2.74 -2.49
CA ARG A 33 4.84 2.79 -3.73
C ARG A 33 5.49 1.92 -4.81
N GLY A 34 6.80 2.06 -4.98
CA GLY A 34 7.51 1.29 -5.98
C GLY A 34 7.44 -0.21 -5.70
N TYR A 35 7.62 -0.58 -4.44
CA TYR A 35 7.58 -1.99 -4.05
C TYR A 35 6.16 -2.55 -4.19
N ALA A 36 5.18 -1.76 -3.78
CA ALA A 36 3.78 -2.17 -3.86
C ALA A 36 3.36 -2.42 -5.30
N GLU A 37 3.80 -1.52 -6.20
CA GLU A 37 3.46 -1.64 -7.62
C GLU A 37 4.02 -2.93 -8.20
N LYS A 38 5.31 -3.18 -7.95
CA LYS A 38 5.96 -4.38 -8.46
C LYS A 38 5.31 -5.64 -7.90
N LEU A 39 4.93 -5.60 -6.63
CA LEU A 39 4.29 -6.74 -5.98
C LEU A 39 3.02 -7.13 -6.72
N ILE A 40 2.17 -6.15 -6.99
CA ILE A 40 0.91 -6.39 -7.70
C ILE A 40 1.17 -6.99 -9.08
N ASP A 41 2.18 -6.48 -9.75
CA ASP A 41 2.54 -6.96 -11.08
C ASP A 41 2.82 -8.46 -11.06
N TYR A 42 3.53 -8.91 -10.04
CA TYR A 42 3.87 -10.32 -9.90
C TYR A 42 2.63 -11.16 -9.66
N GLY A 43 1.75 -10.66 -8.78
CA GLY A 43 0.53 -11.38 -8.46
C GLY A 43 -0.35 -11.59 -9.68
N LYS A 44 -0.35 -10.60 -10.58
CA LYS A 44 -1.16 -10.68 -11.79
C LYS A 44 -0.86 -11.97 -12.56
N LEU A 45 0.37 -12.45 -12.45
CA LEU A 45 0.78 -13.67 -13.13
C LEU A 45 0.02 -14.88 -12.59
N GLY A 46 -0.35 -14.82 -11.31
CA GLY A 46 -1.09 -15.92 -10.70
C GLY A 46 -0.26 -16.67 -9.68
N ASP A 47 -0.92 -17.52 -8.90
CA ASP A 47 -0.24 -18.30 -7.87
C ASP A 47 0.42 -19.53 -8.48
N THR A 48 1.04 -19.35 -9.63
CA THR A 48 1.72 -20.44 -10.32
C THR A 48 3.22 -20.19 -10.42
N ASN A 49 3.59 -18.93 -10.60
CA ASN A 49 5.00 -18.56 -10.71
C ASN A 49 5.66 -18.53 -9.33
N GLU A 50 6.64 -19.40 -9.13
CA GLU A 50 7.35 -19.47 -7.85
C GLU A 50 7.95 -18.10 -7.50
N ARG A 51 8.46 -17.40 -8.50
CA ARG A 51 9.06 -16.09 -8.30
C ARG A 51 8.07 -15.14 -7.64
N ALA A 52 6.82 -15.17 -8.11
CA ALA A 52 5.78 -14.31 -7.57
C ALA A 52 5.46 -14.68 -6.13
N MET A 53 5.37 -15.97 -5.85
CA MET A 53 5.07 -16.44 -4.50
C MET A 53 6.15 -16.00 -3.52
N ARG A 54 7.41 -16.22 -3.87
CA ARG A 54 8.52 -15.84 -3.02
C ARG A 54 8.56 -14.33 -2.81
N MET A 55 8.45 -13.58 -3.91
CA MET A 55 8.47 -12.13 -3.86
C MET A 55 7.33 -11.61 -2.99
N ALA A 56 6.14 -12.16 -3.18
CA ALA A 56 4.97 -11.75 -2.42
C ALA A 56 5.08 -12.19 -0.97
N ASP A 57 5.65 -13.37 -0.76
CA ASP A 57 5.82 -13.92 0.58
C ASP A 57 6.89 -13.16 1.36
N PHE A 58 7.94 -12.75 0.64
CA PHE A 58 9.04 -12.01 1.26
C PHE A 58 8.57 -10.63 1.71
N TRP A 59 7.78 -9.98 0.87
CA TRP A 59 7.27 -8.65 1.17
C TRP A 59 6.07 -8.73 2.12
N LEU A 60 5.13 -9.60 1.80
CA LEU A 60 3.93 -9.78 2.61
C LEU A 60 4.10 -10.93 3.60
N THR A 61 4.17 -10.60 4.88
CA THR A 61 4.34 -11.62 5.91
C THR A 61 2.99 -12.17 6.37
N GLU A 62 2.05 -12.25 5.43
CA GLU A 62 0.71 -12.76 5.74
C GLU A 62 0.32 -13.86 4.76
N LYS A 63 0.32 -15.09 5.25
CA LYS A 63 -0.04 -16.24 4.42
C LYS A 63 -1.45 -16.09 3.86
N ASP A 64 -2.24 -15.22 4.48
CA ASP A 64 -3.59 -14.97 4.04
C ASP A 64 -3.65 -13.87 2.98
N LEU A 65 -2.73 -12.91 3.09
CA LEU A 65 -2.67 -11.80 2.15
C LEU A 65 -2.09 -12.26 0.81
N ILE A 66 -1.19 -13.25 0.87
CA ILE A 66 -0.57 -13.77 -0.34
C ILE A 66 -1.61 -14.32 -1.31
N PRO A 67 -2.46 -15.23 -0.81
CA PRO A 67 -3.52 -15.85 -1.61
C PRO A 67 -4.63 -14.86 -1.96
N LYS A 68 -5.01 -14.04 -0.99
CA LYS A 68 -6.05 -13.05 -1.20
C LYS A 68 -5.64 -12.02 -2.24
N LEU A 69 -4.43 -11.48 -2.09
CA LEU A 69 -3.90 -10.49 -3.01
C LEU A 69 -3.88 -11.03 -4.44
N PHE A 70 -3.61 -12.32 -4.57
CA PHE A 70 -3.56 -12.96 -5.88
C PHE A 70 -4.96 -13.30 -6.37
N GLN A 71 -5.90 -13.40 -5.44
CA GLN A 71 -7.28 -13.72 -5.77
C GLN A 71 -8.20 -12.53 -5.54
N VAL A 72 -7.60 -11.36 -5.36
CA VAL A 72 -8.36 -10.13 -5.12
C VAL A 72 -7.86 -8.99 -6.00
N LEU A 73 -6.68 -8.46 -5.66
CA LEU A 73 -6.10 -7.37 -6.43
C LEU A 73 -5.54 -7.86 -7.75
N ALA A 74 -4.86 -9.01 -7.71
CA ALA A 74 -4.28 -9.59 -8.91
C ALA A 74 -5.27 -9.59 -10.05
N PRO A 75 -6.44 -10.21 -9.83
CA PRO A 75 -7.51 -10.29 -10.84
C PRO A 75 -8.16 -8.94 -11.11
N ARG A 76 -8.35 -8.16 -10.05
CA ARG A 76 -8.96 -6.85 -10.17
C ARG A 76 -8.14 -5.95 -11.09
N TYR A 77 -6.83 -6.08 -11.01
CA TYR A 77 -5.93 -5.27 -11.83
C TYR A 77 -5.63 -5.97 -13.15
N LYS A 78 -5.46 -7.28 -13.10
CA LYS A 78 -5.17 -8.07 -14.28
C LYS A 78 -5.87 -7.49 -15.51
N ASP A 79 -7.14 -7.14 -15.34
CA ASP A 79 -7.92 -6.57 -16.43
C ASP A 79 -7.54 -5.11 -16.68
N GLN A 80 -7.42 -4.35 -15.60
CA GLN A 80 -7.06 -2.94 -15.70
C GLN A 80 -5.69 -2.78 -16.38
N THR A 81 -5.54 -1.70 -17.15
CA THR A 81 -4.29 -1.44 -17.85
C THR A 81 -3.40 -0.52 -17.03
N GLY A 82 -3.38 -0.72 -15.71
CA GLY A 82 -2.56 0.09 -14.84
C GLY A 82 -3.35 0.70 -13.70
N GLY A 83 -2.74 1.66 -13.01
CA GLY A 83 -3.42 2.32 -11.90
C GLY A 83 -3.89 1.33 -10.85
N TYR A 84 -3.02 1.06 -9.88
CA TYR A 84 -3.36 0.13 -8.81
C TYR A 84 -3.38 0.84 -7.45
N THR A 85 -2.36 1.64 -7.19
CA THR A 85 -2.27 2.38 -5.94
C THR A 85 -2.56 3.86 -6.15
N ARG A 86 -2.87 4.55 -5.06
CA ARG A 86 -3.18 5.98 -5.12
C ARG A 86 -2.47 6.74 -4.00
N MET A 87 -1.86 7.87 -4.36
CA MET A 87 -1.15 8.68 -3.38
C MET A 87 -1.96 9.92 -3.02
N LEU A 88 -2.20 10.10 -1.72
CA LEU A 88 -2.97 11.24 -1.23
C LEU A 88 -2.09 12.16 -0.38
N GLN A 89 -2.30 13.47 -0.53
CA GLN A 89 -1.53 14.46 0.22
C GLN A 89 -2.32 14.94 1.44
N ILE A 90 -1.64 15.02 2.58
CA ILE A 90 -2.28 15.47 3.81
C ILE A 90 -1.35 16.38 4.60
N PRO A 91 -1.95 17.30 5.38
CA PRO A 91 -1.20 18.24 6.21
C PRO A 91 -0.49 17.57 7.38
N ASN A 92 0.50 18.25 7.96
CA ASN A 92 1.24 17.72 9.08
C ASN A 92 0.36 17.60 10.32
N ARG A 93 0.14 16.38 10.78
CA ARG A 93 -0.69 16.14 11.96
C ARG A 93 0.08 16.45 13.24
N SER A 94 1.25 15.83 13.37
CA SER A 94 2.08 16.03 14.56
C SER A 94 2.44 17.51 14.72
N LEU A 95 2.95 17.86 15.89
CA LEU A 95 3.33 19.24 16.18
C LEU A 95 4.49 19.67 15.29
N ASP A 96 5.61 18.97 15.40
CA ASP A 96 6.79 19.28 14.62
C ASP A 96 6.51 19.09 13.13
N ARG A 97 6.75 20.13 12.34
CA ARG A 97 6.52 20.09 10.90
C ARG A 97 6.97 18.75 10.33
N ALA A 98 6.00 17.92 9.96
CA ALA A 98 6.30 16.61 9.39
C ALA A 98 5.39 16.31 8.20
N LYS A 99 5.96 16.32 7.00
CA LYS A 99 5.20 16.05 5.80
C LYS A 99 4.72 14.59 5.76
N MET A 100 3.43 14.39 6.00
CA MET A 100 2.86 13.05 6.01
C MET A 100 1.97 12.84 4.78
N ALA A 101 1.83 11.59 4.36
CA ALA A 101 1.01 11.25 3.21
C ALA A 101 0.22 9.97 3.45
N VAL A 102 -0.84 9.77 2.67
CA VAL A 102 -1.68 8.59 2.79
C VAL A 102 -1.75 7.82 1.48
N ILE A 103 -1.53 6.51 1.55
CA ILE A 103 -1.58 5.66 0.36
C ILE A 103 -2.62 4.56 0.51
N GLU A 104 -3.35 4.30 -0.57
CA GLU A 104 -4.38 3.27 -0.57
C GLU A 104 -4.54 2.65 -1.95
N TYR A 105 -4.93 1.37 -1.98
CA TYR A 105 -5.12 0.66 -3.24
C TYR A 105 -6.45 1.04 -3.88
N LYS A 106 -6.39 1.46 -5.14
CA LYS A 106 -7.59 1.85 -5.88
C LYS A 106 -8.34 0.62 -6.38
N GLY A 107 -8.52 -0.36 -5.51
CA GLY A 107 -9.21 -1.58 -5.88
C GLY A 107 -10.70 -1.49 -5.63
N ASN A 108 -11.08 -1.18 -4.38
CA ASN A 108 -12.49 -1.07 -4.03
C ASN A 108 -12.79 0.29 -3.41
N CYS A 109 -14.05 0.55 -3.13
CA CYS A 109 -14.46 1.82 -2.55
C CYS A 109 -14.51 1.73 -1.02
N LEU A 110 -13.36 1.96 -0.39
CA LEU A 110 -13.26 1.90 1.06
C LEU A 110 -14.53 2.44 1.71
N PRO A 111 -14.90 1.84 2.85
CA PRO A 111 -16.10 2.23 3.60
C PRO A 111 -15.95 3.60 4.27
N PRO A 112 -16.69 4.60 3.77
CA PRO A 112 -16.65 5.96 4.30
C PRO A 112 -17.26 6.06 5.69
N LEU A 113 -16.42 6.27 6.69
CA LEU A 113 -16.88 6.39 8.07
C LEU A 113 -17.68 7.67 8.27
N PRO A 114 -18.54 7.68 9.30
CA PRO A 114 -19.39 8.83 9.63
C PRO A 114 -18.57 10.01 10.17
N LEU A 115 -19.00 11.22 9.81
CA LEU A 115 -18.31 12.43 10.25
C LEU A 115 -18.45 12.60 11.76
N PRO A 116 -17.30 12.60 12.47
CA PRO A 116 -17.27 12.77 13.92
C PRO A 116 -17.66 14.18 14.35
N SER A 117 -18.92 14.37 14.71
CA SER A 117 -19.42 15.67 15.14
C SER A 117 -20.17 15.56 16.46
N GLY A 118 -19.42 15.56 17.56
CA GLY A 118 -20.03 15.45 18.87
C GLY A 118 -19.46 16.43 19.86
N PRO A 119 -18.94 15.92 20.99
CA PRO A 119 -18.34 16.74 22.04
C PRO A 119 -17.01 17.36 21.61
N SER A 120 -16.91 18.68 21.75
CA SER A 120 -15.70 19.39 21.37
C SER A 120 -15.45 19.29 19.87
N SER A 121 -16.52 19.46 19.09
CA SER A 121 -16.42 19.38 17.64
C SER A 121 -15.91 20.70 17.05
N GLY A 122 -15.34 20.63 15.86
CA GLY A 122 -14.83 21.83 15.21
C GLY A 122 -14.27 21.54 13.82
N GLY A 1 3.59 0.45 13.01
CA GLY A 1 5.01 0.48 12.68
C GLY A 1 5.52 -0.84 12.15
N SER A 2 6.04 -1.68 13.05
CA SER A 2 6.56 -2.98 12.66
C SER A 2 6.13 -4.05 13.65
N SER A 3 6.02 -5.29 13.17
CA SER A 3 5.62 -6.41 14.02
C SER A 3 6.60 -6.60 15.17
N GLY A 4 7.86 -6.84 14.84
CA GLY A 4 8.88 -7.04 15.85
C GLY A 4 10.28 -6.74 15.33
N SER A 5 10.62 -5.45 15.31
CA SER A 5 11.94 -5.03 14.83
C SER A 5 12.31 -5.74 13.54
N SER A 6 11.35 -5.78 12.61
CA SER A 6 11.58 -6.43 11.32
C SER A 6 11.42 -5.43 10.18
N GLY A 7 11.75 -5.88 8.97
CA GLY A 7 11.66 -5.02 7.80
C GLY A 7 10.48 -4.06 7.89
N LEU A 8 10.77 -2.77 7.94
CA LEU A 8 9.74 -1.75 8.02
C LEU A 8 8.88 -1.73 6.76
N LEU A 9 9.54 -1.79 5.60
CA LEU A 9 8.82 -1.79 4.33
C LEU A 9 7.87 -2.98 4.24
N ARG A 10 8.30 -4.13 4.75
CA ARG A 10 7.49 -5.33 4.74
C ARG A 10 6.18 -5.12 5.48
N ASN A 11 6.26 -4.43 6.62
CA ASN A 11 5.08 -4.16 7.44
C ASN A 11 4.14 -3.19 6.73
N LEU A 12 4.72 -2.22 6.03
CA LEU A 12 3.94 -1.22 5.30
C LEU A 12 3.06 -1.88 4.24
N LEU A 13 3.65 -2.80 3.48
CA LEU A 13 2.93 -3.50 2.43
C LEU A 13 1.85 -4.41 3.03
N THR A 14 2.21 -5.13 4.09
CA THR A 14 1.28 -6.02 4.76
C THR A 14 0.10 -5.25 5.35
N GLY A 15 0.41 -4.17 6.08
CA GLY A 15 -0.63 -3.37 6.69
C GLY A 15 -1.45 -2.60 5.66
N LEU A 16 -0.79 -2.13 4.61
CA LEU A 16 -1.45 -1.38 3.56
C LEU A 16 -2.55 -2.22 2.91
N VAL A 17 -2.21 -3.44 2.54
CA VAL A 17 -3.17 -4.35 1.91
C VAL A 17 -4.28 -4.75 2.88
N ARG A 18 -3.90 -5.00 4.12
CA ARG A 18 -4.85 -5.39 5.15
C ARG A 18 -5.97 -4.35 5.27
N HIS A 19 -5.58 -3.10 5.44
CA HIS A 19 -6.54 -2.00 5.57
C HIS A 19 -6.65 -1.21 4.27
N GLU A 20 -6.09 -1.76 3.20
CA GLU A 20 -6.12 -1.11 1.90
C GLU A 20 -5.91 0.40 2.05
N ARG A 21 -5.25 0.80 3.12
CA ARG A 21 -4.98 2.21 3.38
C ARG A 21 -4.13 2.38 4.64
N ILE A 22 -3.07 3.18 4.52
CA ILE A 22 -2.19 3.42 5.65
C ILE A 22 -1.63 4.84 5.60
N GLU A 23 -1.17 5.33 6.75
CA GLU A 23 -0.61 6.68 6.85
C GLU A 23 0.92 6.62 6.96
N ALA A 24 1.60 7.23 6.01
CA ALA A 24 3.06 7.26 6.00
C ALA A 24 3.58 8.51 5.31
N PRO A 25 4.85 8.85 5.57
CA PRO A 25 5.50 10.03 4.98
C PRO A 25 5.75 9.85 3.48
N TRP A 26 6.11 10.95 2.82
CA TRP A 26 6.38 10.92 1.38
C TRP A 26 7.51 9.96 1.07
N ALA A 27 8.58 10.02 1.87
CA ALA A 27 9.73 9.15 1.67
C ALA A 27 9.34 7.68 1.78
N ARG A 28 8.51 7.37 2.77
CA ARG A 28 8.07 6.00 2.98
C ARG A 28 7.00 5.61 1.95
N VAL A 29 6.22 6.59 1.52
CA VAL A 29 5.16 6.34 0.54
C VAL A 29 5.75 6.05 -0.83
N ASP A 30 6.71 6.86 -1.25
CA ASP A 30 7.36 6.69 -2.55
C ASP A 30 8.11 5.36 -2.60
N GLU A 31 8.91 5.10 -1.57
CA GLU A 31 9.68 3.87 -1.50
C GLU A 31 8.77 2.64 -1.50
N MET A 32 7.72 2.70 -0.69
CA MET A 32 6.77 1.59 -0.61
C MET A 32 5.93 1.50 -1.87
N ARG A 33 5.64 2.65 -2.47
CA ARG A 33 4.84 2.70 -3.68
C ARG A 33 5.48 1.86 -4.79
N GLY A 34 6.78 2.03 -4.97
CA GLY A 34 7.49 1.28 -6.00
C GLY A 34 7.44 -0.22 -5.76
N TYR A 35 7.64 -0.61 -4.51
CA TYR A 35 7.63 -2.03 -4.15
C TYR A 35 6.23 -2.61 -4.27
N ALA A 36 5.23 -1.83 -3.87
CA ALA A 36 3.84 -2.26 -3.93
C ALA A 36 3.40 -2.47 -5.37
N GLU A 37 3.80 -1.55 -6.24
CA GLU A 37 3.43 -1.64 -7.66
C GLU A 37 4.01 -2.90 -8.29
N LYS A 38 5.30 -3.13 -8.06
CA LYS A 38 5.97 -4.30 -8.62
C LYS A 38 5.30 -5.59 -8.13
N LEU A 39 4.96 -5.62 -6.84
CA LEU A 39 4.32 -6.78 -6.25
C LEU A 39 3.03 -7.13 -6.98
N ILE A 40 2.22 -6.10 -7.26
CA ILE A 40 0.96 -6.30 -7.96
C ILE A 40 1.18 -6.89 -9.35
N ASP A 41 2.20 -6.38 -10.04
CA ASP A 41 2.52 -6.86 -11.38
C ASP A 41 2.78 -8.37 -11.37
N TYR A 42 3.54 -8.83 -10.39
CA TYR A 42 3.86 -10.24 -10.27
C TYR A 42 2.62 -11.06 -9.95
N GLY A 43 1.77 -10.51 -9.09
CA GLY A 43 0.55 -11.21 -8.71
C GLY A 43 -0.34 -11.49 -9.90
N LYS A 44 -0.38 -10.56 -10.85
CA LYS A 44 -1.21 -10.71 -12.04
C LYS A 44 -0.88 -12.02 -12.76
N LEU A 45 0.36 -12.46 -12.65
CA LEU A 45 0.80 -13.70 -13.28
C LEU A 45 0.10 -14.90 -12.67
N GLY A 46 -0.14 -14.84 -11.36
CA GLY A 46 -0.80 -15.93 -10.67
C GLY A 46 0.08 -16.59 -9.63
N ASP A 47 -0.54 -17.30 -8.69
CA ASP A 47 0.21 -17.97 -7.64
C ASP A 47 0.77 -19.31 -8.13
N THR A 48 1.32 -19.29 -9.35
CA THR A 48 1.88 -20.49 -9.94
C THR A 48 3.39 -20.37 -10.09
N ASN A 49 3.85 -19.17 -10.44
CA ASN A 49 5.28 -18.92 -10.62
C ASN A 49 5.97 -18.78 -9.28
N GLU A 50 7.14 -19.44 -9.14
CA GLU A 50 7.90 -19.38 -7.90
C GLU A 50 8.32 -17.95 -7.58
N ARG A 51 8.59 -17.18 -8.63
CA ARG A 51 9.00 -15.79 -8.46
C ARG A 51 7.87 -14.95 -7.88
N ALA A 52 6.67 -15.13 -8.40
CA ALA A 52 5.50 -14.40 -7.92
C ALA A 52 5.16 -14.79 -6.49
N MET A 53 5.26 -16.07 -6.19
CA MET A 53 4.96 -16.58 -4.85
C MET A 53 6.02 -16.12 -3.85
N ARG A 54 7.28 -16.31 -4.20
CA ARG A 54 8.39 -15.92 -3.33
C ARG A 54 8.40 -14.41 -3.11
N MET A 55 8.14 -13.66 -4.18
CA MET A 55 8.12 -12.20 -4.10
C MET A 55 7.01 -11.73 -3.19
N ALA A 56 5.85 -12.34 -3.29
CA ALA A 56 4.71 -11.98 -2.46
C ALA A 56 4.90 -12.44 -1.02
N ASP A 57 5.49 -13.63 -0.87
CA ASP A 57 5.74 -14.18 0.46
C ASP A 57 6.85 -13.42 1.17
N PHE A 58 7.83 -12.97 0.40
CA PHE A 58 8.96 -12.23 0.96
C PHE A 58 8.52 -10.85 1.45
N TRP A 59 7.69 -10.19 0.64
CA TRP A 59 7.19 -8.87 0.99
C TRP A 59 6.03 -8.95 1.99
N LEU A 60 5.07 -9.81 1.68
CA LEU A 60 3.91 -10.00 2.54
C LEU A 60 4.09 -11.23 3.44
N THR A 61 4.05 -11.00 4.75
CA THR A 61 4.20 -12.09 5.71
C THR A 61 2.86 -12.76 6.00
N GLU A 62 1.80 -11.95 6.09
CA GLU A 62 0.47 -12.47 6.36
C GLU A 62 0.08 -13.54 5.33
N LYS A 63 0.15 -14.80 5.74
CA LYS A 63 -0.19 -15.91 4.86
C LYS A 63 -1.59 -15.72 4.27
N ASP A 64 -2.35 -14.80 4.86
CA ASP A 64 -3.70 -14.53 4.39
C ASP A 64 -3.69 -13.48 3.28
N LEU A 65 -2.75 -12.55 3.37
CA LEU A 65 -2.63 -11.48 2.39
C LEU A 65 -2.05 -12.01 1.08
N ILE A 66 -1.19 -13.02 1.19
CA ILE A 66 -0.57 -13.62 0.02
C ILE A 66 -1.62 -14.15 -0.95
N PRO A 67 -2.50 -15.01 -0.45
CA PRO A 67 -3.57 -15.61 -1.26
C PRO A 67 -4.64 -14.59 -1.65
N LYS A 68 -5.00 -13.73 -0.71
CA LYS A 68 -6.01 -12.70 -0.97
C LYS A 68 -5.54 -11.72 -2.03
N LEU A 69 -4.30 -11.25 -1.88
CA LEU A 69 -3.72 -10.31 -2.84
C LEU A 69 -3.78 -10.86 -4.26
N PHE A 70 -3.64 -12.17 -4.38
CA PHE A 70 -3.68 -12.83 -5.68
C PHE A 70 -5.12 -13.04 -6.14
N GLN A 71 -6.04 -13.08 -5.18
CA GLN A 71 -7.45 -13.28 -5.48
C GLN A 71 -8.25 -12.02 -5.18
N VAL A 72 -7.55 -10.90 -5.03
CA VAL A 72 -8.20 -9.62 -4.74
C VAL A 72 -7.74 -8.54 -5.70
N LEU A 73 -6.49 -8.13 -5.55
CA LEU A 73 -5.91 -7.09 -6.41
C LEU A 73 -5.49 -7.66 -7.76
N ALA A 74 -4.91 -8.86 -7.73
CA ALA A 74 -4.47 -9.52 -8.95
C ALA A 74 -5.54 -9.46 -10.04
N PRO A 75 -6.74 -9.96 -9.70
CA PRO A 75 -7.88 -9.98 -10.64
C PRO A 75 -8.43 -8.58 -10.90
N ARG A 76 -8.34 -7.72 -9.89
CA ARG A 76 -8.82 -6.35 -10.02
C ARG A 76 -8.01 -5.57 -11.05
N TYR A 77 -6.70 -5.76 -11.02
CA TYR A 77 -5.81 -5.07 -11.95
C TYR A 77 -5.22 -6.05 -12.96
N LYS A 78 -6.05 -6.96 -13.44
CA LYS A 78 -5.61 -7.95 -14.41
C LYS A 78 -5.55 -7.36 -15.81
N ASP A 79 -6.61 -6.65 -16.19
CA ASP A 79 -6.67 -6.01 -17.50
C ASP A 79 -5.98 -4.66 -17.49
N GLN A 80 -6.25 -3.87 -16.46
CA GLN A 80 -5.64 -2.54 -16.33
C GLN A 80 -4.12 -2.62 -16.48
N THR A 81 -3.61 -2.01 -17.55
CA THR A 81 -2.18 -2.02 -17.81
C THR A 81 -1.48 -0.87 -17.07
N GLY A 82 -1.86 -0.67 -15.82
CA GLY A 82 -1.27 0.39 -15.02
C GLY A 82 -2.28 1.08 -14.13
N GLY A 83 -1.80 1.72 -13.06
CA GLY A 83 -2.68 2.40 -12.14
C GLY A 83 -3.31 1.46 -11.13
N TYR A 84 -2.54 1.06 -10.13
CA TYR A 84 -3.03 0.16 -9.10
C TYR A 84 -3.10 0.86 -7.75
N THR A 85 -2.07 1.62 -7.43
CA THR A 85 -2.02 2.35 -6.17
C THR A 85 -2.18 3.86 -6.39
N ARG A 86 -2.70 4.54 -5.38
CA ARG A 86 -2.92 5.98 -5.47
C ARG A 86 -2.39 6.68 -4.21
N MET A 87 -1.78 7.84 -4.40
CA MET A 87 -1.25 8.62 -3.29
C MET A 87 -2.04 9.90 -3.08
N LEU A 88 -2.46 10.15 -1.84
CA LEU A 88 -3.22 11.34 -1.51
C LEU A 88 -2.49 12.20 -0.49
N GLN A 89 -2.56 13.52 -0.66
CA GLN A 89 -1.90 14.45 0.25
C GLN A 89 -2.85 14.88 1.36
N ILE A 90 -2.32 14.94 2.57
CA ILE A 90 -3.12 15.35 3.73
C ILE A 90 -2.45 16.49 4.50
N PRO A 91 -3.27 17.33 5.14
CA PRO A 91 -2.78 18.47 5.92
C PRO A 91 -2.05 18.04 7.19
N ASN A 92 -1.43 19.00 7.86
CA ASN A 92 -0.70 18.72 9.09
C ASN A 92 -1.45 19.27 10.30
N ARG A 93 -1.37 18.55 11.41
CA ARG A 93 -2.04 18.97 12.65
C ARG A 93 -1.42 20.25 13.19
N SER A 94 -0.10 20.25 13.32
CA SER A 94 0.61 21.42 13.84
C SER A 94 0.99 22.36 12.72
N LEU A 95 1.62 23.48 13.07
CA LEU A 95 2.04 24.47 12.09
C LEU A 95 2.87 23.83 10.98
N ASP A 96 3.94 23.15 11.38
CA ASP A 96 4.83 22.49 10.43
C ASP A 96 5.13 21.05 10.87
N ARG A 97 4.28 20.12 10.46
CA ARG A 97 4.46 18.72 10.81
C ARG A 97 5.14 17.95 9.68
N ALA A 98 5.83 16.88 10.03
CA ALA A 98 6.53 16.06 9.06
C ALA A 98 5.69 15.88 7.79
N LYS A 99 6.35 15.57 6.69
CA LYS A 99 5.66 15.38 5.41
C LYS A 99 4.88 14.07 5.41
N MET A 100 3.71 14.08 6.06
CA MET A 100 2.87 12.90 6.14
C MET A 100 2.04 12.74 4.86
N ALA A 101 1.70 11.50 4.54
CA ALA A 101 0.91 11.21 3.35
C ALA A 101 0.06 9.95 3.55
N VAL A 102 -0.98 9.81 2.73
CA VAL A 102 -1.86 8.66 2.80
C VAL A 102 -1.84 7.87 1.51
N ILE A 103 -1.68 6.55 1.61
CA ILE A 103 -1.65 5.68 0.45
C ILE A 103 -2.78 4.66 0.49
N GLU A 104 -3.43 4.45 -0.66
CA GLU A 104 -4.52 3.50 -0.75
C GLU A 104 -4.62 2.91 -2.15
N TYR A 105 -5.14 1.69 -2.25
CA TYR A 105 -5.27 1.01 -3.53
C TYR A 105 -6.49 1.53 -4.29
N LYS A 106 -6.37 1.59 -5.61
CA LYS A 106 -7.46 2.07 -6.46
C LYS A 106 -8.60 1.06 -6.50
N GLY A 107 -9.43 1.08 -5.45
CA GLY A 107 -10.56 0.17 -5.38
C GLY A 107 -11.70 0.72 -4.56
N ASN A 108 -11.72 0.40 -3.28
CA ASN A 108 -12.77 0.88 -2.38
C ASN A 108 -12.50 2.31 -1.93
N CYS A 109 -13.41 2.85 -1.13
CA CYS A 109 -13.27 4.22 -0.63
C CYS A 109 -13.50 4.26 0.88
N LEU A 110 -12.44 4.54 1.63
CA LEU A 110 -12.52 4.62 3.08
C LEU A 110 -12.70 6.06 3.54
N PRO A 111 -13.36 6.23 4.69
CA PRO A 111 -13.61 7.56 5.26
C PRO A 111 -12.34 8.22 5.79
N PRO A 112 -12.20 9.52 5.53
CA PRO A 112 -11.03 10.29 5.95
C PRO A 112 -11.01 10.50 7.47
N LEU A 113 -9.84 10.87 7.98
CA LEU A 113 -9.68 11.12 9.41
C LEU A 113 -10.56 12.27 9.88
N PRO A 114 -10.92 12.25 11.18
CA PRO A 114 -11.76 13.30 11.77
C PRO A 114 -11.03 14.64 11.88
N LEU A 115 -11.74 15.71 11.60
CA LEU A 115 -11.17 17.05 11.67
C LEU A 115 -10.68 17.36 13.08
N PRO A 116 -9.67 18.23 13.18
CA PRO A 116 -9.09 18.63 14.46
C PRO A 116 -10.05 19.49 15.28
N SER A 117 -9.67 19.75 16.54
CA SER A 117 -10.49 20.56 17.43
C SER A 117 -9.75 21.83 17.84
N GLY A 118 -8.52 21.67 18.30
CA GLY A 118 -7.73 22.81 18.73
C GLY A 118 -7.04 22.58 20.05
N PRO A 119 -7.35 23.42 21.04
CA PRO A 119 -6.77 23.33 22.38
C PRO A 119 -7.26 22.10 23.15
N SER A 120 -6.54 20.99 23.00
CA SER A 120 -6.91 19.75 23.67
C SER A 120 -5.68 18.91 23.98
N SER A 121 -5.46 18.63 25.26
CA SER A 121 -4.31 17.84 25.70
C SER A 121 -4.12 16.63 24.79
N GLY A 122 -5.19 15.89 24.55
CA GLY A 122 -5.12 14.72 23.70
C GLY A 122 -6.01 13.59 24.19
N GLY A 1 7.23 4.50 19.85
CA GLY A 1 7.06 3.33 19.02
C GLY A 1 8.34 2.52 18.89
N SER A 2 8.32 1.51 18.04
CA SER A 2 9.48 0.65 17.82
C SER A 2 9.74 0.45 16.33
N SER A 3 10.85 1.00 15.85
CA SER A 3 11.22 0.88 14.44
C SER A 3 12.64 1.39 14.21
N GLY A 4 13.28 0.85 13.17
CA GLY A 4 14.63 1.27 12.86
C GLY A 4 15.23 0.46 11.72
N SER A 5 14.75 0.70 10.50
CA SER A 5 15.23 -0.02 9.33
C SER A 5 15.24 -1.52 9.58
N SER A 6 14.13 -2.04 10.10
CA SER A 6 14.02 -3.46 10.39
C SER A 6 13.01 -4.12 9.45
N GLY A 7 11.82 -3.55 9.39
CA GLY A 7 10.78 -4.10 8.53
C GLY A 7 9.63 -3.13 8.33
N LEU A 8 9.94 -1.89 7.99
CA LEU A 8 8.93 -0.88 7.77
C LEU A 8 8.25 -1.06 6.41
N LEU A 9 9.06 -1.23 5.37
CA LEU A 9 8.54 -1.42 4.02
C LEU A 9 7.64 -2.64 3.96
N ARG A 10 8.11 -3.76 4.51
CA ARG A 10 7.35 -5.00 4.50
C ARG A 10 6.06 -4.84 5.33
N ASN A 11 6.19 -4.19 6.49
CA ASN A 11 5.04 -3.99 7.36
C ASN A 11 4.02 -3.06 6.71
N LEU A 12 4.51 -2.11 5.91
CA LEU A 12 3.64 -1.17 5.23
C LEU A 12 2.80 -1.87 4.15
N LEU A 13 3.44 -2.78 3.42
CA LEU A 13 2.76 -3.52 2.36
C LEU A 13 1.66 -4.40 2.93
N THR A 14 1.97 -5.09 4.02
CA THR A 14 1.00 -5.97 4.67
C THR A 14 -0.14 -5.17 5.28
N GLY A 15 0.20 -4.13 6.02
CA GLY A 15 -0.81 -3.30 6.65
C GLY A 15 -1.60 -2.49 5.64
N LEU A 16 -0.93 -2.03 4.60
CA LEU A 16 -1.58 -1.23 3.56
C LEU A 16 -2.71 -2.01 2.91
N VAL A 17 -2.43 -3.26 2.52
CA VAL A 17 -3.43 -4.11 1.90
C VAL A 17 -4.55 -4.45 2.87
N ARG A 18 -4.18 -4.73 4.11
CA ARG A 18 -5.15 -5.07 5.14
C ARG A 18 -6.19 -3.96 5.30
N HIS A 19 -5.71 -2.73 5.50
CA HIS A 19 -6.60 -1.58 5.67
C HIS A 19 -6.71 -0.80 4.37
N GLU A 20 -6.18 -1.36 3.29
CA GLU A 20 -6.24 -0.71 1.98
C GLU A 20 -5.99 0.79 2.12
N ARG A 21 -5.29 1.17 3.18
CA ARG A 21 -4.99 2.58 3.43
C ARG A 21 -4.13 2.74 4.68
N ILE A 22 -3.06 3.52 4.56
CA ILE A 22 -2.16 3.75 5.69
C ILE A 22 -1.56 5.15 5.63
N GLU A 23 -1.09 5.63 6.77
CA GLU A 23 -0.50 6.96 6.86
C GLU A 23 1.02 6.88 6.93
N ALA A 24 1.69 7.46 5.93
CA ALA A 24 3.14 7.45 5.88
C ALA A 24 3.67 8.68 5.14
N PRO A 25 4.94 9.02 5.40
CA PRO A 25 5.60 10.17 4.78
C PRO A 25 5.84 9.97 3.28
N TRP A 26 6.23 11.04 2.61
CA TRP A 26 6.49 10.98 1.17
C TRP A 26 7.64 10.01 0.87
N ALA A 27 8.60 9.94 1.78
CA ALA A 27 9.74 9.06 1.61
C ALA A 27 9.32 7.59 1.70
N ARG A 28 8.47 7.28 2.66
CA ARG A 28 7.98 5.91 2.84
C ARG A 28 6.93 5.57 1.80
N VAL A 29 6.11 6.54 1.45
CA VAL A 29 5.04 6.33 0.47
C VAL A 29 5.63 5.99 -0.90
N ASP A 30 6.55 6.83 -1.37
CA ASP A 30 7.19 6.62 -2.66
C ASP A 30 7.99 5.32 -2.67
N GLU A 31 8.81 5.14 -1.64
CA GLU A 31 9.63 3.94 -1.53
C GLU A 31 8.77 2.68 -1.53
N MET A 32 7.69 2.71 -0.74
CA MET A 32 6.78 1.58 -0.65
C MET A 32 5.98 1.42 -1.94
N ARG A 33 5.66 2.55 -2.56
CA ARG A 33 4.88 2.55 -3.80
C ARG A 33 5.55 1.67 -4.85
N GLY A 34 6.86 1.83 -5.00
CA GLY A 34 7.60 1.04 -5.98
C GLY A 34 7.53 -0.44 -5.70
N TYR A 35 7.67 -0.82 -4.43
CA TYR A 35 7.63 -2.22 -4.04
C TYR A 35 6.22 -2.79 -4.20
N ALA A 36 5.23 -2.01 -3.75
CA ALA A 36 3.84 -2.44 -3.85
C ALA A 36 3.41 -2.63 -5.31
N GLU A 37 3.84 -1.70 -6.16
CA GLU A 37 3.51 -1.77 -7.59
C GLU A 37 4.05 -3.05 -8.21
N LYS A 38 5.32 -3.34 -7.96
CA LYS A 38 5.96 -4.53 -8.50
C LYS A 38 5.30 -5.80 -7.95
N LEU A 39 4.94 -5.76 -6.68
CA LEU A 39 4.29 -6.91 -6.04
C LEU A 39 2.96 -7.23 -6.72
N ILE A 40 2.18 -6.20 -6.99
CA ILE A 40 0.89 -6.37 -7.64
C ILE A 40 1.04 -6.98 -9.02
N ASP A 41 2.04 -6.51 -9.76
CA ASP A 41 2.30 -7.00 -11.11
C ASP A 41 2.59 -8.50 -11.09
N TYR A 42 3.38 -8.93 -10.11
CA TYR A 42 3.73 -10.34 -9.98
C TYR A 42 2.50 -11.19 -9.70
N GLY A 43 1.67 -10.72 -8.77
CA GLY A 43 0.46 -11.45 -8.42
C GLY A 43 -0.47 -11.63 -9.60
N LYS A 44 -0.53 -10.63 -10.46
CA LYS A 44 -1.38 -10.67 -11.64
C LYS A 44 -1.10 -11.92 -12.47
N LEU A 45 0.15 -12.38 -12.44
CA LEU A 45 0.55 -13.57 -13.19
C LEU A 45 -0.14 -14.81 -12.64
N GLY A 46 -0.36 -14.84 -11.33
CA GLY A 46 -1.01 -15.97 -10.70
C GLY A 46 -0.06 -16.79 -9.84
N ASP A 47 -0.59 -17.81 -9.18
CA ASP A 47 0.21 -18.67 -8.32
C ASP A 47 0.95 -19.72 -9.15
N THR A 48 1.47 -19.31 -10.30
CA THR A 48 2.19 -20.21 -11.19
C THR A 48 3.67 -19.88 -11.22
N ASN A 49 4.00 -18.59 -11.14
CA ASN A 49 5.39 -18.14 -11.16
C ASN A 49 6.00 -18.25 -9.78
N GLU A 50 7.04 -19.07 -9.66
CA GLU A 50 7.72 -19.26 -8.38
C GLU A 50 8.20 -17.92 -7.82
N ARG A 51 8.72 -17.07 -8.70
CA ARG A 51 9.21 -15.76 -8.29
C ARG A 51 8.09 -14.93 -7.66
N ALA A 52 6.90 -15.02 -8.23
CA ALA A 52 5.74 -14.29 -7.73
C ALA A 52 5.35 -14.77 -6.34
N MET A 53 5.44 -16.08 -6.12
CA MET A 53 5.08 -16.66 -4.83
C MET A 53 6.09 -16.24 -3.76
N ARG A 54 7.36 -16.38 -4.05
CA ARG A 54 8.42 -16.02 -3.11
C ARG A 54 8.45 -14.51 -2.88
N MET A 55 8.22 -13.75 -3.96
CA MET A 55 8.23 -12.30 -3.87
C MET A 55 7.11 -11.80 -2.96
N ALA A 56 5.93 -12.38 -3.12
CA ALA A 56 4.78 -11.99 -2.31
C ALA A 56 4.95 -12.46 -0.87
N ASP A 57 5.53 -13.64 -0.70
CA ASP A 57 5.74 -14.20 0.63
C ASP A 57 6.85 -13.46 1.36
N PHE A 58 7.89 -13.07 0.62
CA PHE A 58 9.02 -12.35 1.20
C PHE A 58 8.58 -10.98 1.70
N TRP A 59 7.78 -10.29 0.90
CA TRP A 59 7.30 -8.96 1.27
C TRP A 59 6.10 -9.06 2.22
N LEU A 60 5.14 -9.92 1.87
CA LEU A 60 3.95 -10.11 2.70
C LEU A 60 4.07 -11.37 3.55
N THR A 61 4.19 -11.19 4.86
CA THR A 61 4.30 -12.31 5.78
C THR A 61 2.96 -13.01 5.97
N GLU A 62 1.88 -12.23 5.97
CA GLU A 62 0.54 -12.77 6.15
C GLU A 62 0.28 -13.88 5.14
N LYS A 63 0.23 -15.12 5.62
CA LYS A 63 -0.03 -16.27 4.76
C LYS A 63 -1.41 -16.17 4.13
N ASP A 64 -2.29 -15.37 4.73
CA ASP A 64 -3.64 -15.20 4.21
C ASP A 64 -3.70 -14.07 3.19
N LEU A 65 -2.79 -13.11 3.34
CA LEU A 65 -2.73 -11.97 2.42
C LEU A 65 -2.12 -12.37 1.08
N ILE A 66 -1.18 -13.31 1.13
CA ILE A 66 -0.52 -13.78 -0.08
C ILE A 66 -1.53 -14.34 -1.08
N PRO A 67 -2.37 -15.28 -0.60
CA PRO A 67 -3.40 -15.91 -1.44
C PRO A 67 -4.53 -14.95 -1.79
N LYS A 68 -4.94 -14.14 -0.82
CA LYS A 68 -6.01 -13.18 -1.02
C LYS A 68 -5.60 -12.12 -2.05
N LEU A 69 -4.37 -11.64 -1.94
CA LEU A 69 -3.85 -10.63 -2.85
C LEU A 69 -3.87 -11.14 -4.28
N PHE A 70 -3.62 -12.43 -4.46
CA PHE A 70 -3.61 -13.05 -5.77
C PHE A 70 -5.03 -13.33 -6.26
N GLN A 71 -5.96 -13.40 -5.31
CA GLN A 71 -7.36 -13.66 -5.64
C GLN A 71 -8.22 -12.44 -5.38
N VAL A 72 -7.57 -11.30 -5.13
CA VAL A 72 -8.29 -10.06 -4.87
C VAL A 72 -7.76 -8.93 -5.75
N LEU A 73 -6.56 -8.43 -5.41
CA LEU A 73 -5.94 -7.35 -6.15
C LEU A 73 -5.44 -7.85 -7.51
N ALA A 74 -4.85 -9.03 -7.51
CA ALA A 74 -4.32 -9.62 -8.74
C ALA A 74 -5.35 -9.58 -9.86
N PRO A 75 -6.54 -10.15 -9.59
CA PRO A 75 -7.64 -10.18 -10.58
C PRO A 75 -8.24 -8.80 -10.81
N ARG A 76 -8.42 -8.04 -9.72
CA ARG A 76 -8.98 -6.71 -9.80
C ARG A 76 -8.14 -5.81 -10.71
N TYR A 77 -6.83 -5.96 -10.62
CA TYR A 77 -5.91 -5.17 -11.43
C TYR A 77 -5.64 -5.83 -12.78
N LYS A 78 -5.68 -7.16 -12.78
CA LYS A 78 -5.44 -7.93 -14.00
C LYS A 78 -5.97 -7.18 -15.22
N ASP A 79 -7.22 -6.73 -15.14
CA ASP A 79 -7.84 -6.00 -16.24
C ASP A 79 -7.28 -4.58 -16.33
N GLN A 80 -7.21 -3.90 -15.19
CA GLN A 80 -6.70 -2.54 -15.16
C GLN A 80 -5.51 -2.38 -16.10
N THR A 81 -5.42 -1.20 -16.73
CA THR A 81 -4.33 -0.93 -17.66
C THR A 81 -3.27 -0.04 -17.02
N GLY A 82 -3.00 -0.28 -15.74
CA GLY A 82 -2.01 0.52 -15.03
C GLY A 82 -2.58 1.21 -13.81
N GLY A 83 -1.78 2.06 -13.19
CA GLY A 83 -2.24 2.78 -12.01
C GLY A 83 -2.96 1.88 -11.03
N TYR A 84 -2.21 1.27 -10.12
CA TYR A 84 -2.79 0.37 -9.12
C TYR A 84 -2.94 1.09 -7.78
N THR A 85 -1.92 1.85 -7.40
CA THR A 85 -1.94 2.58 -6.13
C THR A 85 -2.16 4.07 -6.36
N ARG A 86 -2.54 4.78 -5.31
CA ARG A 86 -2.79 6.21 -5.40
C ARG A 86 -2.31 6.92 -4.13
N MET A 87 -1.73 8.10 -4.30
CA MET A 87 -1.24 8.88 -3.17
C MET A 87 -2.12 10.10 -2.92
N LEU A 88 -2.31 10.44 -1.66
CA LEU A 88 -3.13 11.59 -1.29
C LEU A 88 -2.39 12.50 -0.31
N GLN A 89 -2.42 13.80 -0.57
CA GLN A 89 -1.76 14.77 0.28
C GLN A 89 -2.66 15.17 1.45
N ILE A 90 -2.08 15.25 2.64
CA ILE A 90 -2.83 15.63 3.83
C ILE A 90 -2.03 16.61 4.68
N PRO A 91 -2.77 17.47 5.43
CA PRO A 91 -2.15 18.48 6.30
C PRO A 91 -1.48 17.84 7.52
N ASN A 92 -0.16 17.98 7.60
CA ASN A 92 0.61 17.42 8.71
C ASN A 92 0.79 18.45 9.82
N ARG A 93 -0.26 19.21 10.10
CA ARG A 93 -0.21 20.24 11.13
C ARG A 93 -1.08 19.86 12.32
N SER A 94 -0.95 18.60 12.75
CA SER A 94 -1.72 18.10 13.88
C SER A 94 -0.99 18.36 15.20
N LEU A 95 0.25 17.90 15.27
CA LEU A 95 1.07 18.09 16.47
C LEU A 95 2.44 18.62 16.11
N ASP A 96 2.95 18.22 14.94
CA ASP A 96 4.25 18.67 14.49
C ASP A 96 4.29 18.77 12.96
N ARG A 97 5.33 19.42 12.44
CA ARG A 97 5.48 19.58 11.00
C ARG A 97 6.30 18.43 10.41
N ALA A 98 5.59 17.41 9.93
CA ALA A 98 6.25 16.25 9.34
C ALA A 98 5.56 15.84 8.04
N LYS A 99 6.32 15.84 6.95
CA LYS A 99 5.79 15.47 5.64
C LYS A 99 5.05 14.13 5.71
N MET A 100 3.74 14.19 5.87
CA MET A 100 2.92 12.99 5.96
C MET A 100 2.02 12.86 4.73
N ALA A 101 1.68 11.63 4.39
CA ALA A 101 0.82 11.37 3.23
C ALA A 101 0.01 10.09 3.43
N VAL A 102 -1.10 9.97 2.70
CA VAL A 102 -1.96 8.80 2.79
C VAL A 102 -1.95 8.02 1.48
N ILE A 103 -1.61 6.74 1.57
CA ILE A 103 -1.56 5.88 0.39
C ILE A 103 -2.62 4.77 0.48
N GLU A 104 -3.31 4.52 -0.63
CA GLU A 104 -4.34 3.49 -0.67
C GLU A 104 -4.40 2.85 -2.05
N TYR A 105 -4.94 1.64 -2.11
CA TYR A 105 -5.06 0.91 -3.37
C TYR A 105 -6.33 1.32 -4.11
N LYS A 106 -6.16 1.86 -5.31
CA LYS A 106 -7.29 2.29 -6.12
C LYS A 106 -8.42 2.82 -5.25
N GLY A 107 -8.04 3.50 -4.17
CA GLY A 107 -9.04 4.06 -3.26
C GLY A 107 -10.23 4.65 -4.00
N ASN A 108 -11.40 4.04 -3.80
CA ASN A 108 -12.62 4.50 -4.44
C ASN A 108 -13.77 4.58 -3.45
N CYS A 109 -14.00 3.48 -2.74
CA CYS A 109 -15.07 3.41 -1.76
C CYS A 109 -14.66 4.08 -0.45
N LEU A 110 -13.47 3.75 0.03
CA LEU A 110 -12.96 4.31 1.27
C LEU A 110 -13.39 5.76 1.42
N PRO A 111 -13.70 6.16 2.67
CA PRO A 111 -14.14 7.52 2.98
C PRO A 111 -13.01 8.54 2.83
N PRO A 112 -13.37 9.76 2.39
CA PRO A 112 -12.40 10.84 2.20
C PRO A 112 -11.85 11.37 3.52
N LEU A 113 -10.53 11.46 3.62
CA LEU A 113 -9.88 11.95 4.83
C LEU A 113 -10.68 13.10 5.45
N PRO A 114 -10.78 13.08 6.79
CA PRO A 114 -11.51 14.11 7.54
C PRO A 114 -10.81 15.46 7.51
N LEU A 115 -11.56 16.51 7.82
CA LEU A 115 -11.02 17.86 7.83
C LEU A 115 -10.88 18.39 9.25
N PRO A 116 -9.66 18.83 9.61
CA PRO A 116 -9.38 19.37 10.95
C PRO A 116 -10.04 20.72 11.17
N SER A 117 -9.94 21.23 12.40
CA SER A 117 -10.53 22.52 12.76
C SER A 117 -9.73 23.19 13.87
N GLY A 118 -9.89 24.50 13.98
CA GLY A 118 -9.19 25.25 15.00
C GLY A 118 -9.99 25.42 16.27
N PRO A 119 -9.62 26.40 17.09
CA PRO A 119 -10.30 26.68 18.36
C PRO A 119 -11.69 27.27 18.15
N SER A 120 -11.83 28.11 17.13
CA SER A 120 -13.11 28.74 16.82
C SER A 120 -13.17 29.14 15.35
N SER A 121 -14.13 28.57 14.63
CA SER A 121 -14.30 28.86 13.21
C SER A 121 -14.62 30.34 13.00
N GLY A 122 -13.60 31.11 12.61
CA GLY A 122 -13.79 32.53 12.38
C GLY A 122 -14.47 33.22 13.55
#